data_5NIE
#
_entry.id   5NIE
#
_cell.length_a   51.970
_cell.length_b   132.150
_cell.length_c   320.120
_cell.angle_alpha   90.00
_cell.angle_beta   90.00
_cell.angle_gamma   90.00
#
_symmetry.space_group_name_H-M   'P 21 21 21'
#
loop_
_entity.id
_entity.type
_entity.pdbx_description
1 polymer 'Leukotriene A-4 hydrolase'
2 non-polymer 'ZINC ION'
3 water water
#
_entity_poly.entity_id   1
_entity_poly.type   'polypeptide(L)'
_entity_poly.pdbx_seq_one_letter_code
;MHHHHHHPEIVDTCSLASPASVCRTKHLHLRCSVDFTRRTLTGTAALTVQSQEDNLRSLVLDTKDLTIEKVVINGQEVKY
ALGERQSYKGSPMEISLPIALSKNQEIVIEISFETSPKSSALQWLTPEQTSGKEHPYLFSQCQAIHCRAILPCQDTPSVK
LTYTAEVSVPKELVALMSAIRDGETPDPEDPSRKIYKFIQKVPIPCYLIALVVGALESRQIGPRTLVWSEKEQVEKSAYE
FSETESMLKIAEDLGGPYVWGQYDLLVLPPSFPYGGMENPCLTFVTPTLLAGDKSLSNVIAHEISHSWTGNLVTNKTWDH
FWLNEGHTVYLERHICGRLFGEKFRHFNALGGWGELQNSVKTFGETHPFTKLVVDLTDIDPDVAYSSVPYEKGFALLFYL
EQLLGGPEIFLGFLKAYVEKFSYKSITTDDWKDFLYSYFKDKVDVLNQVDWNAWLYSPGLPPIKPNYDMTLTNACIALSQ
RWITAKEDDLNSFNATDLKDLSSHQLNEFLAQTLQRAPLPLGHIKRMQEVYNFNAINNSEIRFRWLRLCIQSKWEDAIPL
ALKMATEQGAMKFTRPLFKDLAAFDKSHDQAVRTYQEHKASMHPVTAMLVGKDLKVD
;
_entity_poly.pdbx_strand_id   A,B,C
#
loop_
_chem_comp.id
_chem_comp.type
_chem_comp.name
_chem_comp.formula
ZN non-polymer 'ZINC ION' 'Zn 2'
#
# COMPACT_ATOMS: atom_id res chain seq x y z
N VAL A 11 9.81 -26.86 -50.15
CA VAL A 11 8.46 -26.38 -49.89
C VAL A 11 8.47 -25.32 -48.79
N ASP A 12 9.38 -25.44 -47.83
CA ASP A 12 9.44 -24.54 -46.69
C ASP A 12 10.36 -23.37 -47.00
N THR A 13 9.79 -22.17 -47.06
CA THR A 13 10.55 -20.96 -47.40
C THR A 13 11.39 -20.44 -46.25
N CYS A 14 11.17 -20.91 -45.03
CA CYS A 14 11.91 -20.46 -43.87
C CYS A 14 13.14 -21.32 -43.56
N SER A 15 13.45 -22.30 -44.40
CA SER A 15 14.58 -23.21 -44.19
C SER A 15 15.47 -23.25 -45.41
N LEU A 16 16.77 -23.26 -45.17
CA LEU A 16 17.76 -23.44 -46.23
C LEU A 16 18.22 -24.89 -46.37
N ALA A 17 17.74 -25.79 -45.52
CA ALA A 17 18.24 -27.16 -45.51
C ALA A 17 17.63 -27.96 -46.65
N SER A 18 18.04 -29.22 -46.76
CA SER A 18 17.49 -30.09 -47.78
C SER A 18 16.03 -30.40 -47.45
N PRO A 19 15.10 -30.28 -48.40
CA PRO A 19 13.71 -30.57 -48.10
C PRO A 19 13.47 -32.05 -47.85
N ALA A 20 12.33 -32.34 -47.22
CA ALA A 20 11.99 -33.72 -46.88
C ALA A 20 11.84 -34.61 -48.11
N SER A 21 11.71 -34.03 -49.30
CA SER A 21 11.58 -34.83 -50.51
C SER A 21 12.91 -35.43 -50.95
N VAL A 22 14.03 -34.93 -50.43
CA VAL A 22 15.35 -35.44 -50.76
C VAL A 22 15.79 -36.41 -49.66
N CYS A 23 15.95 -35.91 -48.44
CA CYS A 23 16.32 -36.73 -47.30
C CYS A 23 15.56 -36.27 -46.06
N ARG A 24 15.40 -37.20 -45.11
CA ARG A 24 14.61 -36.95 -43.91
C ARG A 24 15.40 -37.38 -42.68
N THR A 25 15.48 -36.51 -41.68
CA THR A 25 16.14 -36.86 -40.43
C THR A 25 15.18 -37.68 -39.58
N LYS A 26 15.54 -38.94 -39.31
CA LYS A 26 14.72 -39.80 -38.47
C LYS A 26 15.08 -39.79 -36.99
N HIS A 27 16.28 -39.32 -36.63
CA HIS A 27 16.71 -39.44 -35.24
C HIS A 27 17.77 -38.40 -34.92
N LEU A 28 17.84 -38.01 -33.66
CA LEU A 28 18.88 -37.12 -33.16
C LEU A 28 19.38 -37.65 -31.83
N HIS A 29 20.67 -37.94 -31.76
CA HIS A 29 21.34 -38.26 -30.50
C HIS A 29 22.19 -37.04 -30.11
N LEU A 30 21.79 -36.37 -29.04
CA LEU A 30 22.46 -35.15 -28.59
C LEU A 30 23.34 -35.45 -27.39
N ARG A 31 24.61 -35.07 -27.49
CA ARG A 31 25.54 -35.11 -26.36
C ARG A 31 26.07 -33.69 -26.19
N CYS A 32 25.85 -33.11 -25.01
CA CYS A 32 26.26 -31.72 -24.84
C CYS A 32 26.57 -31.42 -23.38
N SER A 33 27.27 -30.30 -23.18
CA SER A 33 27.60 -29.78 -21.87
C SER A 33 27.21 -28.31 -21.79
N VAL A 34 26.81 -27.88 -20.59
CA VAL A 34 26.29 -26.54 -20.34
C VAL A 34 27.35 -25.76 -19.57
N ASP A 35 27.84 -24.66 -20.17
CA ASP A 35 28.81 -23.79 -19.54
C ASP A 35 28.14 -22.45 -19.27
N PHE A 36 27.91 -22.13 -17.99
CA PHE A 36 27.25 -20.88 -17.64
C PHE A 36 28.21 -19.70 -17.63
N THR A 37 29.52 -19.93 -17.60
CA THR A 37 30.47 -18.83 -17.69
C THR A 37 30.53 -18.28 -19.10
N ARG A 38 30.69 -19.16 -20.09
CA ARG A 38 30.73 -18.77 -21.49
C ARG A 38 29.36 -18.66 -22.12
N ARG A 39 28.32 -19.20 -21.49
CA ARG A 39 26.98 -19.27 -22.06
C ARG A 39 27.02 -19.96 -23.42
N THR A 40 27.35 -21.24 -23.38
CA THR A 40 27.55 -22.03 -24.59
C THR A 40 27.14 -23.46 -24.34
N LEU A 41 26.59 -24.09 -25.38
CA LEU A 41 26.36 -25.53 -25.42
C LEU A 41 27.38 -26.13 -26.37
N THR A 42 28.32 -26.87 -25.83
CA THR A 42 29.34 -27.56 -26.62
C THR A 42 29.03 -29.05 -26.61
N GLY A 43 29.15 -29.69 -27.76
CA GLY A 43 28.86 -31.11 -27.82
C GLY A 43 28.80 -31.61 -29.25
N THR A 44 28.08 -32.72 -29.42
CA THR A 44 27.95 -33.39 -30.71
C THR A 44 26.49 -33.71 -30.98
N ALA A 45 26.03 -33.43 -32.19
CA ALA A 45 24.70 -33.79 -32.64
C ALA A 45 24.84 -34.87 -33.71
N ALA A 46 24.26 -36.04 -33.44
CA ALA A 46 24.33 -37.18 -34.34
C ALA A 46 22.96 -37.36 -34.99
N LEU A 47 22.88 -37.10 -36.28
CA LEU A 47 21.64 -37.12 -37.03
C LEU A 47 21.60 -38.38 -37.88
N THR A 48 20.54 -39.16 -37.73
CA THR A 48 20.25 -40.27 -38.64
C THR A 48 19.46 -39.71 -39.82
N VAL A 49 20.00 -39.86 -41.02
CA VAL A 49 19.42 -39.31 -42.24
C VAL A 49 19.04 -40.46 -43.15
N GLN A 50 17.82 -40.41 -43.69
CA GLN A 50 17.32 -41.38 -44.65
C GLN A 50 17.18 -40.69 -46.00
N SER A 51 17.91 -41.18 -46.99
CA SER A 51 17.82 -40.62 -48.34
C SER A 51 16.56 -41.12 -49.02
N GLN A 52 15.83 -40.21 -49.69
CA GLN A 52 14.61 -40.55 -50.39
C GLN A 52 14.83 -40.78 -51.88
N GLU A 53 16.06 -40.62 -52.38
CA GLU A 53 16.34 -40.75 -53.80
C GLU A 53 17.72 -41.37 -53.99
N ASP A 54 17.93 -41.96 -55.17
CA ASP A 54 19.21 -42.55 -55.49
C ASP A 54 20.24 -41.47 -55.77
N ASN A 55 21.51 -41.83 -55.58
CA ASN A 55 22.64 -40.98 -55.95
C ASN A 55 22.60 -39.64 -55.20
N LEU A 56 22.44 -39.70 -53.88
CA LEU A 56 22.48 -38.50 -53.05
C LEU A 56 23.90 -38.34 -52.52
N ARG A 57 24.64 -37.35 -53.05
CA ARG A 57 26.02 -37.14 -52.65
C ARG A 57 26.24 -36.08 -51.58
N SER A 58 25.24 -35.26 -51.26
CA SER A 58 25.43 -34.20 -50.28
C SER A 58 24.09 -33.75 -49.75
N LEU A 59 24.11 -33.10 -48.59
CA LEU A 59 22.89 -32.54 -48.04
C LEU A 59 23.22 -31.24 -47.32
N VAL A 60 22.17 -30.46 -47.03
CA VAL A 60 22.32 -29.15 -46.42
C VAL A 60 21.54 -29.13 -45.10
N LEU A 61 22.10 -28.44 -44.11
CA LEU A 61 21.48 -28.26 -42.80
C LEU A 61 21.41 -26.78 -42.47
N ASP A 62 20.55 -26.47 -41.51
CA ASP A 62 20.40 -25.11 -40.98
C ASP A 62 21.35 -24.89 -39.82
N THR A 63 22.12 -23.81 -39.88
CA THR A 63 22.95 -23.38 -38.75
C THR A 63 22.78 -21.88 -38.57
N LYS A 64 22.68 -21.44 -37.31
CA LYS A 64 22.63 -20.01 -37.01
C LYS A 64 23.60 -19.72 -35.88
N ASP A 65 24.63 -18.93 -36.17
CA ASP A 65 25.63 -18.53 -35.18
C ASP A 65 26.27 -19.76 -34.52
N LEU A 66 26.48 -20.82 -35.30
CA LEU A 66 27.11 -22.04 -34.82
C LEU A 66 28.54 -22.13 -35.30
N THR A 67 29.43 -22.51 -34.39
CA THR A 67 30.82 -22.80 -34.72
C THR A 67 30.96 -24.31 -34.87
N ILE A 68 31.31 -24.74 -36.08
CA ILE A 68 31.40 -26.16 -36.41
C ILE A 68 32.85 -26.58 -36.33
N GLU A 69 33.13 -27.57 -35.48
CA GLU A 69 34.47 -28.12 -35.36
C GLU A 69 34.76 -29.10 -36.49
N LYS A 70 34.01 -30.21 -36.52
CA LYS A 70 34.22 -31.25 -37.51
C LYS A 70 32.90 -31.96 -37.76
N VAL A 71 32.85 -32.69 -38.88
CA VAL A 71 31.71 -33.53 -39.24
C VAL A 71 32.25 -34.92 -39.52
N VAL A 72 31.79 -35.91 -38.75
CA VAL A 72 32.31 -37.27 -38.82
C VAL A 72 31.22 -38.18 -39.36
N ILE A 73 31.56 -38.93 -40.41
CA ILE A 73 30.67 -39.95 -40.98
C ILE A 73 31.45 -41.25 -41.02
N ASN A 74 30.99 -42.25 -40.27
CA ASN A 74 31.64 -43.55 -40.20
C ASN A 74 33.10 -43.42 -39.76
N GLY A 75 33.30 -42.73 -38.64
CA GLY A 75 34.62 -42.63 -38.05
C GLY A 75 35.66 -41.90 -38.87
N GLN A 76 35.24 -41.07 -39.82
CA GLN A 76 36.18 -40.28 -40.62
C GLN A 76 35.59 -38.90 -40.88
N GLU A 77 36.45 -37.88 -40.83
CA GLU A 77 36.02 -36.51 -40.99
C GLU A 77 35.73 -36.22 -42.46
N VAL A 78 34.50 -35.78 -42.75
CA VAL A 78 34.13 -35.40 -44.10
C VAL A 78 34.35 -33.91 -44.24
N LYS A 79 34.09 -33.37 -45.43
CA LYS A 79 34.27 -31.96 -45.69
C LYS A 79 32.92 -31.27 -45.77
N TYR A 80 32.90 -30.02 -45.30
CA TYR A 80 31.67 -29.23 -45.25
C TYR A 80 31.99 -27.78 -45.54
N ALA A 81 30.97 -27.02 -45.89
CA ALA A 81 31.13 -25.60 -46.19
C ALA A 81 29.95 -24.82 -45.62
N LEU A 82 30.23 -23.66 -45.04
CA LEU A 82 29.20 -22.83 -44.45
C LEU A 82 28.89 -21.68 -45.40
N GLY A 83 27.70 -21.70 -45.97
CA GLY A 83 27.25 -20.59 -46.78
C GLY A 83 27.06 -19.33 -45.96
N GLU A 84 26.81 -18.23 -46.66
CA GLU A 84 26.66 -16.95 -46.01
C GLU A 84 25.31 -16.87 -45.27
N ARG A 85 25.32 -16.16 -44.16
CA ARG A 85 24.10 -16.00 -43.37
C ARG A 85 23.12 -15.10 -44.10
N GLN A 86 21.86 -15.52 -44.18
CA GLN A 86 20.80 -14.66 -44.68
C GLN A 86 19.93 -14.28 -43.49
N SER A 87 20.11 -13.04 -43.02
CA SER A 87 19.22 -12.43 -42.02
C SER A 87 18.83 -13.42 -40.93
N TYR A 88 17.53 -13.55 -40.68
CA TYR A 88 17.01 -14.47 -39.67
C TYR A 88 17.11 -15.94 -40.09
N LYS A 89 17.22 -16.22 -41.39
CA LYS A 89 17.23 -17.60 -41.87
C LYS A 89 18.51 -18.33 -41.48
N GLY A 90 19.58 -17.61 -41.20
CA GLY A 90 20.83 -18.24 -40.82
C GLY A 90 21.69 -18.61 -42.01
N SER A 91 22.76 -19.32 -41.69
CA SER A 91 23.76 -19.83 -42.63
C SER A 91 23.47 -21.28 -42.98
N PRO A 92 23.43 -21.63 -44.27
CA PRO A 92 23.35 -23.04 -44.65
C PRO A 92 24.68 -23.75 -44.51
N MET A 93 24.61 -25.04 -44.20
CA MET A 93 25.79 -25.88 -44.03
C MET A 93 25.70 -27.05 -45.01
N GLU A 94 26.63 -27.10 -45.96
CA GLU A 94 26.69 -28.15 -46.95
C GLU A 94 27.64 -29.25 -46.48
N ILE A 95 27.11 -30.48 -46.38
CA ILE A 95 27.87 -31.65 -45.98
C ILE A 95 28.02 -32.54 -47.21
N SER A 96 29.28 -32.86 -47.55
CA SER A 96 29.61 -33.71 -48.68
C SER A 96 29.72 -35.15 -48.20
N LEU A 97 28.83 -36.00 -48.70
CA LEU A 97 28.81 -37.38 -48.24
C LEU A 97 29.95 -38.17 -48.90
N PRO A 98 30.58 -39.09 -48.18
CA PRO A 98 31.68 -39.86 -48.80
C PRO A 98 31.20 -40.82 -49.87
N ILE A 99 30.03 -41.43 -49.69
CA ILE A 99 29.49 -42.43 -50.61
C ILE A 99 28.07 -42.05 -50.99
N ALA A 100 27.74 -42.21 -52.26
CA ALA A 100 26.38 -41.93 -52.71
C ALA A 100 25.39 -42.82 -51.98
N LEU A 101 24.19 -42.28 -51.76
CA LEU A 101 23.13 -42.98 -51.05
C LEU A 101 22.04 -43.42 -52.00
N SER A 102 21.58 -44.66 -51.84
CA SER A 102 20.45 -45.17 -52.59
C SER A 102 19.15 -44.76 -51.90
N LYS A 103 18.04 -45.13 -52.51
CA LYS A 103 16.74 -44.83 -51.91
C LYS A 103 16.56 -45.63 -50.62
N ASN A 104 16.24 -44.93 -49.54
CA ASN A 104 15.98 -45.48 -48.21
C ASN A 104 17.26 -45.88 -47.48
N GLN A 105 18.44 -45.74 -48.10
CA GLN A 105 19.69 -45.97 -47.39
C GLN A 105 19.85 -44.94 -46.29
N GLU A 106 20.21 -45.40 -45.10
CA GLU A 106 20.32 -44.54 -43.93
C GLU A 106 21.78 -44.37 -43.52
N ILE A 107 22.07 -43.21 -42.93
CA ILE A 107 23.42 -42.79 -42.60
C ILE A 107 23.35 -42.05 -41.27
N VAL A 108 24.47 -42.00 -40.56
CA VAL A 108 24.56 -41.26 -39.31
C VAL A 108 25.67 -40.23 -39.45
N ILE A 109 25.30 -38.94 -39.42
CA ILE A 109 26.24 -37.83 -39.53
C ILE A 109 26.39 -37.21 -38.15
N GLU A 110 27.61 -37.19 -37.63
CA GLU A 110 27.91 -36.63 -36.33
C GLU A 110 28.63 -35.30 -36.51
N ILE A 111 28.11 -34.25 -35.88
CA ILE A 111 28.61 -32.89 -36.04
C ILE A 111 29.02 -32.37 -34.67
N SER A 112 30.24 -31.83 -34.59
CA SER A 112 30.76 -31.27 -33.35
C SER A 112 30.54 -29.76 -33.37
N PHE A 113 29.68 -29.28 -32.47
CA PHE A 113 29.17 -27.92 -32.53
C PHE A 113 29.27 -27.23 -31.17
N GLU A 114 29.29 -25.90 -31.22
CA GLU A 114 29.22 -25.04 -30.04
C GLU A 114 28.33 -23.84 -30.35
N THR A 115 27.38 -23.57 -29.47
CA THR A 115 26.46 -22.45 -29.64
C THR A 115 27.14 -21.12 -29.31
N SER A 116 26.55 -20.01 -29.84
CA SER A 116 27.05 -18.69 -29.52
C SER A 116 26.39 -18.16 -28.24
N PRO A 117 27.06 -17.28 -27.50
CA PRO A 117 26.41 -16.68 -26.32
C PRO A 117 25.19 -15.85 -26.66
N LYS A 118 25.15 -15.26 -27.85
CA LYS A 118 24.04 -14.43 -28.29
C LYS A 118 22.97 -15.23 -29.02
N SER A 119 23.09 -16.56 -29.05
CA SER A 119 22.13 -17.41 -29.75
C SER A 119 20.70 -17.06 -29.36
N SER A 120 19.86 -16.91 -30.38
CA SER A 120 18.46 -16.51 -30.19
C SER A 120 17.58 -17.64 -29.68
N ALA A 121 18.07 -18.87 -29.62
CA ALA A 121 17.29 -19.99 -29.14
C ALA A 121 17.46 -20.26 -27.64
N LEU A 122 18.43 -19.62 -26.98
CA LEU A 122 18.78 -19.95 -25.60
C LEU A 122 18.80 -18.69 -24.76
N GLN A 123 17.97 -18.64 -23.74
CA GLN A 123 17.94 -17.54 -22.79
C GLN A 123 18.67 -17.98 -21.52
N TRP A 124 19.80 -17.30 -21.25
CA TRP A 124 20.57 -17.49 -20.03
C TRP A 124 20.19 -16.39 -19.04
N LEU A 125 19.75 -16.77 -17.85
CA LEU A 125 19.36 -15.81 -16.82
C LEU A 125 20.38 -15.80 -15.69
N THR A 126 20.83 -14.59 -15.33
CA THR A 126 21.71 -14.42 -14.19
C THR A 126 20.97 -14.82 -12.93
N PRO A 127 21.70 -15.15 -11.85
CA PRO A 127 21.03 -15.52 -10.60
C PRO A 127 20.08 -14.44 -10.10
N GLU A 128 20.43 -13.16 -10.27
CA GLU A 128 19.54 -12.09 -9.81
C GLU A 128 18.22 -12.07 -10.58
N GLN A 129 18.17 -12.73 -11.73
CA GLN A 129 16.96 -12.78 -12.54
C GLN A 129 16.10 -13.98 -12.23
N THR A 130 16.46 -14.77 -11.21
CA THR A 130 15.73 -15.95 -10.79
C THR A 130 15.13 -15.71 -9.41
N SER A 131 14.50 -16.75 -8.87
CA SER A 131 13.93 -16.68 -7.53
C SER A 131 15.02 -16.75 -6.46
N GLY A 132 15.75 -17.87 -6.41
CA GLY A 132 16.73 -18.09 -5.35
C GLY A 132 17.79 -17.01 -5.23
N LYS A 133 18.05 -16.26 -6.31
CA LYS A 133 19.07 -15.23 -6.31
C LYS A 133 20.46 -15.80 -6.03
N GLU A 134 20.65 -17.09 -6.33
CA GLU A 134 21.88 -17.82 -6.03
C GLU A 134 22.48 -18.40 -7.30
N HIS A 135 21.75 -19.26 -8.01
CA HIS A 135 22.29 -20.01 -9.14
C HIS A 135 21.70 -19.49 -10.44
N PRO A 136 22.42 -19.63 -11.55
CA PRO A 136 21.90 -19.15 -12.83
C PRO A 136 20.77 -20.04 -13.35
N TYR A 137 20.21 -19.67 -14.50
CA TYR A 137 19.10 -20.40 -15.10
C TYR A 137 19.31 -20.43 -16.60
N LEU A 138 18.72 -21.44 -17.24
CA LEU A 138 18.75 -21.55 -18.70
C LEU A 138 17.44 -22.12 -19.17
N PHE A 139 16.88 -21.53 -20.24
CA PHE A 139 15.73 -22.14 -20.88
C PHE A 139 15.76 -21.81 -22.36
N SER A 140 15.25 -22.74 -23.17
CA SER A 140 15.30 -22.64 -24.62
C SER A 140 13.96 -22.19 -25.18
N GLN A 141 14.01 -21.37 -26.23
CA GLN A 141 12.84 -21.12 -27.05
C GLN A 141 13.24 -21.42 -28.48
N CYS A 142 12.76 -22.55 -29.00
CA CYS A 142 13.03 -22.97 -30.38
C CYS A 142 12.04 -22.39 -31.38
N GLN A 143 10.76 -22.35 -31.02
CA GLN A 143 9.73 -21.92 -31.94
C GLN A 143 9.99 -20.46 -32.33
N ALA A 144 9.91 -20.11 -33.61
CA ALA A 144 9.57 -21.03 -34.70
C ALA A 144 10.80 -21.77 -35.23
N ILE A 145 11.69 -21.02 -35.86
CA ILE A 145 12.82 -21.58 -36.60
C ILE A 145 14.13 -21.58 -35.79
N HIS A 146 14.09 -21.20 -34.51
CA HIS A 146 15.32 -20.96 -33.77
C HIS A 146 16.10 -22.22 -33.41
N CYS A 147 15.58 -23.42 -33.63
CA CYS A 147 16.32 -24.63 -33.26
C CYS A 147 17.66 -24.70 -33.97
N ARG A 148 17.78 -24.08 -35.14
CA ARG A 148 19.04 -24.07 -35.87
C ARG A 148 20.14 -23.29 -35.13
N ALA A 149 19.77 -22.49 -34.13
CA ALA A 149 20.75 -21.77 -33.31
C ALA A 149 21.24 -22.61 -32.13
N ILE A 150 20.74 -23.82 -31.97
CA ILE A 150 21.23 -24.73 -30.95
C ILE A 150 22.17 -25.75 -31.60
N LEU A 151 21.63 -26.57 -32.48
CA LEU A 151 22.39 -27.62 -33.15
C LEU A 151 22.06 -27.62 -34.63
N PRO A 152 22.99 -28.08 -35.48
CA PRO A 152 22.66 -28.19 -36.90
C PRO A 152 21.61 -29.26 -37.14
N CYS A 153 20.67 -28.96 -38.02
CA CYS A 153 19.56 -29.86 -38.28
C CYS A 153 18.84 -29.39 -39.53
N GLN A 154 17.76 -30.10 -39.88
CA GLN A 154 16.79 -29.58 -40.82
C GLN A 154 15.74 -28.88 -39.97
N ASP A 155 15.70 -27.56 -40.04
CA ASP A 155 14.78 -26.79 -39.22
C ASP A 155 13.55 -26.54 -40.07
N THR A 156 12.46 -27.22 -39.74
CA THR A 156 11.24 -27.19 -40.52
C THR A 156 10.26 -28.15 -39.85
N PRO A 157 8.99 -27.78 -39.69
CA PRO A 157 8.04 -28.73 -39.09
C PRO A 157 7.73 -29.92 -39.99
N SER A 158 8.06 -29.85 -41.27
CA SER A 158 7.86 -30.93 -42.21
C SER A 158 8.69 -32.18 -41.91
N VAL A 159 9.70 -32.07 -41.05
CA VAL A 159 10.54 -33.21 -40.67
C VAL A 159 10.31 -33.48 -39.19
N LYS A 160 9.99 -34.73 -38.88
CA LYS A 160 9.81 -35.17 -37.50
C LYS A 160 10.83 -36.27 -37.19
N LEU A 161 11.31 -36.27 -35.95
CA LEU A 161 12.35 -37.20 -35.53
C LEU A 161 12.21 -37.51 -34.04
N THR A 162 12.47 -38.76 -33.67
CA THR A 162 12.70 -39.12 -32.28
C THR A 162 14.08 -38.64 -31.86
N TYR A 163 14.30 -38.50 -30.56
CA TYR A 163 15.63 -38.05 -30.14
C TYR A 163 15.97 -38.54 -28.75
N THR A 164 17.26 -38.76 -28.52
CA THR A 164 17.79 -39.07 -27.20
C THR A 164 18.94 -38.12 -26.92
N ALA A 165 19.07 -37.73 -25.65
CA ALA A 165 20.02 -36.69 -25.29
C ALA A 165 20.69 -36.99 -23.95
N GLU A 166 21.92 -36.50 -23.82
CA GLU A 166 22.72 -36.60 -22.60
C GLU A 166 23.35 -35.24 -22.35
N VAL A 167 23.02 -34.64 -21.20
CA VAL A 167 23.38 -33.26 -20.90
C VAL A 167 24.25 -33.24 -19.65
N SER A 168 25.40 -32.57 -19.75
CA SER A 168 26.33 -32.42 -18.64
C SER A 168 26.14 -31.03 -18.04
N VAL A 169 25.73 -30.98 -16.77
CA VAL A 169 25.48 -29.70 -16.10
C VAL A 169 26.27 -29.68 -14.80
N PRO A 170 26.47 -28.50 -14.21
CA PRO A 170 27.07 -28.46 -12.87
C PRO A 170 26.32 -29.35 -11.90
N LYS A 171 27.05 -29.96 -10.98
CA LYS A 171 26.48 -30.97 -10.10
C LYS A 171 25.25 -30.45 -9.38
N GLU A 172 25.30 -29.21 -8.88
CA GLU A 172 24.24 -28.67 -8.05
C GLU A 172 22.96 -28.34 -8.82
N LEU A 173 23.00 -28.35 -10.15
CA LEU A 173 21.85 -28.00 -10.96
C LEU A 173 21.18 -29.27 -11.51
N VAL A 174 20.10 -29.05 -12.25
CA VAL A 174 19.28 -30.11 -12.81
C VAL A 174 18.93 -29.72 -14.24
N ALA A 175 18.87 -30.73 -15.11
CA ALA A 175 18.54 -30.56 -16.52
C ALA A 175 17.25 -31.30 -16.83
N LEU A 176 16.33 -30.61 -17.49
CA LEU A 176 15.12 -31.21 -18.03
C LEU A 176 15.04 -30.89 -19.52
N MET A 177 14.33 -31.74 -20.26
CA MET A 177 14.11 -31.54 -21.68
C MET A 177 12.69 -31.95 -22.00
N SER A 178 12.30 -31.86 -23.27
CA SER A 178 10.99 -32.38 -23.66
C SER A 178 11.26 -33.82 -24.06
N ALA A 179 10.91 -34.72 -23.15
CA ALA A 179 11.32 -36.12 -23.24
C ALA A 179 10.96 -36.84 -21.95
N ILE A 180 11.17 -38.15 -21.90
CA ILE A 180 11.08 -38.91 -20.66
C ILE A 180 12.45 -38.93 -20.01
N ARG A 181 12.50 -38.55 -18.73
CA ARG A 181 13.75 -38.65 -17.98
C ARG A 181 14.11 -40.12 -17.82
N ASP A 182 15.36 -40.45 -18.15
CA ASP A 182 15.83 -41.83 -18.13
C ASP A 182 16.75 -42.10 -16.95
N GLY A 183 17.91 -41.44 -16.89
CA GLY A 183 18.86 -41.72 -15.84
C GLY A 183 19.68 -40.50 -15.48
N GLU A 184 20.30 -40.57 -14.30
CA GLU A 184 21.14 -39.51 -13.78
C GLU A 184 22.41 -40.16 -13.23
N THR A 185 23.57 -39.73 -13.75
CA THR A 185 24.83 -40.31 -13.27
C THR A 185 25.87 -39.20 -13.13
N PRO A 186 26.72 -39.26 -12.10
CA PRO A 186 27.81 -38.29 -12.01
C PRO A 186 28.69 -38.31 -13.26
N ASP A 187 29.11 -37.13 -13.70
CA ASP A 187 29.88 -37.02 -14.93
C ASP A 187 31.14 -37.88 -14.81
N PRO A 188 31.36 -38.85 -15.70
CA PRO A 188 32.54 -39.73 -15.54
C PRO A 188 33.86 -38.97 -15.47
N GLU A 189 34.08 -37.97 -16.32
CA GLU A 189 35.35 -37.28 -16.38
C GLU A 189 35.37 -35.95 -15.61
N ASP A 190 34.25 -35.52 -15.02
CA ASP A 190 34.21 -34.25 -14.28
C ASP A 190 33.40 -34.39 -13.00
N PRO A 191 34.03 -34.80 -11.89
CA PRO A 191 33.26 -35.10 -10.67
C PRO A 191 32.36 -33.95 -10.20
N SER A 192 32.66 -32.72 -10.65
CA SER A 192 31.84 -31.57 -10.29
C SER A 192 30.61 -31.43 -11.15
N ARG A 193 30.41 -32.31 -12.13
CA ARG A 193 29.28 -32.22 -13.05
C ARG A 193 28.47 -33.51 -13.02
N LYS A 194 27.22 -33.39 -13.47
CA LYS A 194 26.28 -34.49 -13.58
C LYS A 194 25.86 -34.66 -15.03
N ILE A 195 25.41 -35.88 -15.34
CA ILE A 195 24.90 -36.25 -16.66
C ILE A 195 23.46 -36.67 -16.49
N TYR A 196 22.57 -36.04 -17.26
CA TYR A 196 21.15 -36.40 -17.30
C TYR A 196 20.82 -36.97 -18.68
N LYS A 197 20.00 -38.02 -18.69
CA LYS A 197 19.62 -38.72 -19.91
C LYS A 197 18.15 -38.51 -20.20
N PHE A 198 17.81 -38.41 -21.49
CA PHE A 198 16.43 -38.23 -21.91
C PHE A 198 16.16 -39.01 -23.20
N ILE A 199 14.94 -39.54 -23.31
CA ILE A 199 14.51 -40.27 -24.50
C ILE A 199 13.14 -39.75 -24.91
N GLN A 200 13.02 -39.30 -26.16
CA GLN A 200 11.75 -38.95 -26.78
C GLN A 200 11.48 -39.95 -27.88
N LYS A 201 10.53 -40.85 -27.61
CA LYS A 201 10.16 -41.95 -28.52
C LYS A 201 9.21 -41.49 -29.61
N VAL A 202 8.36 -40.51 -29.33
CA VAL A 202 7.38 -40.05 -30.31
C VAL A 202 8.05 -39.06 -31.27
N PRO A 203 7.89 -39.21 -32.58
CA PRO A 203 8.54 -38.25 -33.49
C PRO A 203 7.96 -36.85 -33.31
N ILE A 204 8.85 -35.86 -33.38
CA ILE A 204 8.43 -34.47 -33.22
C ILE A 204 9.25 -33.61 -34.16
N PRO A 205 8.69 -32.47 -34.59
CA PRO A 205 9.51 -31.48 -35.28
C PRO A 205 10.60 -30.97 -34.35
N CYS A 206 11.66 -30.42 -34.94
CA CYS A 206 12.82 -30.03 -34.15
C CYS A 206 12.59 -28.77 -33.33
N TYR A 207 11.49 -28.05 -33.55
CA TYR A 207 11.20 -26.86 -32.74
C TYR A 207 10.56 -27.21 -31.40
N LEU A 208 10.18 -28.46 -31.19
CA LEU A 208 9.65 -28.91 -29.91
C LEU A 208 10.73 -29.51 -29.00
N ILE A 209 12.00 -29.47 -29.42
CA ILE A 209 13.10 -29.84 -28.54
C ILE A 209 13.33 -28.70 -27.56
N ALA A 210 13.27 -29.00 -26.26
CA ALA A 210 13.41 -27.99 -25.23
C ALA A 210 14.43 -28.43 -24.19
N LEU A 211 15.06 -27.45 -23.56
CA LEU A 211 16.06 -27.69 -22.52
C LEU A 211 15.93 -26.63 -21.44
N VAL A 212 16.01 -27.08 -20.19
CA VAL A 212 16.06 -26.19 -19.03
C VAL A 212 17.16 -26.71 -18.11
N VAL A 213 18.01 -25.81 -17.65
CA VAL A 213 19.07 -26.15 -16.71
C VAL A 213 19.05 -25.12 -15.59
N GLY A 214 18.78 -25.57 -14.37
CA GLY A 214 18.74 -24.66 -13.26
C GLY A 214 18.55 -25.40 -11.96
N ALA A 215 18.28 -24.66 -10.90
CA ALA A 215 18.07 -25.27 -9.59
C ALA A 215 16.58 -25.59 -9.49
N LEU A 216 16.27 -26.88 -9.50
CA LEU A 216 14.89 -27.33 -9.66
C LEU A 216 14.58 -28.41 -8.65
N GLU A 217 13.37 -28.34 -8.10
CA GLU A 217 12.79 -29.41 -7.31
C GLU A 217 11.47 -29.79 -7.95
N SER A 218 10.86 -30.83 -7.38
CA SER A 218 9.72 -31.48 -7.99
C SER A 218 8.71 -31.84 -6.91
N ARG A 219 7.45 -31.95 -7.34
CA ARG A 219 6.38 -32.50 -6.51
C ARG A 219 5.50 -33.35 -7.40
N GLN A 220 5.09 -34.51 -6.91
CA GLN A 220 4.26 -35.41 -7.71
C GLN A 220 2.81 -35.09 -7.40
N ILE A 221 2.13 -34.47 -8.38
CA ILE A 221 0.74 -34.07 -8.21
C ILE A 221 -0.23 -35.04 -8.87
N GLY A 222 0.28 -36.07 -9.54
CA GLY A 222 -0.56 -37.03 -10.21
C GLY A 222 0.25 -38.26 -10.56
N PRO A 223 -0.43 -39.31 -11.05
CA PRO A 223 0.31 -40.56 -11.34
C PRO A 223 1.42 -40.35 -12.36
N ARG A 224 1.13 -39.67 -13.46
CA ARG A 224 2.10 -39.33 -14.49
C ARG A 224 2.64 -37.92 -14.39
N THR A 225 2.27 -37.14 -13.38
CA THR A 225 2.50 -35.70 -13.39
C THR A 225 3.37 -35.26 -12.22
N LEU A 226 4.54 -34.71 -12.55
CA LEU A 226 5.36 -33.94 -11.63
C LEU A 226 5.36 -32.47 -12.04
N VAL A 227 5.44 -31.59 -11.04
CA VAL A 227 5.61 -30.16 -11.27
C VAL A 227 7.01 -29.78 -10.80
N TRP A 228 7.72 -29.02 -11.62
CA TRP A 228 9.10 -28.64 -11.37
C TRP A 228 9.21 -27.13 -11.25
N SER A 229 9.98 -26.66 -10.27
CA SER A 229 10.25 -25.22 -10.18
C SER A 229 11.34 -25.00 -9.12
N GLU A 230 11.68 -23.73 -8.88
CA GLU A 230 12.62 -23.40 -7.83
C GLU A 230 11.97 -23.55 -6.45
N LYS A 231 12.83 -23.72 -5.43
CA LYS A 231 12.35 -24.05 -4.10
C LYS A 231 11.26 -23.11 -3.62
N GLU A 232 11.26 -21.88 -4.13
CA GLU A 232 10.25 -20.91 -3.71
C GLU A 232 8.88 -21.22 -4.32
N GLN A 233 8.84 -21.56 -5.61
CA GLN A 233 7.58 -21.68 -6.33
C GLN A 233 7.01 -23.10 -6.38
N VAL A 234 7.74 -24.14 -6.00
CA VAL A 234 7.26 -25.50 -6.26
C VAL A 234 6.04 -25.81 -5.39
N GLU A 235 6.07 -25.37 -4.14
CA GLU A 235 5.00 -25.73 -3.21
C GLU A 235 3.70 -25.05 -3.57
N LYS A 236 3.75 -23.85 -4.17
CA LYS A 236 2.54 -23.15 -4.58
C LYS A 236 1.98 -23.75 -5.87
N SER A 237 2.86 -23.99 -6.84
CA SER A 237 2.42 -24.60 -8.10
C SER A 237 1.82 -25.98 -7.86
N ALA A 238 2.41 -26.76 -6.95
CA ALA A 238 1.84 -28.06 -6.61
C ALA A 238 0.39 -27.93 -6.17
N TYR A 239 0.07 -26.84 -5.46
CA TYR A 239 -1.31 -26.61 -5.04
C TYR A 239 -2.20 -26.16 -6.19
N GLU A 240 -1.74 -25.16 -6.96
CA GLU A 240 -2.61 -24.57 -7.99
C GLU A 240 -2.95 -25.60 -9.07
N PHE A 241 -1.98 -26.42 -9.45
CA PHE A 241 -2.07 -27.32 -10.58
C PHE A 241 -2.50 -28.73 -10.20
N SER A 242 -2.90 -28.96 -8.95
CA SER A 242 -3.24 -30.30 -8.49
C SER A 242 -4.29 -30.97 -9.35
N GLU A 243 -5.08 -30.21 -10.11
CA GLU A 243 -6.17 -30.77 -10.89
C GLU A 243 -5.77 -31.17 -12.31
N THR A 244 -4.48 -31.07 -12.66
CA THR A 244 -4.06 -31.35 -14.03
C THR A 244 -4.37 -32.78 -14.45
N GLU A 245 -4.37 -33.73 -13.53
CA GLU A 245 -4.67 -35.11 -13.90
C GLU A 245 -6.10 -35.25 -14.41
N SER A 246 -7.05 -34.59 -13.74
CA SER A 246 -8.44 -34.65 -14.19
C SER A 246 -8.61 -34.01 -15.55
N MET A 247 -7.92 -32.89 -15.80
CA MET A 247 -7.95 -32.28 -17.11
C MET A 247 -7.35 -33.22 -18.15
N LEU A 248 -6.26 -33.90 -17.81
CA LEU A 248 -5.69 -34.90 -18.71
C LEU A 248 -6.72 -35.96 -19.06
N LYS A 249 -7.43 -36.47 -18.05
CA LYS A 249 -8.46 -37.47 -18.30
C LYS A 249 -9.58 -36.94 -19.18
N ILE A 250 -9.91 -35.65 -19.04
CA ILE A 250 -10.87 -35.04 -19.96
C ILE A 250 -10.32 -35.06 -21.38
N ALA A 251 -9.04 -34.71 -21.55
CA ALA A 251 -8.43 -34.75 -22.86
C ALA A 251 -8.49 -36.16 -23.45
N GLU A 252 -8.21 -37.17 -22.63
CA GLU A 252 -8.33 -38.55 -23.11
C GLU A 252 -9.77 -38.89 -23.46
N ASP A 253 -10.73 -38.31 -22.73
CA ASP A 253 -12.13 -38.57 -23.04
C ASP A 253 -12.51 -38.00 -24.41
N LEU A 254 -11.99 -36.82 -24.75
CA LEU A 254 -12.34 -36.22 -26.04
C LEU A 254 -11.53 -36.84 -27.19
N GLY A 255 -10.21 -36.94 -27.05
CA GLY A 255 -9.33 -37.35 -28.13
C GLY A 255 -8.67 -38.71 -28.02
N GLY A 256 -8.99 -39.52 -27.02
CA GLY A 256 -8.36 -40.82 -26.87
C GLY A 256 -7.13 -40.80 -25.98
N PRO A 257 -6.54 -41.97 -25.74
CA PRO A 257 -5.48 -42.06 -24.72
C PRO A 257 -4.27 -41.19 -25.03
N TYR A 258 -3.58 -40.80 -23.95
CA TYR A 258 -2.40 -39.96 -24.02
C TYR A 258 -1.20 -40.79 -24.49
N VAL A 259 -0.59 -40.39 -25.61
CA VAL A 259 0.43 -41.22 -26.25
C VAL A 259 1.86 -40.83 -25.89
N TRP A 260 2.08 -39.74 -25.15
CA TRP A 260 3.44 -39.31 -24.84
C TRP A 260 3.97 -39.86 -23.52
N GLY A 261 3.13 -40.44 -22.68
CA GLY A 261 3.52 -41.32 -21.61
C GLY A 261 3.86 -40.63 -20.28
N GLN A 262 4.27 -39.37 -20.32
CA GLN A 262 4.47 -38.57 -19.12
C GLN A 262 4.11 -37.13 -19.43
N TYR A 263 3.36 -36.49 -18.53
CA TYR A 263 3.08 -35.07 -18.65
C TYR A 263 3.59 -34.38 -17.40
N ASP A 264 4.66 -33.60 -17.54
CA ASP A 264 5.17 -32.78 -16.44
C ASP A 264 4.87 -31.30 -16.70
N LEU A 265 5.22 -30.49 -15.70
CA LEU A 265 4.99 -29.05 -15.73
C LEU A 265 6.21 -28.36 -15.15
N LEU A 266 6.69 -27.33 -15.85
CA LEU A 266 7.81 -26.53 -15.39
C LEU A 266 7.34 -25.09 -15.25
N VAL A 267 7.31 -24.58 -14.03
CA VAL A 267 6.93 -23.21 -13.78
C VAL A 267 8.20 -22.37 -13.82
N LEU A 268 8.29 -21.49 -14.81
CA LEU A 268 9.48 -20.68 -15.04
C LEU A 268 9.64 -19.68 -13.91
N PRO A 269 10.80 -19.04 -13.80
CA PRO A 269 11.00 -18.01 -12.78
C PRO A 269 10.01 -16.87 -12.96
N PRO A 270 9.79 -16.06 -11.92
CA PRO A 270 8.88 -14.91 -12.08
C PRO A 270 9.32 -13.95 -13.17
N SER A 271 10.57 -14.01 -13.62
CA SER A 271 11.07 -13.15 -14.67
C SER A 271 10.58 -13.54 -16.07
N PHE A 272 9.88 -14.65 -16.22
CA PHE A 272 9.56 -15.17 -17.56
C PHE A 272 8.60 -14.24 -18.28
N PRO A 273 9.02 -13.57 -19.38
CA PRO A 273 8.13 -12.59 -20.02
C PRO A 273 6.98 -13.18 -20.83
N TYR A 274 7.14 -14.37 -21.39
CA TYR A 274 6.20 -14.88 -22.39
C TYR A 274 5.18 -15.82 -21.75
N GLY A 275 4.36 -16.43 -22.59
CA GLY A 275 3.36 -17.37 -22.14
C GLY A 275 3.83 -18.83 -22.22
N GLY A 276 2.89 -19.72 -21.90
CA GLY A 276 3.23 -21.14 -21.81
C GLY A 276 3.64 -21.71 -23.15
N MET A 277 4.38 -22.82 -23.07
CA MET A 277 4.82 -23.56 -24.24
C MET A 277 4.36 -25.01 -24.12
N GLU A 278 4.06 -25.62 -25.26
CA GLU A 278 3.43 -26.93 -25.34
C GLU A 278 4.45 -28.07 -25.37
N ASN A 279 5.72 -27.78 -25.11
CA ASN A 279 6.79 -28.73 -25.37
C ASN A 279 6.42 -30.11 -24.85
N PRO A 280 6.62 -31.17 -25.64
CA PRO A 280 6.09 -32.48 -25.25
C PRO A 280 6.71 -33.01 -23.96
N CYS A 281 5.86 -33.59 -23.12
CA CYS A 281 6.25 -34.26 -21.88
C CYS A 281 6.73 -33.29 -20.81
N LEU A 282 7.05 -32.05 -21.19
CA LEU A 282 7.31 -31.00 -20.21
C LEU A 282 6.60 -29.74 -20.71
N THR A 283 5.58 -29.29 -19.99
CA THR A 283 4.85 -28.09 -20.40
C THR A 283 5.34 -26.90 -19.58
N PHE A 284 5.81 -25.86 -20.26
CA PHE A 284 6.21 -24.64 -19.59
C PHE A 284 4.97 -23.87 -19.15
N VAL A 285 5.04 -23.31 -17.95
CA VAL A 285 3.94 -22.59 -17.33
C VAL A 285 4.46 -21.24 -16.86
N THR A 286 3.68 -20.19 -17.12
CA THR A 286 4.10 -18.87 -16.66
C THR A 286 3.68 -18.69 -15.19
N PRO A 287 4.54 -18.09 -14.36
CA PRO A 287 4.18 -17.91 -12.94
C PRO A 287 2.94 -17.07 -12.71
N THR A 288 2.56 -16.24 -13.69
CA THR A 288 1.39 -15.39 -13.51
C THR A 288 0.13 -16.21 -13.27
N LEU A 289 0.15 -17.51 -13.58
CA LEU A 289 -1.01 -18.36 -13.39
C LEU A 289 -1.25 -18.75 -11.93
N LEU A 290 -0.39 -18.37 -11.00
CA LEU A 290 -0.63 -18.76 -9.61
C LEU A 290 -1.40 -17.62 -8.96
N ALA A 291 -2.72 -17.82 -8.81
CA ALA A 291 -3.59 -16.91 -8.08
C ALA A 291 -3.85 -17.34 -6.66
N GLY A 292 -3.50 -18.57 -6.29
CA GLY A 292 -3.78 -19.11 -4.98
C GLY A 292 -5.13 -19.80 -4.84
N ASP A 293 -6.10 -19.49 -5.69
CA ASP A 293 -7.40 -20.14 -5.67
C ASP A 293 -7.59 -21.23 -6.73
N LYS A 294 -6.60 -21.46 -7.59
CA LYS A 294 -6.75 -22.32 -8.77
C LYS A 294 -7.72 -21.76 -9.81
N SER A 295 -7.92 -20.44 -9.84
CA SER A 295 -8.90 -19.88 -10.77
C SER A 295 -8.36 -19.78 -12.18
N LEU A 296 -7.04 -19.66 -12.35
CA LEU A 296 -6.41 -19.60 -13.65
C LEU A 296 -5.84 -20.93 -14.14
N SER A 297 -6.00 -22.02 -13.38
CA SER A 297 -5.39 -23.29 -13.78
C SER A 297 -5.94 -23.78 -15.11
N ASN A 298 -7.20 -23.46 -15.44
CA ASN A 298 -7.80 -23.91 -16.68
C ASN A 298 -7.03 -23.45 -17.91
N VAL A 299 -6.26 -22.36 -17.79
CA VAL A 299 -5.43 -21.91 -18.90
C VAL A 299 -4.54 -23.04 -19.41
N ILE A 300 -4.02 -23.86 -18.49
CA ILE A 300 -3.14 -24.96 -18.87
C ILE A 300 -3.77 -25.83 -19.95
N ALA A 301 -5.10 -25.88 -19.98
CA ALA A 301 -5.79 -26.73 -20.93
C ALA A 301 -5.38 -26.46 -22.37
N HIS A 302 -4.81 -25.30 -22.66
CA HIS A 302 -4.29 -25.07 -24.01
C HIS A 302 -3.17 -26.05 -24.33
N GLU A 303 -2.10 -26.03 -23.53
CA GLU A 303 -0.93 -26.84 -23.86
C GLU A 303 -1.29 -28.33 -23.82
N ILE A 304 -2.16 -28.71 -22.89
CA ILE A 304 -2.64 -30.09 -22.85
C ILE A 304 -3.15 -30.50 -24.22
N SER A 305 -4.06 -29.70 -24.78
CA SER A 305 -4.65 -30.09 -26.07
C SER A 305 -3.59 -30.19 -27.15
N HIS A 306 -2.49 -29.46 -27.03
CA HIS A 306 -1.44 -29.56 -28.04
C HIS A 306 -0.94 -30.99 -28.18
N SER A 307 -0.90 -31.74 -27.07
CA SER A 307 -0.47 -33.13 -27.14
C SER A 307 -1.42 -33.95 -27.99
N TRP A 308 -2.73 -33.69 -27.88
CA TRP A 308 -3.71 -34.37 -28.71
C TRP A 308 -3.85 -33.76 -30.11
N THR A 309 -3.67 -32.45 -30.26
CA THR A 309 -3.84 -31.80 -31.56
C THR A 309 -2.73 -30.79 -31.78
N GLY A 310 -1.93 -31.00 -32.82
CA GLY A 310 -0.95 -30.05 -33.28
C GLY A 310 0.47 -30.38 -32.88
N ASN A 311 0.66 -31.13 -31.79
CA ASN A 311 1.92 -31.83 -31.59
C ASN A 311 1.93 -33.14 -32.37
N LEU A 312 0.77 -33.79 -32.45
CA LEU A 312 0.63 -34.99 -33.26
C LEU A 312 0.46 -34.66 -34.74
N VAL A 313 -0.36 -33.67 -35.06
CA VAL A 313 -0.61 -33.28 -36.44
C VAL A 313 -0.02 -31.89 -36.64
N THR A 314 1.09 -31.81 -37.36
CA THR A 314 1.90 -30.61 -37.39
C THR A 314 1.74 -29.91 -38.74
N ASN A 315 1.76 -28.59 -38.71
CA ASN A 315 1.79 -27.82 -39.95
C ASN A 315 3.04 -28.16 -40.74
N LYS A 316 2.87 -28.37 -42.05
CA LYS A 316 4.01 -28.76 -42.89
C LYS A 316 4.98 -27.60 -43.07
N THR A 317 4.47 -26.38 -43.22
CA THR A 317 5.27 -25.17 -43.21
C THR A 317 4.58 -24.15 -42.31
N TRP A 318 5.30 -23.08 -41.99
CA TRP A 318 4.76 -22.08 -41.07
C TRP A 318 3.61 -21.28 -41.68
N ASP A 319 3.55 -21.17 -43.02
CA ASP A 319 2.38 -20.58 -43.66
C ASP A 319 1.10 -21.23 -43.14
N HIS A 320 1.17 -22.51 -42.83
CA HIS A 320 0.04 -23.35 -42.42
C HIS A 320 -0.14 -23.39 -40.91
N PHE A 321 0.57 -22.53 -40.16
CA PHE A 321 0.54 -22.57 -38.71
C PHE A 321 -0.87 -22.66 -38.14
N TRP A 322 -1.86 -22.09 -38.81
CA TRP A 322 -3.23 -22.13 -38.30
C TRP A 322 -3.68 -23.56 -38.04
N LEU A 323 -3.24 -24.51 -38.86
CA LEU A 323 -3.59 -25.92 -38.67
C LEU A 323 -3.23 -26.40 -37.27
N ASN A 324 -2.12 -25.91 -36.73
CA ASN A 324 -1.65 -26.34 -35.43
C ASN A 324 -2.53 -25.73 -34.36
N GLU A 325 -2.47 -24.41 -34.19
CA GLU A 325 -3.14 -23.77 -33.06
C GLU A 325 -4.66 -23.89 -33.17
N GLY A 326 -5.21 -23.70 -34.37
CA GLY A 326 -6.65 -23.63 -34.48
C GLY A 326 -7.33 -24.85 -33.89
N HIS A 327 -6.99 -26.03 -34.41
CA HIS A 327 -7.57 -27.24 -33.86
C HIS A 327 -7.27 -27.35 -32.37
N THR A 328 -6.03 -27.03 -31.98
CA THR A 328 -5.69 -27.03 -30.55
C THR A 328 -6.70 -26.21 -29.77
N VAL A 329 -6.91 -24.96 -30.19
CA VAL A 329 -7.85 -24.10 -29.47
C VAL A 329 -9.22 -24.77 -29.44
N TYR A 330 -9.67 -25.29 -30.58
CA TYR A 330 -10.97 -25.92 -30.63
C TYR A 330 -11.09 -27.00 -29.57
N LEU A 331 -10.02 -27.76 -29.35
CA LEU A 331 -10.10 -28.82 -28.35
C LEU A 331 -10.05 -28.23 -26.94
N GLU A 332 -9.20 -27.22 -26.71
CA GLU A 332 -9.07 -26.72 -25.36
C GLU A 332 -10.39 -26.16 -24.86
N ARG A 333 -11.13 -25.47 -25.74
CA ARG A 333 -12.41 -24.90 -25.33
C ARG A 333 -13.47 -25.97 -25.12
N HIS A 334 -13.25 -27.18 -25.64
CA HIS A 334 -14.07 -28.30 -25.24
C HIS A 334 -13.69 -28.81 -23.86
N ILE A 335 -12.39 -28.83 -23.55
CA ILE A 335 -11.98 -29.22 -22.20
C ILE A 335 -12.65 -28.31 -21.17
N CYS A 336 -12.39 -27.00 -21.29
CA CYS A 336 -13.08 -26.05 -20.42
C CYS A 336 -14.58 -26.23 -20.52
N GLY A 337 -15.08 -26.60 -21.70
CA GLY A 337 -16.50 -26.83 -21.87
C GLY A 337 -17.05 -27.80 -20.85
N ARG A 338 -16.34 -28.90 -20.62
CA ARG A 338 -16.82 -29.87 -19.64
C ARG A 338 -16.49 -29.46 -18.20
N LEU A 339 -15.52 -28.57 -18.01
CA LEU A 339 -15.23 -28.11 -16.65
C LEU A 339 -16.32 -27.17 -16.14
N PHE A 340 -16.55 -26.07 -16.86
CA PHE A 340 -17.48 -25.03 -16.42
C PHE A 340 -18.84 -25.07 -17.13
N GLY A 341 -19.05 -25.96 -18.08
CA GLY A 341 -20.29 -26.02 -18.82
C GLY A 341 -20.18 -25.47 -20.23
N GLU A 342 -21.26 -25.65 -20.98
CA GLU A 342 -21.25 -25.33 -22.41
C GLU A 342 -21.24 -23.82 -22.64
N LYS A 343 -22.15 -23.09 -21.99
CA LYS A 343 -22.21 -21.65 -22.21
C LYS A 343 -20.92 -20.95 -21.78
N PHE A 344 -20.10 -21.60 -20.95
CA PHE A 344 -18.78 -21.07 -20.67
C PHE A 344 -17.84 -21.28 -21.85
N ARG A 345 -17.91 -22.44 -22.49
CA ARG A 345 -17.20 -22.65 -23.74
C ARG A 345 -17.59 -21.57 -24.76
N HIS A 346 -18.88 -21.26 -24.85
CA HIS A 346 -19.30 -20.14 -25.70
C HIS A 346 -18.71 -18.83 -25.20
N PHE A 347 -18.61 -18.67 -23.88
CA PHE A 347 -18.03 -17.45 -23.31
C PHE A 347 -16.61 -17.22 -23.82
N ASN A 348 -15.76 -18.23 -23.67
CA ASN A 348 -14.38 -18.11 -24.13
C ASN A 348 -14.31 -18.04 -25.66
N ALA A 349 -15.29 -18.62 -26.35
CA ALA A 349 -15.37 -18.46 -27.79
C ALA A 349 -15.54 -16.98 -28.15
N LEU A 350 -16.56 -16.35 -27.58
CA LEU A 350 -16.82 -14.94 -27.87
C LEU A 350 -15.63 -14.07 -27.48
N GLY A 351 -14.98 -14.40 -26.36
CA GLY A 351 -13.75 -13.71 -26.01
C GLY A 351 -12.70 -13.86 -27.10
N GLY A 352 -12.53 -15.07 -27.62
CA GLY A 352 -11.56 -15.30 -28.68
C GLY A 352 -11.87 -14.47 -29.92
N TRP A 353 -13.15 -14.41 -30.30
CA TRP A 353 -13.53 -13.55 -31.42
C TRP A 353 -13.18 -12.09 -31.13
N GLY A 354 -13.40 -11.64 -29.89
CA GLY A 354 -12.98 -10.29 -29.54
C GLY A 354 -11.50 -10.08 -29.76
N GLU A 355 -10.68 -11.03 -29.30
CA GLU A 355 -9.24 -10.92 -29.53
C GLU A 355 -8.93 -10.86 -31.02
N LEU A 356 -9.67 -11.62 -31.84
CA LEU A 356 -9.46 -11.55 -33.29
C LEU A 356 -9.76 -10.16 -33.81
N GLN A 357 -10.89 -9.58 -33.37
CA GLN A 357 -11.20 -8.20 -33.76
C GLN A 357 -10.04 -7.27 -33.45
N ASN A 358 -9.57 -7.28 -32.20
CA ASN A 358 -8.49 -6.38 -31.81
C ASN A 358 -7.25 -6.62 -32.66
N SER A 359 -6.92 -7.89 -32.92
CA SER A 359 -5.73 -8.19 -33.72
C SER A 359 -5.87 -7.64 -35.13
N VAL A 360 -7.05 -7.76 -35.73
CA VAL A 360 -7.25 -7.32 -37.11
C VAL A 360 -7.23 -5.80 -37.19
N LYS A 361 -8.00 -5.13 -36.33
CA LYS A 361 -8.04 -3.67 -36.38
C LYS A 361 -6.68 -3.07 -36.03
N THR A 362 -5.88 -3.77 -35.21
CA THR A 362 -4.53 -3.30 -34.96
C THR A 362 -3.63 -3.51 -36.17
N PHE A 363 -3.74 -4.68 -36.82
CA PHE A 363 -2.97 -4.92 -38.04
C PHE A 363 -3.56 -4.18 -39.24
N GLY A 364 -4.85 -3.91 -39.22
CA GLY A 364 -5.57 -3.42 -40.39
C GLY A 364 -6.23 -4.57 -41.14
N GLU A 365 -7.38 -4.26 -41.74
CA GLU A 365 -8.15 -5.31 -42.39
C GLU A 365 -7.59 -5.71 -43.75
N THR A 366 -6.64 -4.94 -44.28
CA THR A 366 -5.98 -5.25 -45.54
C THR A 366 -4.64 -5.96 -45.36
N HIS A 367 -4.17 -6.16 -44.11
CA HIS A 367 -2.79 -6.60 -43.90
C HIS A 367 -2.65 -8.10 -44.20
N PRO A 368 -1.60 -8.51 -44.91
CA PRO A 368 -1.46 -9.94 -45.24
C PRO A 368 -1.42 -10.87 -44.04
N PHE A 369 -0.93 -10.40 -42.89
CA PHE A 369 -0.85 -11.27 -41.72
C PHE A 369 -2.21 -11.59 -41.12
N THR A 370 -3.28 -10.99 -41.62
CA THR A 370 -4.63 -11.34 -41.18
C THR A 370 -5.22 -12.51 -41.95
N LYS A 371 -4.58 -12.96 -43.02
CA LYS A 371 -5.02 -14.15 -43.73
C LYS A 371 -4.84 -15.39 -42.87
N LEU A 372 -5.70 -16.39 -43.10
CA LEU A 372 -5.58 -17.63 -42.33
C LEU A 372 -4.37 -18.43 -42.78
N VAL A 373 -4.12 -18.50 -44.08
CA VAL A 373 -2.91 -19.07 -44.64
C VAL A 373 -2.08 -17.92 -45.17
N VAL A 374 -0.96 -17.62 -44.50
CA VAL A 374 -0.13 -16.47 -44.85
C VAL A 374 0.94 -16.90 -45.84
N ASP A 375 1.75 -15.94 -46.29
CA ASP A 375 2.92 -16.21 -47.11
C ASP A 375 4.12 -15.59 -46.41
N LEU A 376 4.99 -16.45 -45.89
CA LEU A 376 6.10 -16.05 -45.03
C LEU A 376 7.40 -15.86 -45.78
N THR A 377 7.36 -15.90 -47.12
CA THR A 377 8.56 -16.10 -47.94
C THR A 377 9.76 -15.32 -47.43
N ASP A 378 9.69 -13.99 -47.49
CA ASP A 378 10.77 -13.15 -46.98
C ASP A 378 10.50 -12.63 -45.58
N ILE A 379 9.42 -13.06 -44.93
CA ILE A 379 9.01 -12.51 -43.65
C ILE A 379 9.58 -13.35 -42.51
N ASP A 380 9.99 -12.67 -41.44
CA ASP A 380 10.44 -13.36 -40.23
C ASP A 380 9.24 -13.98 -39.51
N PRO A 381 9.26 -15.28 -39.19
CA PRO A 381 8.07 -15.88 -38.57
C PRO A 381 7.70 -15.27 -37.23
N ASP A 382 8.66 -14.72 -36.48
CA ASP A 382 8.36 -14.14 -35.18
C ASP A 382 7.88 -12.69 -35.27
N VAL A 383 8.06 -12.04 -36.42
CA VAL A 383 7.50 -10.70 -36.60
C VAL A 383 6.01 -10.80 -36.95
N ALA A 384 5.63 -11.77 -37.76
CA ALA A 384 4.24 -11.93 -38.19
C ALA A 384 3.38 -12.62 -37.16
N TYR A 385 3.96 -13.09 -36.06
CA TYR A 385 3.19 -13.83 -35.05
C TYR A 385 2.12 -12.92 -34.44
N SER A 386 0.91 -13.47 -34.31
CA SER A 386 -0.23 -12.76 -33.77
C SER A 386 -1.27 -13.78 -33.37
N SER A 387 -2.45 -13.31 -32.98
CA SER A 387 -3.54 -14.20 -32.57
C SER A 387 -4.44 -14.62 -33.73
N VAL A 388 -4.12 -14.22 -34.96
CA VAL A 388 -4.94 -14.49 -36.13
C VAL A 388 -5.03 -16.00 -36.33
N PRO A 389 -3.91 -16.73 -36.43
CA PRO A 389 -4.03 -18.18 -36.68
C PRO A 389 -4.68 -18.93 -35.54
N TYR A 390 -4.74 -18.36 -34.34
CA TYR A 390 -5.47 -18.99 -33.23
C TYR A 390 -6.97 -18.83 -33.43
N GLU A 391 -7.46 -17.58 -33.32
CA GLU A 391 -8.89 -17.33 -33.23
C GLU A 391 -9.58 -17.36 -34.58
N LYS A 392 -8.87 -17.06 -35.67
CA LYS A 392 -9.50 -17.20 -36.99
C LYS A 392 -9.65 -18.66 -37.35
N GLY A 393 -8.62 -19.47 -37.09
CA GLY A 393 -8.76 -20.91 -37.28
C GLY A 393 -9.87 -21.49 -36.44
N PHE A 394 -9.89 -21.13 -35.15
CA PHE A 394 -10.98 -21.59 -34.31
C PHE A 394 -12.32 -21.12 -34.85
N ALA A 395 -12.38 -19.88 -35.37
CA ALA A 395 -13.63 -19.37 -35.90
C ALA A 395 -14.11 -20.23 -37.07
N LEU A 396 -13.19 -20.60 -37.96
CA LEU A 396 -13.55 -21.47 -39.07
C LEU A 396 -14.08 -22.82 -38.57
N LEU A 397 -13.38 -23.42 -37.61
CA LEU A 397 -13.79 -24.75 -37.15
C LEU A 397 -15.09 -24.72 -36.37
N PHE A 398 -15.34 -23.62 -35.64
CA PHE A 398 -16.60 -23.46 -34.90
C PHE A 398 -17.76 -23.23 -35.87
N TYR A 399 -17.51 -22.41 -36.90
CA TYR A 399 -18.50 -22.20 -37.95
C TYR A 399 -18.84 -23.51 -38.64
N LEU A 400 -17.83 -24.30 -38.98
CA LEU A 400 -18.09 -25.60 -39.59
C LEU A 400 -18.76 -26.56 -38.61
N GLU A 401 -18.50 -26.40 -37.31
CA GLU A 401 -19.22 -27.20 -36.32
C GLU A 401 -20.71 -26.92 -36.39
N GLN A 402 -21.10 -25.65 -36.32
CA GLN A 402 -22.52 -25.31 -36.34
C GLN A 402 -23.15 -25.58 -37.70
N LEU A 403 -22.35 -25.55 -38.77
CA LEU A 403 -22.87 -25.81 -40.11
C LEU A 403 -23.06 -27.29 -40.39
N LEU A 404 -22.23 -28.15 -39.79
CA LEU A 404 -22.20 -29.58 -40.09
C LEU A 404 -23.02 -30.43 -39.12
N GLY A 405 -23.75 -29.81 -38.19
CA GLY A 405 -24.71 -30.53 -37.37
C GLY A 405 -24.40 -30.68 -35.90
N GLY A 406 -23.21 -30.29 -35.43
CA GLY A 406 -23.04 -30.08 -34.01
C GLY A 406 -21.65 -30.35 -33.47
N PRO A 407 -21.51 -30.18 -32.15
CA PRO A 407 -20.21 -30.44 -31.52
C PRO A 407 -19.82 -31.91 -31.49
N GLU A 408 -20.79 -32.81 -31.29
CA GLU A 408 -20.46 -34.23 -31.27
C GLU A 408 -19.92 -34.68 -32.62
N ILE A 409 -20.64 -34.36 -33.69
CA ILE A 409 -20.22 -34.73 -35.04
C ILE A 409 -18.82 -34.20 -35.32
N PHE A 410 -18.63 -32.90 -35.10
CA PHE A 410 -17.34 -32.30 -35.42
C PHE A 410 -16.21 -32.81 -34.54
N LEU A 411 -16.53 -33.28 -33.32
CA LEU A 411 -15.53 -34.00 -32.54
C LEU A 411 -15.17 -35.33 -33.18
N GLY A 412 -16.18 -36.05 -33.68
CA GLY A 412 -15.89 -37.23 -34.48
C GLY A 412 -14.92 -36.93 -35.60
N PHE A 413 -15.18 -35.85 -36.34
CA PHE A 413 -14.23 -35.42 -37.37
C PHE A 413 -12.85 -35.22 -36.77
N LEU A 414 -12.76 -34.46 -35.66
CA LEU A 414 -11.46 -34.16 -35.07
C LEU A 414 -10.70 -35.44 -34.76
N LYS A 415 -11.37 -36.43 -34.17
CA LYS A 415 -10.72 -37.70 -33.89
C LYS A 415 -10.20 -38.35 -35.16
N ALA A 416 -11.07 -38.49 -36.18
CA ALA A 416 -10.60 -39.09 -37.43
C ALA A 416 -9.39 -38.35 -37.97
N TYR A 417 -9.38 -37.02 -37.84
CA TYR A 417 -8.28 -36.20 -38.33
C TYR A 417 -6.98 -36.56 -37.62
N VAL A 418 -6.98 -36.51 -36.29
CA VAL A 418 -5.78 -36.84 -35.52
C VAL A 418 -5.32 -38.25 -35.85
N GLU A 419 -6.23 -39.22 -35.76
CA GLU A 419 -5.87 -40.61 -35.99
C GLU A 419 -5.26 -40.80 -37.38
N LYS A 420 -5.76 -40.08 -38.38
CA LYS A 420 -5.23 -40.23 -39.73
C LYS A 420 -3.83 -39.63 -39.85
N PHE A 421 -3.66 -38.39 -39.42
CA PHE A 421 -2.43 -37.65 -39.67
C PHE A 421 -1.44 -37.70 -38.50
N SER A 422 -1.72 -38.46 -37.44
CA SER A 422 -0.85 -38.48 -36.26
C SER A 422 0.60 -38.76 -36.66
N TYR A 423 1.50 -38.03 -35.99
CA TYR A 423 2.95 -38.17 -36.20
C TYR A 423 3.38 -37.76 -37.61
N LYS A 424 2.60 -36.90 -38.26
CA LYS A 424 2.91 -36.48 -39.62
C LYS A 424 2.69 -34.98 -39.74
N SER A 425 2.92 -34.46 -40.94
CA SER A 425 2.76 -33.04 -41.24
C SER A 425 1.90 -32.89 -42.47
N ILE A 426 1.04 -31.86 -42.49
CA ILE A 426 0.07 -31.67 -43.54
C ILE A 426 -0.08 -30.18 -43.85
N THR A 427 -0.53 -29.90 -45.07
CA THR A 427 -0.86 -28.55 -45.50
C THR A 427 -2.35 -28.30 -45.30
N THR A 428 -2.79 -27.07 -45.61
CA THR A 428 -4.20 -26.75 -45.54
C THR A 428 -5.01 -27.57 -46.53
N ASP A 429 -4.50 -27.70 -47.76
CA ASP A 429 -5.22 -28.47 -48.78
C ASP A 429 -5.42 -29.92 -48.35
N ASP A 430 -4.46 -30.50 -47.62
CA ASP A 430 -4.65 -31.84 -47.09
C ASP A 430 -5.80 -31.88 -46.10
N TRP A 431 -5.83 -30.91 -45.18
CA TRP A 431 -6.91 -30.84 -44.20
C TRP A 431 -8.26 -30.71 -44.89
N LYS A 432 -8.33 -29.87 -45.93
CA LYS A 432 -9.60 -29.66 -46.64
C LYS A 432 -10.01 -30.92 -47.40
N ASP A 433 -9.05 -31.58 -48.04
CA ASP A 433 -9.33 -32.85 -48.70
C ASP A 433 -9.94 -33.84 -47.72
N PHE A 434 -9.32 -34.00 -46.54
CA PHE A 434 -9.85 -34.96 -45.58
C PHE A 434 -11.19 -34.50 -45.01
N LEU A 435 -11.41 -33.18 -44.93
CA LEU A 435 -12.71 -32.68 -44.48
C LEU A 435 -13.81 -33.05 -45.46
N TYR A 436 -13.55 -32.92 -46.75
CA TYR A 436 -14.53 -33.35 -47.75
C TYR A 436 -14.69 -34.86 -47.77
N SER A 437 -13.61 -35.60 -47.50
CA SER A 437 -13.70 -37.06 -47.49
C SER A 437 -14.54 -37.57 -46.32
N TYR A 438 -14.39 -36.94 -45.15
CA TYR A 438 -15.08 -37.42 -43.95
C TYR A 438 -16.56 -37.04 -43.96
N PHE A 439 -16.87 -35.82 -44.42
CA PHE A 439 -18.21 -35.26 -44.43
C PHE A 439 -18.95 -35.54 -45.72
N LYS A 440 -18.41 -36.43 -46.56
CA LYS A 440 -18.84 -36.59 -47.95
C LYS A 440 -20.36 -36.68 -48.11
N ASP A 441 -21.08 -37.14 -47.09
CA ASP A 441 -22.54 -37.11 -47.18
C ASP A 441 -23.07 -35.68 -47.22
N LYS A 442 -22.38 -34.77 -46.54
CA LYS A 442 -22.80 -33.38 -46.36
C LYS A 442 -22.20 -32.41 -47.37
N VAL A 443 -21.54 -32.90 -48.43
CA VAL A 443 -20.82 -32.01 -49.35
C VAL A 443 -21.68 -30.82 -49.77
N ASP A 444 -23.00 -31.01 -49.91
CA ASP A 444 -23.86 -29.92 -50.34
C ASP A 444 -23.70 -28.70 -49.43
N VAL A 445 -23.60 -28.94 -48.13
CA VAL A 445 -23.29 -27.87 -47.18
C VAL A 445 -21.89 -27.32 -47.41
N LEU A 446 -20.90 -28.21 -47.51
CA LEU A 446 -19.51 -27.76 -47.57
C LEU A 446 -19.26 -26.87 -48.78
N ASN A 447 -19.98 -27.08 -49.88
CA ASN A 447 -19.77 -26.26 -51.06
C ASN A 447 -20.37 -24.87 -50.93
N GLN A 448 -21.15 -24.61 -49.88
CA GLN A 448 -21.66 -23.27 -49.61
C GLN A 448 -20.72 -22.44 -48.77
N VAL A 449 -19.69 -23.04 -48.18
CA VAL A 449 -18.65 -22.28 -47.51
C VAL A 449 -17.88 -21.47 -48.56
N ASP A 450 -17.42 -20.29 -48.18
CA ASP A 450 -16.53 -19.53 -49.04
C ASP A 450 -15.11 -19.88 -48.61
N TRP A 451 -14.42 -20.66 -49.44
CA TRP A 451 -13.09 -21.13 -49.05
C TRP A 451 -12.02 -20.09 -49.33
N ASN A 452 -12.11 -19.41 -50.48
CA ASN A 452 -11.13 -18.39 -50.82
C ASN A 452 -11.13 -17.28 -49.77
N ALA A 453 -12.31 -16.88 -49.30
CA ALA A 453 -12.39 -15.80 -48.31
C ALA A 453 -11.84 -16.25 -46.97
N TRP A 454 -12.35 -17.36 -46.44
CA TRP A 454 -11.88 -17.83 -45.14
C TRP A 454 -10.37 -18.03 -45.13
N LEU A 455 -9.86 -18.82 -46.08
CA LEU A 455 -8.44 -19.16 -46.03
C LEU A 455 -7.55 -17.99 -46.44
N TYR A 456 -7.76 -17.44 -47.64
CA TYR A 456 -6.79 -16.53 -48.23
C TYR A 456 -7.11 -15.03 -48.12
N SER A 457 -8.28 -14.66 -47.56
CA SER A 457 -8.66 -13.24 -47.61
C SER A 457 -8.40 -12.56 -46.28
N PRO A 458 -7.73 -11.38 -46.26
CA PRO A 458 -7.50 -10.69 -44.99
C PRO A 458 -8.78 -10.22 -44.34
N GLY A 459 -8.66 -9.55 -43.19
CA GLY A 459 -9.82 -9.06 -42.47
C GLY A 459 -10.56 -10.15 -41.74
N LEU A 460 -11.66 -9.75 -41.09
CA LEU A 460 -12.48 -10.70 -40.37
C LEU A 460 -13.06 -11.74 -41.35
N PRO A 461 -13.44 -12.92 -40.83
CA PRO A 461 -14.05 -13.91 -41.71
C PRO A 461 -15.42 -13.44 -42.19
N PRO A 462 -15.86 -13.92 -43.36
CA PRO A 462 -17.08 -13.33 -43.97
C PRO A 462 -18.35 -13.58 -43.18
N ILE A 463 -18.37 -14.55 -42.27
CA ILE A 463 -19.55 -14.85 -41.46
C ILE A 463 -19.10 -14.95 -40.01
N LYS A 464 -20.08 -14.93 -39.10
CA LYS A 464 -19.75 -15.05 -37.68
C LYS A 464 -20.51 -16.22 -37.07
N PRO A 465 -19.89 -16.98 -36.18
CA PRO A 465 -20.62 -18.05 -35.49
C PRO A 465 -21.62 -17.50 -34.49
N ASN A 466 -22.54 -18.36 -34.07
CA ASN A 466 -23.59 -18.00 -33.12
C ASN A 466 -23.12 -18.36 -31.70
N TYR A 467 -22.90 -17.34 -30.89
CA TYR A 467 -22.43 -17.52 -29.52
C TYR A 467 -23.57 -17.33 -28.53
N ASP A 468 -23.53 -18.10 -27.44
CA ASP A 468 -24.46 -17.88 -26.33
C ASP A 468 -24.01 -16.68 -25.52
N MET A 469 -24.94 -15.75 -25.26
CA MET A 469 -24.60 -14.44 -24.71
C MET A 469 -24.78 -14.31 -23.20
N THR A 470 -25.27 -15.34 -22.50
CA THR A 470 -25.72 -15.12 -21.13
C THR A 470 -24.58 -14.66 -20.21
N LEU A 471 -23.53 -15.48 -20.10
CA LEU A 471 -22.45 -15.18 -19.19
C LEU A 471 -21.75 -13.88 -19.55
N THR A 472 -21.79 -13.51 -20.82
CA THR A 472 -21.26 -12.21 -21.24
C THR A 472 -22.24 -11.09 -20.92
N ASN A 473 -23.54 -11.34 -21.12
CA ASN A 473 -24.54 -10.30 -20.91
C ASN A 473 -24.53 -9.83 -19.47
N ALA A 474 -24.29 -10.73 -18.51
CA ALA A 474 -24.11 -10.28 -17.13
C ALA A 474 -22.99 -9.24 -17.03
N CYS A 475 -21.81 -9.59 -17.55
CA CYS A 475 -20.66 -8.68 -17.50
C CYS A 475 -21.02 -7.31 -18.07
N ILE A 476 -21.56 -7.26 -19.28
CA ILE A 476 -21.88 -5.96 -19.88
C ILE A 476 -22.89 -5.23 -19.01
N ALA A 477 -23.87 -5.95 -18.45
CA ALA A 477 -24.86 -5.30 -17.60
C ALA A 477 -24.17 -4.51 -16.49
N LEU A 478 -23.31 -5.17 -15.71
CA LEU A 478 -22.67 -4.48 -14.61
C LEU A 478 -21.75 -3.36 -15.11
N SER A 479 -20.89 -3.66 -16.09
CA SER A 479 -19.96 -2.65 -16.59
C SER A 479 -20.71 -1.40 -17.00
N GLN A 480 -21.78 -1.55 -17.79
CA GLN A 480 -22.60 -0.41 -18.15
C GLN A 480 -23.12 0.29 -16.92
N ARG A 481 -23.62 -0.47 -15.93
CA ARG A 481 -24.11 0.15 -14.70
C ARG A 481 -23.08 1.11 -14.13
N TRP A 482 -21.80 0.74 -14.14
CA TRP A 482 -20.80 1.63 -13.56
C TRP A 482 -20.43 2.78 -14.50
N ILE A 483 -20.38 2.51 -15.82
CA ILE A 483 -20.03 3.58 -16.74
C ILE A 483 -21.11 4.64 -16.78
N THR A 484 -22.38 4.24 -16.64
CA THR A 484 -23.49 5.18 -16.65
C THR A 484 -23.78 5.76 -15.27
N ALA A 485 -23.05 5.33 -14.24
CA ALA A 485 -23.36 5.73 -12.89
C ALA A 485 -23.07 7.22 -12.67
N LYS A 486 -23.89 7.83 -11.82
CA LYS A 486 -23.72 9.21 -11.38
C LYS A 486 -23.56 9.23 -9.87
N GLU A 487 -23.01 10.33 -9.35
CA GLU A 487 -22.73 10.44 -7.92
C GLU A 487 -23.92 9.98 -7.09
N ASP A 488 -25.13 10.40 -7.50
CA ASP A 488 -26.34 9.93 -6.82
C ASP A 488 -26.46 8.42 -6.83
N ASP A 489 -25.97 7.77 -7.89
CA ASP A 489 -26.14 6.33 -8.04
C ASP A 489 -25.15 5.51 -7.22
N LEU A 490 -23.97 6.08 -6.91
CA LEU A 490 -22.88 5.26 -6.36
C LEU A 490 -23.28 4.55 -5.08
N ASN A 491 -24.24 5.09 -4.33
CA ASN A 491 -24.59 4.48 -3.05
C ASN A 491 -25.37 3.19 -3.22
N SER A 492 -26.13 3.07 -4.31
CA SER A 492 -26.97 1.88 -4.50
C SER A 492 -26.12 0.63 -4.70
N PHE A 493 -24.90 0.77 -5.22
CA PHE A 493 -24.06 -0.39 -5.46
C PHE A 493 -23.84 -1.18 -4.19
N ASN A 494 -23.84 -2.51 -4.32
CA ASN A 494 -23.71 -3.41 -3.19
C ASN A 494 -22.68 -4.48 -3.51
N ALA A 495 -22.24 -5.18 -2.47
CA ALA A 495 -21.29 -6.28 -2.64
C ALA A 495 -21.94 -7.51 -3.26
N THR A 496 -23.28 -7.56 -3.32
CA THR A 496 -23.98 -8.72 -3.86
C THR A 496 -23.92 -8.80 -5.37
N ASP A 497 -23.51 -7.72 -6.06
CA ASP A 497 -23.49 -7.73 -7.52
C ASP A 497 -22.62 -8.84 -8.08
N LEU A 498 -21.68 -9.36 -7.29
CA LEU A 498 -20.80 -10.44 -7.73
C LEU A 498 -21.33 -11.82 -7.36
N LYS A 499 -22.54 -11.90 -6.80
CA LYS A 499 -23.05 -13.17 -6.29
C LYS A 499 -22.96 -14.28 -7.33
N ASP A 500 -23.53 -14.08 -8.51
CA ASP A 500 -23.24 -14.97 -9.62
C ASP A 500 -22.40 -14.19 -10.62
N LEU A 501 -21.09 -14.41 -10.55
CA LEU A 501 -20.12 -14.11 -11.58
C LEU A 501 -18.93 -15.03 -11.29
N SER A 502 -18.23 -15.44 -12.34
CA SER A 502 -17.01 -16.21 -12.09
C SER A 502 -15.83 -15.25 -12.01
N SER A 503 -14.65 -15.79 -11.73
CA SER A 503 -13.44 -14.99 -11.85
C SER A 503 -13.24 -14.57 -13.29
N HIS A 504 -13.57 -15.46 -14.23
CA HIS A 504 -13.48 -15.13 -15.65
CA HIS A 504 -13.47 -15.12 -15.65
C HIS A 504 -14.43 -13.99 -16.01
N GLN A 505 -15.66 -14.05 -15.48
CA GLN A 505 -16.63 -12.98 -15.72
C GLN A 505 -16.20 -11.68 -15.08
N LEU A 506 -15.61 -11.73 -13.88
CA LEU A 506 -15.09 -10.50 -13.28
C LEU A 506 -13.99 -9.90 -14.13
N ASN A 507 -13.11 -10.75 -14.67
CA ASN A 507 -12.07 -10.25 -15.55
C ASN A 507 -12.66 -9.57 -16.78
N GLU A 508 -13.66 -10.20 -17.40
CA GLU A 508 -14.30 -9.55 -18.55
C GLU A 508 -15.01 -8.26 -18.14
N PHE A 509 -15.54 -8.22 -16.91
CA PHE A 509 -16.20 -7.02 -16.41
C PHE A 509 -15.21 -5.86 -16.32
N LEU A 510 -14.03 -6.11 -15.75
CA LEU A 510 -13.05 -5.05 -15.66
C LEU A 510 -12.42 -4.73 -17.01
N ALA A 511 -12.42 -5.70 -17.94
CA ALA A 511 -11.95 -5.41 -19.29
C ALA A 511 -12.88 -4.45 -20.01
N GLN A 512 -14.19 -4.72 -19.94
CA GLN A 512 -15.16 -3.81 -20.55
C GLN A 512 -15.18 -2.46 -19.84
N THR A 513 -15.07 -2.46 -18.51
CA THR A 513 -15.11 -1.20 -17.78
C THR A 513 -13.85 -0.37 -18.00
N LEU A 514 -12.71 -1.03 -18.24
CA LEU A 514 -11.49 -0.32 -18.56
C LEU A 514 -11.45 0.14 -20.02
N GLN A 515 -12.20 -0.53 -20.89
CA GLN A 515 -12.27 -0.12 -22.29
C GLN A 515 -12.66 1.35 -22.42
N ARG A 516 -13.41 1.87 -21.45
CA ARG A 516 -14.10 3.15 -21.58
C ARG A 516 -13.34 4.36 -21.02
N ALA A 517 -12.07 4.21 -20.63
CA ALA A 517 -11.27 5.39 -20.32
C ALA A 517 -11.60 5.93 -18.92
N PRO A 518 -10.83 6.87 -18.39
CA PRO A 518 -10.89 7.17 -16.95
C PRO A 518 -12.31 7.37 -16.43
N LEU A 519 -12.50 6.96 -15.19
CA LEU A 519 -13.75 7.10 -14.46
C LEU A 519 -13.56 8.10 -13.32
N PRO A 520 -14.64 8.73 -12.86
CA PRO A 520 -14.52 9.62 -11.70
C PRO A 520 -13.85 8.90 -10.53
N LEU A 521 -12.89 9.59 -9.90
CA LEU A 521 -12.12 8.98 -8.82
C LEU A 521 -13.02 8.35 -7.77
N GLY A 522 -14.12 9.03 -7.42
CA GLY A 522 -15.02 8.50 -6.41
C GLY A 522 -15.74 7.25 -6.86
N HIS A 523 -15.94 7.10 -8.17
CA HIS A 523 -16.54 5.87 -8.69
C HIS A 523 -15.68 4.66 -8.36
N ILE A 524 -14.38 4.72 -8.68
CA ILE A 524 -13.53 3.56 -8.45
C ILE A 524 -13.21 3.41 -6.97
N LYS A 525 -13.13 4.52 -6.23
CA LYS A 525 -12.98 4.42 -4.78
C LYS A 525 -14.15 3.67 -4.17
N ARG A 526 -15.36 3.95 -4.67
CA ARG A 526 -16.52 3.16 -4.26
C ARG A 526 -16.37 1.70 -4.70
N MET A 527 -15.95 1.49 -5.95
CA MET A 527 -15.77 0.13 -6.46
C MET A 527 -14.86 -0.67 -5.54
N GLN A 528 -13.82 -0.03 -5.01
CA GLN A 528 -12.95 -0.68 -4.04
C GLN A 528 -13.68 -0.92 -2.73
N GLU A 529 -14.49 0.04 -2.29
CA GLU A 529 -15.19 -0.13 -1.02
C GLU A 529 -16.09 -1.36 -1.07
N VAL A 530 -16.94 -1.47 -2.09
CA VAL A 530 -17.91 -2.56 -2.12
C VAL A 530 -17.29 -3.87 -2.62
N TYR A 531 -16.49 -3.82 -3.68
CA TYR A 531 -15.99 -5.06 -4.29
C TYR A 531 -14.66 -5.54 -3.74
N ASN A 532 -13.94 -4.71 -2.99
CA ASN A 532 -12.65 -5.10 -2.40
C ASN A 532 -11.76 -5.80 -3.44
N PHE A 533 -11.61 -5.17 -4.61
CA PHE A 533 -10.77 -5.75 -5.64
C PHE A 533 -9.29 -5.72 -5.27
N ASN A 534 -8.90 -4.89 -4.31
CA ASN A 534 -7.50 -4.86 -3.87
C ASN A 534 -7.07 -6.21 -3.27
N ALA A 535 -8.02 -6.99 -2.75
CA ALA A 535 -7.67 -8.21 -2.03
C ALA A 535 -7.38 -9.40 -2.94
N ILE A 536 -7.86 -9.40 -4.18
CA ILE A 536 -7.71 -10.57 -5.04
C ILE A 536 -6.33 -10.57 -5.69
N ASN A 537 -5.64 -11.70 -5.61
CA ASN A 537 -4.29 -11.84 -6.15
CA ASN A 537 -4.30 -11.83 -6.16
C ASN A 537 -4.29 -12.40 -7.57
N ASN A 538 -5.45 -12.74 -8.12
CA ASN A 538 -5.53 -13.20 -9.50
C ASN A 538 -4.94 -12.15 -10.43
N SER A 539 -3.97 -12.56 -11.25
CA SER A 539 -3.14 -11.59 -11.96
C SER A 539 -3.89 -10.87 -13.08
N GLU A 540 -4.80 -11.55 -13.77
CA GLU A 540 -5.59 -10.91 -14.82
C GLU A 540 -6.46 -9.80 -14.23
N ILE A 541 -7.31 -10.18 -13.27
CA ILE A 541 -8.24 -9.22 -12.68
C ILE A 541 -7.47 -8.10 -11.99
N ARG A 542 -6.43 -8.44 -11.23
CA ARG A 542 -5.65 -7.42 -10.56
C ARG A 542 -5.00 -6.47 -11.56
N PHE A 543 -4.55 -7.01 -12.70
CA PHE A 543 -3.96 -6.18 -13.74
C PHE A 543 -4.98 -5.14 -14.23
N ARG A 544 -6.14 -5.61 -14.70
CA ARG A 544 -7.11 -4.66 -15.24
C ARG A 544 -7.62 -3.71 -14.16
N TRP A 545 -7.71 -4.18 -12.91
CA TRP A 545 -8.17 -3.33 -11.81
C TRP A 545 -7.15 -2.23 -11.50
N LEU A 546 -5.87 -2.57 -11.49
CA LEU A 546 -4.84 -1.56 -11.20
C LEU A 546 -4.70 -0.57 -12.34
N ARG A 547 -4.82 -1.03 -13.60
CA ARG A 547 -4.87 -0.07 -14.69
C ARG A 547 -6.06 0.85 -14.56
N LEU A 548 -7.22 0.29 -14.20
CA LEU A 548 -8.41 1.12 -13.99
C LEU A 548 -8.14 2.18 -12.92
N CYS A 549 -7.42 1.80 -11.85
CA CYS A 549 -7.13 2.77 -10.79
C CYS A 549 -6.16 3.85 -11.27
N ILE A 550 -5.07 3.45 -11.93
CA ILE A 550 -4.02 4.41 -12.28
C ILE A 550 -4.51 5.37 -13.36
N GLN A 551 -5.17 4.85 -14.40
CA GLN A 551 -5.70 5.73 -15.43
C GLN A 551 -6.77 6.67 -14.89
N SER A 552 -7.38 6.32 -13.76
CA SER A 552 -8.41 7.13 -13.12
C SER A 552 -7.81 8.12 -12.13
N LYS A 553 -6.48 8.23 -12.07
CA LYS A 553 -5.80 9.23 -11.25
C LYS A 553 -5.99 9.00 -9.75
N TRP A 554 -5.99 7.74 -9.33
CA TRP A 554 -5.99 7.39 -7.93
C TRP A 554 -4.56 7.13 -7.47
N GLU A 555 -4.06 7.98 -6.57
CA GLU A 555 -2.66 7.89 -6.16
C GLU A 555 -2.42 6.73 -5.22
N ASP A 556 -3.43 6.32 -4.46
CA ASP A 556 -3.27 5.21 -3.53
C ASP A 556 -2.88 3.91 -4.24
N ALA A 557 -3.19 3.78 -5.53
CA ALA A 557 -2.84 2.58 -6.28
C ALA A 557 -1.42 2.60 -6.82
N ILE A 558 -0.71 3.71 -6.67
CA ILE A 558 0.65 3.86 -7.19
C ILE A 558 1.51 2.73 -6.64
N PRO A 559 1.58 2.53 -5.32
CA PRO A 559 2.46 1.44 -4.83
C PRO A 559 2.06 0.07 -5.37
N LEU A 560 0.77 -0.26 -5.31
CA LEU A 560 0.31 -1.56 -5.81
C LEU A 560 0.72 -1.74 -7.26
N ALA A 561 0.31 -0.81 -8.13
CA ALA A 561 0.66 -0.89 -9.54
C ALA A 561 2.17 -1.08 -9.72
N LEU A 562 2.97 -0.44 -8.87
CA LEU A 562 4.41 -0.61 -8.98
C LEU A 562 4.82 -2.02 -8.60
N LYS A 563 4.37 -2.49 -7.44
CA LYS A 563 4.79 -3.81 -6.96
C LYS A 563 4.53 -4.87 -8.02
N MET A 564 3.29 -4.97 -8.48
CA MET A 564 2.96 -5.94 -9.51
C MET A 564 3.89 -5.79 -10.71
N ALA A 565 4.10 -4.55 -11.16
CA ALA A 565 4.95 -4.33 -12.32
C ALA A 565 6.29 -5.04 -12.16
N THR A 566 6.89 -4.96 -10.97
CA THR A 566 8.16 -5.61 -10.72
C THR A 566 8.04 -6.99 -10.07
N GLU A 567 6.85 -7.42 -9.65
CA GLU A 567 6.74 -8.72 -9.01
C GLU A 567 6.70 -9.85 -10.03
N GLN A 568 6.17 -9.58 -11.22
CA GLN A 568 6.13 -10.54 -12.31
C GLN A 568 6.79 -9.94 -13.53
N GLY A 569 7.26 -10.81 -14.43
CA GLY A 569 7.98 -10.36 -15.60
C GLY A 569 7.18 -10.43 -16.88
N ALA A 570 5.96 -10.95 -16.82
CA ALA A 570 5.13 -11.08 -18.00
C ALA A 570 4.97 -9.72 -18.68
N MET A 571 5.24 -9.67 -19.99
CA MET A 571 5.25 -8.39 -20.68
C MET A 571 3.84 -7.85 -20.85
N LYS A 572 2.87 -8.72 -21.13
CA LYS A 572 1.48 -8.29 -21.24
C LYS A 572 1.00 -7.59 -19.97
N PHE A 573 1.67 -7.82 -18.84
CA PHE A 573 1.38 -7.15 -17.58
C PHE A 573 2.37 -6.02 -17.30
N THR A 574 3.65 -6.34 -17.17
CA THR A 574 4.66 -5.35 -16.84
C THR A 574 4.60 -4.16 -17.79
N ARG A 575 4.66 -4.39 -19.10
CA ARG A 575 4.84 -3.28 -20.03
C ARG A 575 3.68 -2.30 -20.00
N PRO A 576 2.41 -2.74 -20.04
CA PRO A 576 1.32 -1.76 -19.92
C PRO A 576 1.27 -1.06 -18.58
N LEU A 577 1.63 -1.74 -17.49
CA LEU A 577 1.61 -1.09 -16.18
C LEU A 577 2.64 0.03 -16.13
N PHE A 578 3.85 -0.21 -16.63
CA PHE A 578 4.84 0.86 -16.70
C PHE A 578 4.41 1.94 -17.67
N LYS A 579 3.72 1.58 -18.76
CA LYS A 579 3.20 2.58 -19.68
C LYS A 579 2.25 3.53 -18.95
N ASP A 580 1.27 2.98 -18.25
CA ASP A 580 0.31 3.85 -17.54
C ASP A 580 1.00 4.66 -16.39
N LEU A 581 1.84 3.97 -15.60
CA LEU A 581 2.53 4.64 -14.51
C LEU A 581 3.41 5.78 -15.02
N ALA A 582 3.91 5.67 -16.24
CA ALA A 582 4.60 6.78 -16.87
C ALA A 582 3.62 7.86 -17.31
N ALA A 583 2.53 7.46 -17.96
CA ALA A 583 1.55 8.42 -18.44
C ALA A 583 0.90 9.20 -17.32
N PHE A 584 0.89 8.65 -16.10
CA PHE A 584 0.37 9.38 -14.95
C PHE A 584 1.44 10.35 -14.47
N ASP A 585 1.13 11.65 -14.51
CA ASP A 585 2.15 12.65 -14.23
C ASP A 585 2.54 12.67 -12.76
N LYS A 586 1.70 12.13 -11.88
CA LYS A 586 2.03 12.10 -10.46
C LYS A 586 3.07 11.03 -10.15
N SER A 587 2.95 9.85 -10.77
CA SER A 587 3.80 8.71 -10.49
C SER A 587 4.97 8.55 -11.47
N HIS A 588 5.08 9.43 -12.47
CA HIS A 588 6.03 9.19 -13.55
C HIS A 588 7.45 9.02 -13.03
N ASP A 589 7.95 10.04 -12.32
CA ASP A 589 9.31 10.00 -11.81
C ASP A 589 9.55 8.72 -11.00
N GLN A 590 8.63 8.41 -10.09
CA GLN A 590 8.80 7.25 -9.23
C GLN A 590 8.89 5.97 -10.04
N ALA A 591 8.07 5.85 -11.10
CA ALA A 591 8.14 4.66 -11.94
C ALA A 591 9.48 4.58 -12.66
N VAL A 592 10.01 5.73 -13.10
CA VAL A 592 11.32 5.73 -13.75
C VAL A 592 12.37 5.19 -12.80
N ARG A 593 12.50 5.80 -11.61
CA ARG A 593 13.55 5.38 -10.70
C ARG A 593 13.35 3.95 -10.20
N THR A 594 12.10 3.50 -10.13
CA THR A 594 11.85 2.10 -9.79
C THR A 594 12.35 1.18 -10.87
N TYR A 595 12.11 1.53 -12.14
CA TYR A 595 12.71 0.79 -13.24
C TYR A 595 14.22 0.73 -13.07
N GLN A 596 14.87 1.87 -12.88
CA GLN A 596 16.31 1.88 -12.66
C GLN A 596 16.70 0.98 -11.50
N GLU A 597 15.80 0.82 -10.52
CA GLU A 597 16.12 0.01 -9.36
C GLU A 597 16.09 -1.47 -9.69
N HIS A 598 15.01 -1.95 -10.32
CA HIS A 598 14.78 -3.37 -10.50
C HIS A 598 15.24 -3.91 -11.85
N LYS A 599 15.76 -3.08 -12.75
CA LYS A 599 15.97 -3.53 -14.12
C LYS A 599 17.01 -4.65 -14.20
N ALA A 600 17.95 -4.70 -13.26
CA ALA A 600 18.98 -5.74 -13.30
C ALA A 600 18.37 -7.12 -13.12
N SER A 601 17.33 -7.23 -12.30
CA SER A 601 16.66 -8.50 -12.08
C SER A 601 15.60 -8.81 -13.13
N MET A 602 15.27 -7.85 -13.99
CA MET A 602 14.29 -8.09 -15.04
C MET A 602 14.89 -8.93 -16.15
N HIS A 603 14.01 -9.60 -16.90
CA HIS A 603 14.45 -10.29 -18.10
C HIS A 603 15.13 -9.30 -19.03
N PRO A 604 16.22 -9.69 -19.69
CA PRO A 604 16.95 -8.71 -20.53
C PRO A 604 16.07 -8.00 -21.55
N VAL A 605 15.07 -8.69 -22.10
CA VAL A 605 14.21 -8.08 -23.11
C VAL A 605 13.27 -7.06 -22.47
N THR A 606 12.54 -7.49 -21.44
CA THR A 606 11.62 -6.59 -20.75
C THR A 606 12.33 -5.38 -20.19
N ALA A 607 13.65 -5.46 -20.00
CA ALA A 607 14.41 -4.36 -19.43
C ALA A 607 14.56 -3.24 -20.45
N MET A 608 15.24 -3.52 -21.57
CA MET A 608 15.40 -2.50 -22.59
C MET A 608 14.05 -2.07 -23.18
N LEU A 609 13.06 -2.96 -23.18
CA LEU A 609 11.78 -2.58 -23.75
C LEU A 609 11.04 -1.61 -22.85
N VAL A 610 10.90 -1.95 -21.56
CA VAL A 610 10.29 -1.01 -20.62
C VAL A 610 11.13 0.25 -20.51
N GLY A 611 12.44 0.15 -20.75
CA GLY A 611 13.29 1.31 -20.66
C GLY A 611 13.13 2.25 -21.83
N LYS A 612 12.90 1.69 -23.02
CA LYS A 612 12.59 2.53 -24.18
C LYS A 612 11.21 3.15 -24.04
N ASP A 613 10.24 2.39 -23.52
CA ASP A 613 8.94 2.97 -23.23
C ASP A 613 9.05 4.10 -22.21
N LEU A 614 9.98 3.98 -21.25
CA LEU A 614 10.22 5.04 -20.27
C LEU A 614 11.18 6.10 -20.78
N LYS A 615 11.72 5.96 -21.99
CA LYS A 615 12.63 6.94 -22.57
C LYS A 615 13.83 7.18 -21.64
N VAL A 616 14.64 6.14 -21.52
CA VAL A 616 15.85 6.19 -20.70
C VAL A 616 17.09 6.24 -21.58
N ILE B 10 16.19 -39.95 36.89
CA ILE B 10 15.20 -39.12 37.57
C ILE B 10 15.83 -37.81 37.99
N VAL B 11 16.68 -37.25 37.12
CA VAL B 11 17.38 -36.02 37.44
C VAL B 11 16.42 -34.83 37.41
N ASP B 12 15.68 -34.65 36.31
CA ASP B 12 14.76 -33.54 36.23
C ASP B 12 13.50 -33.93 36.97
N THR B 13 13.20 -33.21 38.04
CA THR B 13 12.05 -33.50 38.88
C THR B 13 10.76 -32.86 38.39
N CYS B 14 10.82 -32.00 37.38
CA CYS B 14 9.64 -31.33 36.83
C CYS B 14 9.09 -32.03 35.60
N SER B 15 9.67 -33.16 35.18
CA SER B 15 9.26 -33.86 33.98
C SER B 15 8.87 -35.29 34.32
N LEU B 16 7.71 -35.72 33.82
CA LEU B 16 7.29 -37.11 33.95
C LEU B 16 7.78 -37.97 32.79
N ALA B 17 8.30 -37.36 31.73
CA ALA B 17 8.76 -38.10 30.57
C ALA B 17 10.03 -38.87 30.90
N SER B 18 10.32 -39.87 30.07
CA SER B 18 11.53 -40.66 30.24
C SER B 18 12.75 -39.74 30.27
N PRO B 19 13.74 -40.00 31.11
CA PRO B 19 14.91 -39.11 31.19
C PRO B 19 15.82 -39.27 29.98
N ALA B 20 16.69 -38.27 29.80
CA ALA B 20 17.63 -38.27 28.69
C ALA B 20 18.58 -39.46 28.73
N SER B 21 18.69 -40.13 29.87
CA SER B 21 19.52 -41.33 29.96
C SER B 21 18.83 -42.56 29.38
N VAL B 22 17.56 -42.46 29.03
CA VAL B 22 16.81 -43.57 28.45
C VAL B 22 16.66 -43.34 26.95
N CYS B 23 15.97 -42.27 26.56
CA CYS B 23 15.80 -41.93 25.15
C CYS B 23 15.80 -40.42 25.00
N ARG B 24 16.16 -39.96 23.80
CA ARG B 24 16.35 -38.54 23.53
C ARG B 24 15.66 -38.17 22.22
N THR B 25 14.80 -37.16 22.27
CA THR B 25 14.14 -36.64 21.07
C THR B 25 15.11 -35.71 20.35
N LYS B 26 15.49 -36.06 19.12
CA LYS B 26 16.38 -35.22 18.32
C LYS B 26 15.67 -34.33 17.31
N HIS B 27 14.41 -34.61 16.98
CA HIS B 27 13.74 -33.81 15.96
C HIS B 27 12.22 -33.89 16.15
N LEU B 28 11.55 -32.81 15.78
CA LEU B 28 10.10 -32.72 15.81
C LEU B 28 9.60 -32.22 14.47
N HIS B 29 8.61 -32.89 13.90
CA HIS B 29 7.88 -32.37 12.75
C HIS B 29 6.46 -32.08 13.19
N LEU B 30 6.13 -30.81 13.31
CA LEU B 30 4.82 -30.37 13.78
C LEU B 30 3.97 -29.98 12.58
N ARG B 31 2.75 -30.51 12.53
CA ARG B 31 1.78 -30.15 11.51
C ARG B 31 0.47 -29.86 12.23
N CYS B 32 0.00 -28.61 12.17
CA CYS B 32 -1.14 -28.24 13.00
C CYS B 32 -1.91 -27.10 12.34
N SER B 33 -3.14 -26.91 12.81
CA SER B 33 -4.01 -25.83 12.36
C SER B 33 -4.60 -25.12 13.58
N VAL B 34 -4.66 -23.80 13.51
CA VAL B 34 -5.12 -22.96 14.62
C VAL B 34 -6.59 -22.59 14.37
N ASP B 35 -7.47 -23.00 15.27
CA ASP B 35 -8.89 -22.69 15.19
C ASP B 35 -9.22 -21.67 16.28
N PHE B 36 -9.49 -20.42 15.86
CA PHE B 36 -9.80 -19.37 16.81
C PHE B 36 -11.23 -19.47 17.36
N THR B 37 -12.11 -20.21 16.69
CA THR B 37 -13.49 -20.33 17.14
C THR B 37 -13.57 -21.09 18.46
N ARG B 38 -13.03 -22.31 18.49
CA ARG B 38 -13.03 -23.14 19.69
C ARG B 38 -11.70 -23.11 20.43
N ARG B 39 -10.71 -22.35 19.96
CA ARG B 39 -9.44 -22.16 20.65
C ARG B 39 -8.73 -23.49 20.87
N THR B 40 -8.22 -24.05 19.78
CA THR B 40 -7.53 -25.33 19.83
C THR B 40 -6.44 -25.39 18.77
N LEU B 41 -5.45 -26.24 19.04
CA LEU B 41 -4.44 -26.62 18.06
C LEU B 41 -4.59 -28.12 17.82
N THR B 42 -5.03 -28.48 16.63
CA THR B 42 -5.20 -29.88 16.24
C THR B 42 -4.17 -30.24 15.19
N GLY B 43 -3.58 -31.41 15.31
CA GLY B 43 -2.63 -31.85 14.30
C GLY B 43 -1.81 -33.03 14.77
N THR B 44 -0.66 -33.19 14.14
CA THR B 44 0.22 -34.32 14.38
C THR B 44 1.62 -33.83 14.76
N ALA B 45 2.24 -34.53 15.70
CA ALA B 45 3.62 -34.26 16.12
C ALA B 45 4.43 -35.53 15.88
N ALA B 46 5.39 -35.45 14.97
CA ALA B 46 6.24 -36.58 14.63
C ALA B 46 7.59 -36.38 15.31
N LEU B 47 7.85 -37.19 16.32
CA LEU B 47 9.08 -37.10 17.10
C LEU B 47 10.06 -38.16 16.63
N THR B 48 11.29 -37.74 16.35
CA THR B 48 12.39 -38.67 16.06
C THR B 48 13.12 -38.91 17.38
N VAL B 49 13.00 -40.13 17.90
CA VAL B 49 13.50 -40.46 19.22
C VAL B 49 14.60 -41.52 19.09
N GLN B 50 15.69 -41.31 19.83
CA GLN B 50 16.87 -42.14 19.78
C GLN B 50 17.04 -42.83 21.13
N SER B 51 17.12 -44.16 21.11
CA SER B 51 17.22 -44.92 22.36
C SER B 51 18.65 -44.86 22.90
N GLN B 52 18.76 -44.71 24.22
CA GLN B 52 20.03 -44.77 24.91
C GLN B 52 20.31 -46.13 25.52
N GLU B 53 19.37 -47.07 25.43
CA GLU B 53 19.52 -48.37 26.05
C GLU B 53 19.11 -49.46 25.06
N ASP B 54 19.63 -50.66 25.28
CA ASP B 54 19.19 -51.83 24.53
C ASP B 54 17.87 -52.32 25.11
N ASN B 55 17.07 -52.96 24.25
CA ASN B 55 15.79 -53.54 24.65
C ASN B 55 14.87 -52.50 25.26
N LEU B 56 14.69 -51.37 24.57
CA LEU B 56 13.78 -50.32 25.00
C LEU B 56 12.43 -50.57 24.34
N ARG B 57 11.45 -51.01 25.14
CA ARG B 57 10.14 -51.39 24.62
C ARG B 57 9.05 -50.34 24.81
N SER B 58 9.32 -49.24 25.52
CA SER B 58 8.30 -48.23 25.75
C SER B 58 8.98 -46.92 26.14
N LEU B 59 8.22 -45.83 26.06
CA LEU B 59 8.72 -44.55 26.56
C LEU B 59 7.56 -43.72 27.08
N VAL B 60 7.89 -42.72 27.92
CA VAL B 60 6.92 -41.84 28.52
C VAL B 60 7.15 -40.42 28.01
N LEU B 61 6.06 -39.69 27.80
CA LEU B 61 6.09 -38.30 27.37
C LEU B 61 5.26 -37.46 28.32
N ASP B 62 5.49 -36.16 28.27
CA ASP B 62 4.74 -35.20 29.09
C ASP B 62 3.47 -34.78 28.36
N THR B 63 2.37 -34.69 29.11
CA THR B 63 1.09 -34.25 28.59
C THR B 63 0.44 -33.34 29.61
N LYS B 64 -0.26 -32.30 29.14
CA LYS B 64 -1.16 -31.54 30.00
C LYS B 64 -2.44 -31.21 29.22
N ASP B 65 -3.56 -31.76 29.68
CA ASP B 65 -4.87 -31.47 29.08
C ASP B 65 -4.84 -31.61 27.56
N LEU B 66 -4.09 -32.60 27.06
CA LEU B 66 -4.07 -32.89 25.63
C LEU B 66 -4.97 -34.09 25.34
N THR B 67 -5.65 -34.04 24.20
CA THR B 67 -6.53 -35.10 23.76
C THR B 67 -5.81 -35.88 22.66
N ILE B 68 -5.46 -37.13 22.96
CA ILE B 68 -4.69 -37.95 22.03
C ILE B 68 -5.68 -38.75 21.17
N GLU B 69 -5.68 -38.48 19.87
CA GLU B 69 -6.53 -39.26 18.97
C GLU B 69 -5.91 -40.63 18.70
N LYS B 70 -4.64 -40.65 18.30
CA LYS B 70 -3.96 -41.91 18.01
C LYS B 70 -2.46 -41.69 18.06
N VAL B 71 -1.74 -42.79 18.23
CA VAL B 71 -0.27 -42.83 18.16
C VAL B 71 0.11 -43.87 17.10
N VAL B 72 0.93 -43.47 16.14
CA VAL B 72 1.28 -44.30 14.99
C VAL B 72 2.79 -44.42 14.91
N ILE B 73 3.26 -45.64 14.67
CA ILE B 73 4.67 -45.96 14.48
C ILE B 73 4.78 -46.87 13.26
N ASN B 74 5.54 -46.43 12.25
CA ASN B 74 5.77 -47.23 11.04
C ASN B 74 4.45 -47.57 10.34
N GLY B 75 3.59 -46.56 10.21
CA GLY B 75 2.33 -46.74 9.52
C GLY B 75 1.34 -47.64 10.23
N GLN B 76 1.57 -47.95 11.51
CA GLN B 76 0.69 -48.82 12.28
C GLN B 76 0.37 -48.17 13.62
N GLU B 77 -0.90 -48.20 13.99
CA GLU B 77 -1.30 -47.66 15.29
C GLU B 77 -0.76 -48.54 16.41
N VAL B 78 -0.26 -47.90 17.46
CA VAL B 78 0.25 -48.59 18.63
C VAL B 78 -0.58 -48.16 19.83
N LYS B 79 -0.59 -49.02 20.85
CA LYS B 79 -1.36 -48.73 22.06
C LYS B 79 -0.60 -47.76 22.94
N TYR B 80 -1.35 -46.86 23.58
CA TYR B 80 -0.79 -45.88 24.50
C TYR B 80 -1.72 -45.75 25.69
N ALA B 81 -1.21 -45.15 26.76
CA ALA B 81 -2.01 -44.97 27.98
C ALA B 81 -1.64 -43.66 28.64
N LEU B 82 -2.63 -42.98 29.21
CA LEU B 82 -2.42 -41.70 29.88
C LEU B 82 -2.69 -41.87 31.37
N GLY B 83 -1.66 -41.66 32.18
CA GLY B 83 -1.78 -41.81 33.61
C GLY B 83 -2.54 -40.67 34.25
N GLU B 84 -2.61 -40.74 35.57
CA GLU B 84 -3.32 -39.71 36.33
C GLU B 84 -2.59 -38.39 36.26
N ARG B 85 -3.34 -37.30 36.18
CA ARG B 85 -2.75 -35.98 36.24
C ARG B 85 -2.16 -35.73 37.61
N GLN B 86 -0.97 -35.14 37.65
CA GLN B 86 -0.39 -34.66 38.89
C GLN B 86 -0.31 -33.13 38.79
N SER B 87 -1.28 -32.45 39.39
CA SER B 87 -1.24 -31.01 39.59
C SER B 87 -0.70 -30.27 38.37
N TYR B 88 0.32 -29.43 38.59
CA TYR B 88 0.91 -28.62 37.54
C TYR B 88 1.73 -29.45 36.56
N LYS B 89 2.08 -30.69 36.90
CA LYS B 89 2.92 -31.50 36.02
C LYS B 89 2.12 -32.18 34.92
N GLY B 90 0.80 -32.25 35.06
CA GLY B 90 -0.03 -32.87 34.04
C GLY B 90 -0.07 -34.38 34.17
N SER B 91 -0.33 -35.04 33.04
CA SER B 91 -0.39 -36.48 33.00
C SER B 91 0.74 -37.05 32.15
N PRO B 92 1.31 -38.20 32.53
CA PRO B 92 2.26 -38.88 31.65
C PRO B 92 1.53 -39.69 30.58
N MET B 93 2.16 -39.78 29.41
CA MET B 93 1.65 -40.56 28.30
C MET B 93 2.66 -41.65 27.97
N GLU B 94 2.30 -42.90 28.24
CA GLU B 94 3.17 -44.04 27.99
C GLU B 94 2.83 -44.64 26.64
N ILE B 95 3.88 -44.94 25.87
CA ILE B 95 3.77 -45.48 24.52
C ILE B 95 4.51 -46.82 24.49
N SER B 96 3.81 -47.86 24.02
CA SER B 96 4.38 -49.17 23.83
C SER B 96 4.89 -49.31 22.40
N LEU B 97 6.14 -49.70 22.26
CA LEU B 97 6.78 -49.75 20.95
C LEU B 97 6.60 -51.12 20.31
N PRO B 98 6.54 -51.18 18.97
CA PRO B 98 6.31 -52.49 18.32
C PRO B 98 7.42 -53.49 18.57
N ILE B 99 8.68 -53.07 18.44
CA ILE B 99 9.83 -53.97 18.58
C ILE B 99 10.85 -53.28 19.46
N ALA B 100 11.61 -54.09 20.20
CA ALA B 100 12.60 -53.56 21.13
C ALA B 100 13.76 -52.92 20.36
N LEU B 101 14.06 -51.67 20.70
CA LEU B 101 15.14 -50.93 20.06
C LEU B 101 16.46 -51.19 20.77
N SER B 102 17.53 -51.28 19.98
CA SER B 102 18.86 -51.36 20.55
C SER B 102 19.36 -49.94 20.87
N LYS B 103 20.55 -49.86 21.45
CA LYS B 103 21.10 -48.55 21.81
C LYS B 103 21.45 -47.77 20.56
N ASN B 104 21.08 -46.49 20.54
CA ASN B 104 21.31 -45.54 19.46
C ASN B 104 20.38 -45.74 18.28
N GLN B 105 19.51 -46.75 18.30
CA GLN B 105 18.52 -46.89 17.24
C GLN B 105 17.46 -45.81 17.36
N GLU B 106 17.00 -45.31 16.21
CA GLU B 106 16.04 -44.23 16.14
C GLU B 106 14.70 -44.75 15.62
N ILE B 107 13.62 -44.08 16.01
CA ILE B 107 12.28 -44.39 15.52
C ILE B 107 11.50 -43.08 15.47
N VAL B 108 10.49 -43.05 14.61
CA VAL B 108 9.66 -41.85 14.40
C VAL B 108 8.24 -42.17 14.86
N ILE B 109 7.78 -41.44 15.87
CA ILE B 109 6.46 -41.65 16.46
C ILE B 109 5.60 -40.44 16.10
N GLU B 110 4.48 -40.69 15.42
CA GLU B 110 3.55 -39.61 15.07
C GLU B 110 2.37 -39.66 16.02
N ILE B 111 2.09 -38.54 16.69
CA ILE B 111 1.07 -38.46 17.72
C ILE B 111 0.05 -37.41 17.30
N SER B 112 -1.21 -37.82 17.17
CA SER B 112 -2.29 -36.91 16.79
C SER B 112 -2.93 -36.33 18.05
N PHE B 113 -2.96 -35.01 18.15
CA PHE B 113 -3.34 -34.34 19.40
C PHE B 113 -4.20 -33.11 19.11
N GLU B 114 -4.91 -32.69 20.16
CA GLU B 114 -5.70 -31.46 20.16
C GLU B 114 -5.55 -30.80 21.53
N THR B 115 -5.16 -29.52 21.52
CA THR B 115 -4.97 -28.79 22.77
C THR B 115 -6.32 -28.37 23.37
N SER B 116 -6.30 -28.08 24.69
CA SER B 116 -7.48 -27.59 25.36
C SER B 116 -7.53 -26.06 25.30
N PRO B 117 -8.73 -25.47 25.26
CA PRO B 117 -8.80 -24.00 25.25
C PRO B 117 -8.15 -23.35 26.46
N LYS B 118 -8.15 -24.04 27.61
CA LYS B 118 -7.58 -23.51 28.84
C LYS B 118 -6.10 -23.84 28.99
N SER B 119 -5.47 -24.42 27.97
CA SER B 119 -4.08 -24.79 28.07
C SER B 119 -3.24 -23.61 28.52
N SER B 120 -2.48 -23.81 29.60
CA SER B 120 -1.67 -22.73 30.17
C SER B 120 -0.53 -22.29 29.26
N ALA B 121 -0.25 -23.05 28.19
CA ALA B 121 0.82 -22.68 27.28
C ALA B 121 0.39 -21.60 26.30
N LEU B 122 -0.90 -21.51 26.00
CA LEU B 122 -1.41 -20.64 24.94
C LEU B 122 -2.21 -19.49 25.55
N GLN B 123 -1.92 -18.28 25.10
CA GLN B 123 -2.69 -17.08 25.43
C GLN B 123 -3.47 -16.70 24.17
N TRP B 124 -4.79 -16.88 24.24
CA TRP B 124 -5.71 -16.50 23.17
C TRP B 124 -6.29 -15.13 23.50
N LEU B 125 -5.92 -14.12 22.73
CA LEU B 125 -6.37 -12.76 22.94
C LEU B 125 -7.56 -12.46 22.04
N THR B 126 -8.63 -11.95 22.64
CA THR B 126 -9.82 -11.54 21.92
C THR B 126 -9.52 -10.27 21.12
N PRO B 127 -10.31 -9.99 20.08
CA PRO B 127 -10.06 -8.76 19.29
C PRO B 127 -9.99 -7.49 20.13
N GLU B 128 -10.83 -7.39 21.17
CA GLU B 128 -10.83 -6.20 22.01
C GLU B 128 -9.50 -6.04 22.75
N GLN B 129 -8.74 -7.10 22.92
CA GLN B 129 -7.47 -7.07 23.64
C GLN B 129 -6.28 -6.77 22.74
N THR B 130 -6.50 -6.52 21.45
CA THR B 130 -5.44 -6.15 20.53
C THR B 130 -5.50 -4.65 20.25
N SER B 131 -4.53 -4.16 19.47
CA SER B 131 -4.51 -2.77 19.08
C SER B 131 -5.32 -2.49 17.81
N GLY B 132 -5.63 -3.52 17.02
CA GLY B 132 -6.43 -3.33 15.83
C GLY B 132 -7.91 -3.46 16.08
N LYS B 133 -8.29 -4.23 17.10
CA LYS B 133 -9.68 -4.42 17.51
C LYS B 133 -10.50 -5.22 16.49
N GLU B 134 -10.00 -5.39 15.27
CA GLU B 134 -10.72 -6.16 14.25
C GLU B 134 -10.47 -7.66 14.34
N HIS B 135 -9.26 -8.08 14.66
CA HIS B 135 -8.84 -9.47 14.54
C HIS B 135 -8.43 -10.05 15.89
N PRO B 136 -8.43 -11.38 16.02
CA PRO B 136 -7.94 -12.01 17.25
C PRO B 136 -6.42 -12.17 17.23
N TYR B 137 -5.89 -12.72 18.31
CA TYR B 137 -4.44 -12.84 18.45
C TYR B 137 -4.13 -14.05 19.31
N LEU B 138 -2.91 -14.58 19.17
CA LEU B 138 -2.50 -15.75 19.91
C LEU B 138 -0.99 -15.71 20.11
N PHE B 139 -0.54 -16.12 21.29
CA PHE B 139 0.90 -16.28 21.51
C PHE B 139 1.13 -17.30 22.60
N SER B 140 2.30 -17.94 22.57
CA SER B 140 2.62 -19.05 23.46
C SER B 140 3.63 -18.63 24.52
N GLN B 141 3.37 -19.02 25.77
CA GLN B 141 4.38 -19.00 26.82
C GLN B 141 4.61 -20.45 27.26
N CYS B 142 5.73 -21.02 26.81
CA CYS B 142 6.08 -22.40 27.17
C CYS B 142 6.86 -22.48 28.49
N GLN B 143 7.80 -21.57 28.70
CA GLN B 143 8.65 -21.60 29.88
C GLN B 143 7.79 -21.44 31.16
N ALA B 144 8.09 -22.18 32.23
CA ALA B 144 9.15 -23.18 32.29
C ALA B 144 8.67 -24.49 31.69
N ILE B 145 7.70 -25.14 32.34
CA ILE B 145 7.15 -26.37 31.80
C ILE B 145 5.70 -26.17 31.40
N HIS B 146 5.47 -25.56 30.23
CA HIS B 146 4.16 -25.57 29.61
C HIS B 146 4.11 -26.19 28.22
N CYS B 147 5.25 -26.55 27.63
CA CYS B 147 5.24 -27.08 26.28
C CYS B 147 4.47 -28.41 26.21
N ARG B 148 4.36 -29.11 27.34
CA ARG B 148 3.55 -30.32 27.40
C ARG B 148 2.07 -30.02 27.23
N ALA B 149 1.66 -28.77 27.45
CA ALA B 149 0.27 -28.37 27.24
C ALA B 149 -0.05 -28.07 25.78
N ILE B 150 0.96 -28.08 24.90
CA ILE B 150 0.79 -27.87 23.47
C ILE B 150 0.80 -29.23 22.78
N LEU B 151 1.95 -29.88 22.78
CA LEU B 151 2.14 -31.16 22.11
C LEU B 151 2.83 -32.13 23.04
N PRO B 152 2.58 -33.43 22.89
CA PRO B 152 3.31 -34.41 23.70
C PRO B 152 4.79 -34.40 23.34
N CYS B 153 5.63 -34.37 24.37
CA CYS B 153 7.07 -34.28 24.16
C CYS B 153 7.75 -34.75 25.45
N GLN B 154 9.08 -34.71 25.43
CA GLN B 154 9.84 -34.77 26.66
C GLN B 154 9.98 -33.32 27.12
N ASP B 155 9.29 -32.97 28.20
CA ASP B 155 9.22 -31.57 28.61
C ASP B 155 10.30 -31.27 29.62
N THR B 156 11.53 -31.22 29.16
CA THR B 156 12.68 -31.04 30.04
C THR B 156 13.80 -30.39 29.23
N PRO B 157 14.52 -29.43 29.80
CA PRO B 157 15.59 -28.77 29.04
C PRO B 157 16.78 -29.67 28.76
N SER B 158 16.89 -30.81 29.45
CA SER B 158 17.97 -31.75 29.17
C SER B 158 17.94 -32.27 27.75
N VAL B 159 16.79 -32.23 27.09
CA VAL B 159 16.65 -32.73 25.73
C VAL B 159 16.63 -31.54 24.77
N LYS B 160 17.60 -31.50 23.87
CA LYS B 160 17.67 -30.50 22.82
C LYS B 160 17.41 -31.15 21.48
N LEU B 161 16.48 -30.59 20.70
CA LEU B 161 16.07 -31.15 19.43
C LEU B 161 15.93 -30.05 18.40
N THR B 162 15.90 -30.43 17.13
CA THR B 162 15.51 -29.52 16.08
C THR B 162 14.04 -29.73 15.76
N TYR B 163 13.49 -28.88 14.86
CA TYR B 163 12.12 -29.09 14.47
C TYR B 163 11.83 -28.39 13.14
N THR B 164 10.76 -28.82 12.49
CA THR B 164 10.19 -28.19 11.31
C THR B 164 8.69 -28.21 11.48
N ALA B 165 8.01 -27.15 11.04
CA ALA B 165 6.59 -26.98 11.35
C ALA B 165 5.81 -26.46 10.15
N GLU B 166 4.54 -26.85 10.09
CA GLU B 166 3.58 -26.38 9.09
C GLU B 166 2.30 -26.00 9.83
N VAL B 167 1.92 -24.72 9.74
CA VAL B 167 0.85 -24.16 10.55
C VAL B 167 -0.21 -23.58 9.64
N SER B 168 -1.44 -24.07 9.78
CA SER B 168 -2.57 -23.60 8.98
C SER B 168 -3.34 -22.57 9.79
N VAL B 169 -3.53 -21.38 9.20
CA VAL B 169 -4.25 -20.31 9.89
C VAL B 169 -5.25 -19.69 8.93
N PRO B 170 -6.21 -18.92 9.45
CA PRO B 170 -7.08 -18.14 8.56
C PRO B 170 -6.25 -17.29 7.60
N LYS B 171 -6.66 -17.27 6.34
CA LYS B 171 -5.85 -16.64 5.29
C LYS B 171 -5.56 -15.17 5.60
N GLU B 172 -6.36 -14.53 6.44
CA GLU B 172 -6.18 -13.11 6.76
C GLU B 172 -5.21 -12.88 7.89
N LEU B 173 -4.58 -13.94 8.41
CA LEU B 173 -3.63 -13.83 9.51
C LEU B 173 -2.28 -14.39 9.09
N VAL B 174 -1.26 -14.02 9.84
CA VAL B 174 0.11 -14.47 9.64
C VAL B 174 0.53 -15.29 10.85
N ALA B 175 1.44 -16.23 10.62
CA ALA B 175 1.97 -17.08 11.67
C ALA B 175 3.48 -16.93 11.73
N LEU B 176 4.01 -16.79 12.94
CA LEU B 176 5.43 -16.78 13.21
C LEU B 176 5.73 -17.83 14.29
N MET B 177 6.91 -18.42 14.20
CA MET B 177 7.39 -19.37 15.20
C MET B 177 8.80 -18.97 15.59
N SER B 178 9.41 -19.71 16.52
CA SER B 178 10.82 -19.48 16.81
C SER B 178 11.58 -20.37 15.84
N ALA B 179 12.03 -19.78 14.73
CA ALA B 179 12.57 -20.55 13.62
C ALA B 179 12.76 -19.63 12.41
N ILE B 180 13.35 -20.16 11.36
CA ILE B 180 13.44 -19.47 10.08
C ILE B 180 12.13 -19.66 9.31
N ARG B 181 11.72 -18.62 8.60
CA ARG B 181 10.53 -18.69 7.77
C ARG B 181 10.86 -19.39 6.45
N ASP B 182 10.18 -20.49 6.19
CA ASP B 182 10.31 -21.28 4.96
C ASP B 182 9.26 -20.90 3.90
N GLY B 183 8.65 -19.71 4.03
CA GLY B 183 7.53 -19.19 3.25
C GLY B 183 6.19 -19.88 3.48
N GLU B 184 5.35 -19.99 2.44
CA GLU B 184 3.93 -20.21 2.68
C GLU B 184 3.27 -20.75 1.41
N THR B 185 2.12 -21.38 1.60
CA THR B 185 1.31 -21.87 0.49
C THR B 185 -0.15 -21.80 0.88
N PRO B 186 -1.07 -21.79 -0.09
CA PRO B 186 -2.48 -21.99 0.25
C PRO B 186 -2.69 -23.34 0.88
N ASP B 187 -3.73 -23.44 1.70
CA ASP B 187 -4.06 -24.69 2.36
C ASP B 187 -4.80 -25.60 1.38
N PRO B 188 -4.28 -26.79 1.06
CA PRO B 188 -4.96 -27.63 0.05
C PRO B 188 -6.37 -28.02 0.43
N GLU B 189 -6.67 -28.17 1.72
CA GLU B 189 -8.00 -28.63 2.15
C GLU B 189 -8.94 -27.51 2.57
N ASP B 190 -8.48 -26.26 2.68
CA ASP B 190 -9.31 -25.17 3.18
C ASP B 190 -8.98 -23.86 2.47
N PRO B 191 -9.66 -23.55 1.35
CA PRO B 191 -9.35 -22.29 0.62
C PRO B 191 -9.33 -21.04 1.49
N SER B 192 -9.95 -21.10 2.68
CA SER B 192 -9.99 -19.97 3.59
C SER B 192 -8.79 -19.93 4.55
N ARG B 193 -7.78 -20.78 4.34
CA ARG B 193 -6.65 -20.89 5.24
C ARG B 193 -5.35 -20.91 4.45
N LYS B 194 -4.31 -20.27 5.00
CA LYS B 194 -2.95 -20.41 4.51
C LYS B 194 -2.21 -21.42 5.35
N ILE B 195 -0.99 -21.73 4.91
CA ILE B 195 -0.08 -22.63 5.60
C ILE B 195 1.31 -22.00 5.57
N TYR B 196 1.90 -21.81 6.75
CA TYR B 196 3.24 -21.27 6.89
C TYR B 196 4.18 -22.37 7.32
N LYS B 197 5.42 -22.29 6.83
CA LYS B 197 6.43 -23.30 7.08
C LYS B 197 7.55 -22.71 7.90
N PHE B 198 8.20 -23.55 8.72
CA PHE B 198 9.28 -23.11 9.57
C PHE B 198 10.30 -24.24 9.73
N ILE B 199 11.57 -23.86 9.87
CA ILE B 199 12.64 -24.82 10.10
C ILE B 199 13.62 -24.24 11.13
N GLN B 200 13.91 -25.00 12.17
CA GLN B 200 14.91 -24.67 13.17
C GLN B 200 16.08 -25.64 13.00
N LYS B 201 17.22 -25.11 12.55
CA LYS B 201 18.37 -25.97 12.27
C LYS B 201 19.10 -26.37 13.54
N VAL B 202 19.23 -25.46 14.50
CA VAL B 202 20.05 -25.70 15.69
C VAL B 202 19.19 -26.31 16.79
N PRO B 203 19.69 -27.30 17.54
CA PRO B 203 18.85 -27.91 18.57
C PRO B 203 18.50 -26.94 19.69
N ILE B 204 17.27 -27.06 20.19
CA ILE B 204 16.80 -26.21 21.28
C ILE B 204 15.96 -27.03 22.23
N PRO B 205 15.92 -26.62 23.50
CA PRO B 205 14.94 -27.22 24.42
C PRO B 205 13.52 -26.86 24.00
N CYS B 206 12.59 -27.69 24.48
CA CYS B 206 11.20 -27.57 24.04
C CYS B 206 10.57 -26.26 24.49
N TYR B 207 11.01 -25.70 25.62
CA TYR B 207 10.41 -24.47 26.12
C TYR B 207 10.71 -23.27 25.24
N LEU B 208 11.67 -23.37 24.33
CA LEU B 208 11.96 -22.30 23.38
C LEU B 208 11.16 -22.42 22.09
N ILE B 209 10.25 -23.39 22.01
CA ILE B 209 9.34 -23.48 20.87
C ILE B 209 8.17 -22.54 21.11
N ALA B 210 7.95 -21.61 20.18
CA ALA B 210 6.93 -20.58 20.35
C ALA B 210 6.14 -20.40 19.06
N LEU B 211 4.88 -20.00 19.22
CA LEU B 211 3.98 -19.75 18.09
C LEU B 211 3.18 -18.48 18.34
N VAL B 212 3.05 -17.66 17.29
CA VAL B 212 2.28 -16.42 17.33
C VAL B 212 1.47 -16.33 16.05
N VAL B 213 0.16 -16.17 16.16
CA VAL B 213 -0.72 -16.04 15.00
C VAL B 213 -1.56 -14.79 15.18
N GLY B 214 -1.61 -13.95 14.14
CA GLY B 214 -2.38 -12.74 14.19
C GLY B 214 -2.09 -11.88 12.98
N ALA B 215 -2.66 -10.67 12.97
CA ALA B 215 -2.51 -9.77 11.84
C ALA B 215 -1.26 -8.94 12.08
N LEU B 216 -0.22 -9.22 11.30
CA LEU B 216 1.14 -8.77 11.61
C LEU B 216 1.80 -8.22 10.35
N GLU B 217 2.44 -7.07 10.47
CA GLU B 217 3.26 -6.51 9.42
C GLU B 217 4.72 -6.50 9.89
N SER B 218 5.61 -6.09 8.98
CA SER B 218 7.03 -6.22 9.21
C SER B 218 7.77 -5.04 8.60
N ARG B 219 8.96 -4.76 9.14
CA ARG B 219 9.88 -3.80 8.54
C ARG B 219 11.30 -4.33 8.71
N GLN B 220 12.16 -4.04 7.75
CA GLN B 220 13.55 -4.49 7.79
C GLN B 220 14.40 -3.39 8.42
N ILE B 221 14.88 -3.63 9.64
CA ILE B 221 15.73 -2.68 10.35
C ILE B 221 17.21 -3.07 10.29
N GLY B 222 17.55 -4.14 9.58
CA GLY B 222 18.92 -4.58 9.47
C GLY B 222 19.06 -5.74 8.52
N PRO B 223 20.30 -6.17 8.26
CA PRO B 223 20.49 -7.27 7.30
C PRO B 223 19.74 -8.53 7.69
N ARG B 224 19.85 -8.94 8.95
CA ARG B 224 19.17 -10.13 9.46
C ARG B 224 17.92 -9.81 10.28
N THR B 225 17.52 -8.54 10.38
CA THR B 225 16.56 -8.12 11.38
C THR B 225 15.28 -7.58 10.74
N LEU B 226 14.18 -8.31 10.94
CA LEU B 226 12.84 -7.82 10.69
C LEU B 226 12.11 -7.61 12.01
N VAL B 227 11.41 -6.49 12.13
CA VAL B 227 10.56 -6.21 13.29
C VAL B 227 9.12 -6.43 12.87
N TRP B 228 8.43 -7.30 13.61
CA TRP B 228 7.04 -7.67 13.33
C TRP B 228 6.12 -7.10 14.42
N SER B 229 4.93 -6.67 14.00
CA SER B 229 3.89 -6.27 14.96
C SER B 229 2.63 -5.82 14.24
N GLU B 230 1.57 -5.52 15.00
CA GLU B 230 0.32 -5.09 14.41
C GLU B 230 0.51 -3.76 13.69
N LYS B 231 -0.37 -3.52 12.70
CA LYS B 231 -0.19 -2.41 11.77
C LYS B 231 -0.02 -1.07 12.49
N GLU B 232 -0.62 -0.91 13.67
CA GLU B 232 -0.55 0.37 14.36
C GLU B 232 0.83 0.61 14.97
N GLN B 233 1.50 -0.44 15.43
CA GLN B 233 2.75 -0.31 16.15
C GLN B 233 3.99 -0.48 15.29
N VAL B 234 3.84 -0.78 14.00
CA VAL B 234 4.98 -1.23 13.20
C VAL B 234 5.98 -0.09 12.99
N GLU B 235 5.50 1.09 12.61
CA GLU B 235 6.39 2.18 12.27
C GLU B 235 7.31 2.54 13.43
N LYS B 236 6.71 2.90 14.57
CA LYS B 236 7.52 3.30 15.72
C LYS B 236 8.40 2.14 16.19
N SER B 237 7.88 0.92 16.12
CA SER B 237 8.70 -0.23 16.48
C SER B 237 9.95 -0.28 15.61
N ALA B 238 9.82 0.00 14.32
CA ALA B 238 10.99 0.06 13.45
C ALA B 238 11.88 1.24 13.77
N TYR B 239 11.33 2.30 14.37
CA TYR B 239 12.16 3.45 14.71
C TYR B 239 12.98 3.23 15.98
N GLU B 240 12.35 2.68 17.04
CA GLU B 240 13.02 2.58 18.33
C GLU B 240 14.19 1.61 18.29
N PHE B 241 14.02 0.50 17.60
CA PHE B 241 14.98 -0.61 17.59
C PHE B 241 15.95 -0.55 16.41
N SER B 242 15.98 0.57 15.68
CA SER B 242 16.80 0.66 14.47
C SER B 242 18.25 0.22 14.71
N GLU B 243 18.75 0.35 15.94
CA GLU B 243 20.15 0.11 16.23
C GLU B 243 20.46 -1.33 16.64
N THR B 244 19.48 -2.23 16.58
CA THR B 244 19.67 -3.57 17.11
C THR B 244 20.82 -4.31 16.44
N GLU B 245 21.02 -4.10 15.13
CA GLU B 245 22.09 -4.81 14.43
C GLU B 245 23.45 -4.51 15.05
N SER B 246 23.70 -3.24 15.40
CA SER B 246 24.96 -2.88 16.05
C SER B 246 25.12 -3.60 17.38
N MET B 247 24.01 -3.80 18.11
CA MET B 247 24.06 -4.58 19.34
C MET B 247 24.38 -6.04 19.03
N LEU B 248 23.86 -6.56 17.91
CA LEU B 248 24.21 -7.93 17.52
C LEU B 248 25.69 -8.05 17.19
N LYS B 249 26.28 -7.01 16.62
CA LYS B 249 27.71 -7.07 16.34
C LYS B 249 28.53 -7.01 17.62
N ILE B 250 28.18 -6.11 18.55
CA ILE B 250 28.88 -6.10 19.83
C ILE B 250 28.74 -7.46 20.52
N ALA B 251 27.51 -7.99 20.56
CA ALA B 251 27.28 -9.29 21.18
C ALA B 251 28.06 -10.39 20.48
N GLU B 252 28.25 -10.28 19.17
CA GLU B 252 29.02 -11.30 18.45
C GLU B 252 30.50 -11.21 18.82
N ASP B 253 31.04 -10.00 18.91
CA ASP B 253 32.44 -9.86 19.31
C ASP B 253 32.66 -10.33 20.73
N LEU B 254 31.66 -10.18 21.61
CA LEU B 254 31.84 -10.65 22.98
C LEU B 254 31.70 -12.16 23.09
N GLY B 255 30.65 -12.73 22.50
CA GLY B 255 30.29 -14.12 22.74
C GLY B 255 30.61 -15.09 21.63
N GLY B 256 31.14 -14.60 20.51
CA GLY B 256 31.39 -15.44 19.36
C GLY B 256 30.36 -15.24 18.26
N PRO B 257 30.39 -16.10 17.24
CA PRO B 257 29.50 -15.89 16.10
C PRO B 257 28.05 -16.13 16.45
N TYR B 258 27.16 -15.48 15.70
CA TYR B 258 25.73 -15.70 15.85
C TYR B 258 25.33 -16.89 15.00
N VAL B 259 24.87 -17.96 15.65
CA VAL B 259 24.68 -19.26 15.01
C VAL B 259 23.25 -19.50 14.57
N TRP B 260 22.32 -18.58 14.87
CA TRP B 260 20.90 -18.83 14.68
C TRP B 260 20.37 -18.31 13.35
N GLY B 261 21.21 -17.75 12.49
CA GLY B 261 20.72 -17.14 11.27
C GLY B 261 19.97 -15.85 11.51
N GLN B 262 18.69 -15.81 11.13
CA GLN B 262 17.89 -14.60 11.29
C GLN B 262 17.68 -14.29 12.77
N TYR B 263 17.60 -12.99 13.07
CA TYR B 263 17.17 -12.49 14.38
C TYR B 263 16.05 -11.50 14.13
N ASP B 264 14.83 -11.86 14.52
CA ASP B 264 13.66 -11.02 14.34
C ASP B 264 13.10 -10.58 15.68
N LEU B 265 12.46 -9.42 15.70
CA LEU B 265 11.80 -8.90 16.88
C LEU B 265 10.29 -8.95 16.70
N LEU B 266 9.57 -9.28 17.76
CA LEU B 266 8.12 -9.25 17.76
C LEU B 266 7.64 -8.35 18.89
N VAL B 267 6.98 -7.25 18.53
CA VAL B 267 6.38 -6.35 19.51
C VAL B 267 4.95 -6.80 19.75
N LEU B 268 4.67 -7.25 20.97
CA LEU B 268 3.38 -7.81 21.30
C LEU B 268 2.34 -6.70 21.47
N PRO B 269 1.06 -7.06 21.53
CA PRO B 269 0.01 -6.04 21.68
C PRO B 269 0.16 -5.29 22.98
N PRO B 270 -0.47 -4.11 23.11
CA PRO B 270 -0.38 -3.36 24.37
C PRO B 270 -0.90 -4.11 25.58
N SER B 271 -1.64 -5.19 25.40
CA SER B 271 -2.19 -5.97 26.51
C SER B 271 -1.21 -7.00 27.07
N PHE B 272 0.00 -7.07 26.55
CA PHE B 272 0.95 -8.09 26.99
C PHE B 272 1.39 -7.82 28.43
N PRO B 273 1.06 -8.69 29.40
CA PRO B 273 1.42 -8.39 30.79
C PRO B 273 2.90 -8.55 31.12
N TYR B 274 3.61 -9.43 30.42
CA TYR B 274 4.92 -9.90 30.88
C TYR B 274 6.05 -9.15 30.18
N GLY B 275 7.28 -9.60 30.47
CA GLY B 275 8.46 -9.04 29.84
C GLY B 275 8.91 -9.84 28.63
N GLY B 276 10.06 -9.43 28.09
CA GLY B 276 10.53 -10.01 26.85
C GLY B 276 10.91 -11.48 27.00
N MET B 277 10.73 -12.22 25.91
CA MET B 277 11.13 -13.62 25.82
C MET B 277 12.22 -13.77 24.76
N GLU B 278 13.16 -14.66 25.03
CA GLU B 278 14.37 -14.83 24.24
C GLU B 278 14.22 -15.84 23.11
N ASN B 279 12.98 -16.21 22.74
CA ASN B 279 12.71 -17.28 21.78
C ASN B 279 13.64 -17.17 20.58
N PRO B 280 14.24 -18.28 20.11
CA PRO B 280 15.26 -18.18 19.05
C PRO B 280 14.68 -17.67 17.74
N CYS B 281 15.41 -16.72 17.13
CA CYS B 281 15.12 -16.13 15.83
C CYS B 281 13.95 -15.17 15.87
N LEU B 282 13.11 -15.27 16.90
CA LEU B 282 12.02 -14.34 17.13
C LEU B 282 12.02 -14.02 18.61
N THR B 283 12.40 -12.81 18.98
CA THR B 283 12.46 -12.44 20.38
C THR B 283 11.27 -11.55 20.71
N PHE B 284 10.53 -11.94 21.74
CA PHE B 284 9.35 -11.20 22.15
C PHE B 284 9.78 -9.99 22.95
N VAL B 285 9.31 -8.83 22.54
CA VAL B 285 9.53 -7.59 23.27
C VAL B 285 8.18 -7.04 23.71
N THR B 286 8.18 -6.41 24.89
CA THR B 286 6.95 -5.78 25.38
C THR B 286 6.83 -4.37 24.82
N PRO B 287 5.62 -3.93 24.46
CA PRO B 287 5.48 -2.59 23.86
C PRO B 287 5.87 -1.48 24.80
N THR B 288 5.98 -1.74 26.10
CA THR B 288 6.37 -0.72 27.05
C THR B 288 7.75 -0.15 26.79
N LEU B 289 8.53 -0.77 25.90
CA LEU B 289 9.86 -0.29 25.59
C LEU B 289 9.89 0.80 24.54
N LEU B 290 8.74 1.18 23.97
CA LEU B 290 8.72 2.20 22.92
C LEU B 290 8.50 3.55 23.61
N ALA B 291 9.59 4.30 23.78
CA ALA B 291 9.54 5.64 24.34
C ALA B 291 9.58 6.74 23.27
N GLY B 292 9.88 6.39 22.02
CA GLY B 292 10.06 7.36 20.97
C GLY B 292 11.43 8.00 20.92
N ASP B 293 12.22 7.95 21.99
CA ASP B 293 13.58 8.47 22.01
C ASP B 293 14.66 7.40 21.88
N LYS B 294 14.28 6.12 21.80
CA LYS B 294 15.22 5.00 21.80
C LYS B 294 15.96 4.85 23.13
N SER B 295 15.40 5.37 24.24
CA SER B 295 16.11 5.34 25.51
C SER B 295 16.03 3.97 26.18
N LEU B 296 14.99 3.19 25.89
CA LEU B 296 14.83 1.87 26.47
C LEU B 296 15.27 0.75 25.53
N SER B 297 15.79 1.07 24.34
CA SER B 297 16.11 0.03 23.38
C SER B 297 17.20 -0.91 23.90
N ASN B 298 18.14 -0.40 24.70
CA ASN B 298 19.23 -1.24 25.18
C ASN B 298 18.74 -2.41 26.01
N VAL B 299 17.52 -2.34 26.55
CA VAL B 299 16.97 -3.46 27.30
C VAL B 299 16.99 -4.73 26.44
N ILE B 300 16.77 -4.58 25.13
CA ILE B 300 16.74 -5.73 24.22
C ILE B 300 18.01 -6.56 24.38
N ALA B 301 19.12 -5.91 24.75
CA ALA B 301 20.38 -6.62 24.90
C ALA B 301 20.21 -7.90 25.69
N HIS B 302 19.38 -7.87 26.74
CA HIS B 302 19.18 -9.07 27.54
C HIS B 302 18.88 -10.26 26.64
N GLU B 303 17.75 -10.20 25.92
CA GLU B 303 17.37 -11.32 25.08
C GLU B 303 18.46 -11.64 24.05
N ILE B 304 19.15 -10.62 23.55
CA ILE B 304 20.24 -10.87 22.61
C ILE B 304 21.29 -11.77 23.25
N SER B 305 21.66 -11.48 24.50
CA SER B 305 22.63 -12.31 25.19
C SER B 305 22.16 -13.76 25.27
N HIS B 306 20.85 -13.99 25.36
CA HIS B 306 20.37 -15.36 25.44
C HIS B 306 20.73 -16.16 24.20
N SER B 307 20.92 -15.50 23.05
CA SER B 307 21.34 -16.21 21.84
C SER B 307 22.65 -16.94 22.02
N TRP B 308 23.44 -16.55 23.04
CA TRP B 308 24.68 -17.25 23.39
C TRP B 308 24.53 -18.05 24.67
N THR B 309 24.23 -17.39 25.78
CA THR B 309 24.14 -18.05 27.07
C THR B 309 22.68 -18.42 27.36
N GLY B 310 22.43 -19.73 27.45
CA GLY B 310 21.14 -20.26 27.86
C GLY B 310 20.28 -20.78 26.73
N ASN B 311 20.43 -20.24 25.53
CA ASN B 311 19.92 -20.92 24.34
C ASN B 311 20.93 -21.91 23.77
N LEU B 312 22.20 -21.51 23.70
CA LEU B 312 23.23 -22.45 23.27
C LEU B 312 23.69 -23.34 24.43
N VAL B 313 23.89 -22.76 25.61
CA VAL B 313 24.30 -23.49 26.80
C VAL B 313 23.10 -23.48 27.74
N THR B 314 22.43 -24.61 27.87
CA THR B 314 21.17 -24.70 28.59
C THR B 314 21.37 -25.40 29.93
N ASN B 315 20.57 -24.99 30.92
CA ASN B 315 20.53 -25.70 32.19
C ASN B 315 19.87 -27.06 32.00
N LYS B 316 20.49 -28.11 32.53
CA LYS B 316 19.96 -29.46 32.34
C LYS B 316 18.61 -29.63 33.03
N THR B 317 18.44 -29.04 34.20
CA THR B 317 17.13 -28.98 34.86
C THR B 317 16.86 -27.55 35.29
N TRP B 318 15.68 -27.33 35.88
CA TRP B 318 15.32 -26.00 36.34
C TRP B 318 15.94 -25.67 37.69
N ASP B 319 16.38 -26.68 38.46
CA ASP B 319 17.15 -26.43 39.66
C ASP B 319 18.38 -25.59 39.36
N HIS B 320 18.94 -25.75 38.16
CA HIS B 320 20.17 -25.10 37.73
C HIS B 320 19.92 -23.82 36.93
N PHE B 321 18.68 -23.33 36.92
CA PHE B 321 18.30 -22.22 36.06
C PHE B 321 19.27 -21.06 36.12
N TRP B 322 19.98 -20.88 37.23
CA TRP B 322 20.93 -19.79 37.34
C TRP B 322 21.99 -19.86 36.24
N LEU B 323 22.40 -21.06 35.85
CA LEU B 323 23.39 -21.21 34.79
C LEU B 323 22.95 -20.44 33.55
N ASN B 324 21.66 -20.28 33.36
CA ASN B 324 21.12 -19.61 32.19
C ASN B 324 21.17 -18.11 32.38
N GLU B 325 20.22 -17.57 33.16
CA GLU B 325 20.10 -16.12 33.25
C GLU B 325 21.37 -15.52 33.84
N GLY B 326 21.97 -16.20 34.83
CA GLY B 326 23.19 -15.71 35.44
C GLY B 326 24.22 -15.30 34.43
N HIS B 327 24.37 -16.09 33.35
CA HIS B 327 25.37 -15.72 32.34
C HIS B 327 24.86 -14.65 31.41
N THR B 328 23.59 -14.73 31.00
CA THR B 328 23.03 -13.73 30.09
C THR B 328 23.20 -12.33 30.67
N VAL B 329 22.78 -12.15 31.93
CA VAL B 329 22.99 -10.86 32.59
C VAL B 329 24.45 -10.45 32.47
N TYR B 330 25.37 -11.36 32.82
CA TYR B 330 26.78 -11.01 32.78
C TYR B 330 27.18 -10.54 31.38
N LEU B 331 26.61 -11.16 30.34
CA LEU B 331 26.87 -10.70 28.98
C LEU B 331 26.11 -9.42 28.68
N GLU B 332 24.85 -9.34 29.10
CA GLU B 332 24.07 -8.13 28.87
C GLU B 332 24.81 -6.91 29.38
N ARG B 333 25.24 -6.95 30.64
CA ARG B 333 25.88 -5.79 31.25
C ARG B 333 27.21 -5.46 30.60
N HIS B 334 27.79 -6.37 29.81
CA HIS B 334 28.97 -6.00 29.04
C HIS B 334 28.59 -5.26 27.77
N ILE B 335 27.51 -5.69 27.11
CA ILE B 335 27.03 -4.98 25.92
C ILE B 335 26.75 -3.53 26.26
N CYS B 336 25.88 -3.30 27.25
CA CYS B 336 25.67 -1.94 27.74
C CYS B 336 27.01 -1.28 28.09
N GLY B 337 27.90 -2.03 28.73
CA GLY B 337 29.23 -1.50 29.03
C GLY B 337 29.93 -0.99 27.78
N ARG B 338 29.89 -1.77 26.70
CA ARG B 338 30.44 -1.30 25.43
C ARG B 338 29.73 -0.04 24.96
N LEU B 339 28.40 0.00 25.10
CA LEU B 339 27.64 1.12 24.54
C LEU B 339 27.90 2.40 25.32
N PHE B 340 27.67 2.37 26.64
CA PHE B 340 27.75 3.58 27.46
C PHE B 340 29.04 3.73 28.26
N GLY B 341 29.95 2.75 28.20
CA GLY B 341 31.20 2.84 28.94
C GLY B 341 31.20 1.97 30.18
N GLU B 342 32.39 1.85 30.79
CA GLU B 342 32.54 0.92 31.92
C GLU B 342 31.86 1.42 33.20
N LYS B 343 31.83 2.74 33.37
CA LYS B 343 31.19 3.30 34.55
C LYS B 343 29.71 2.96 34.57
N PHE B 344 29.08 2.93 33.38
CA PHE B 344 27.67 2.57 33.29
C PHE B 344 27.47 1.07 33.53
N ARG B 345 28.40 0.24 33.07
CA ARG B 345 28.34 -1.18 33.39
C ARG B 345 28.31 -1.38 34.90
N HIS B 346 29.26 -0.77 35.61
CA HIS B 346 29.24 -0.85 37.07
C HIS B 346 27.93 -0.33 37.63
N PHE B 347 27.37 0.74 37.03
CA PHE B 347 26.08 1.26 37.47
C PHE B 347 25.00 0.18 37.42
N ASN B 348 24.81 -0.42 36.24
CA ASN B 348 23.79 -1.46 36.09
C ASN B 348 24.03 -2.61 37.07
N ALA B 349 25.29 -3.02 37.24
CA ALA B 349 25.57 -4.09 38.18
C ALA B 349 25.12 -3.70 39.60
N LEU B 350 25.40 -2.47 40.01
CA LEU B 350 24.99 -2.00 41.33
C LEU B 350 23.46 -2.06 41.48
N GLY B 351 22.74 -1.57 40.48
CA GLY B 351 21.29 -1.70 40.50
C GLY B 351 20.84 -3.14 40.65
N GLY B 352 21.48 -4.05 39.93
CA GLY B 352 21.16 -5.46 40.06
C GLY B 352 21.34 -5.97 41.48
N TRP B 353 22.51 -5.67 42.08
CA TRP B 353 22.72 -6.04 43.47
C TRP B 353 21.59 -5.52 44.35
N GLY B 354 21.11 -4.31 44.07
CA GLY B 354 19.96 -3.79 44.80
C GLY B 354 18.74 -4.69 44.64
N GLU B 355 18.42 -5.07 43.40
CA GLU B 355 17.34 -6.01 43.17
C GLU B 355 17.50 -7.25 44.04
N LEU B 356 18.73 -7.79 44.11
CA LEU B 356 18.97 -8.98 44.93
C LEU B 356 18.66 -8.70 46.40
N GLN B 357 19.15 -7.57 46.91
CA GLN B 357 18.81 -7.16 48.27
C GLN B 357 17.30 -7.27 48.51
N ASN B 358 16.51 -6.49 47.78
CA ASN B 358 15.07 -6.49 48.04
C ASN B 358 14.45 -7.87 47.84
N SER B 359 14.99 -8.67 46.91
CA SER B 359 14.47 -10.02 46.69
C SER B 359 14.66 -10.89 47.92
N VAL B 360 15.88 -10.88 48.49
CA VAL B 360 16.13 -11.66 49.70
C VAL B 360 15.29 -11.14 50.86
N LYS B 361 15.16 -9.81 50.97
CA LYS B 361 14.35 -9.23 52.04
C LYS B 361 12.92 -9.76 51.99
N THR B 362 12.26 -9.60 50.83
CA THR B 362 10.86 -10.01 50.75
C THR B 362 10.71 -11.53 50.84
N PHE B 363 11.67 -12.29 50.32
CA PHE B 363 11.59 -13.74 50.43
C PHE B 363 12.03 -14.26 51.79
N GLY B 364 12.74 -13.45 52.56
CA GLY B 364 13.39 -13.93 53.78
C GLY B 364 14.76 -14.47 53.49
N GLU B 365 15.67 -14.32 54.47
CA GLU B 365 17.05 -14.70 54.26
C GLU B 365 17.30 -16.19 54.49
N THR B 366 16.34 -16.91 55.08
CA THR B 366 16.43 -18.35 55.22
C THR B 366 15.64 -19.12 54.16
N HIS B 367 14.94 -18.43 53.25
CA HIS B 367 14.04 -19.11 52.34
C HIS B 367 14.81 -20.05 51.42
N PRO B 368 14.19 -21.14 50.96
CA PRO B 368 14.90 -22.03 50.02
C PRO B 368 15.12 -21.43 48.63
N PHE B 369 14.28 -20.49 48.21
CA PHE B 369 14.37 -19.96 46.85
C PHE B 369 15.42 -18.87 46.70
N THR B 370 16.14 -18.52 47.78
CA THR B 370 17.27 -17.62 47.68
C THR B 370 18.60 -18.36 47.57
N LYS B 371 18.57 -19.69 47.48
CA LYS B 371 19.78 -20.44 47.13
C LYS B 371 20.07 -20.28 45.65
N LEU B 372 21.35 -20.24 45.30
CA LEU B 372 21.72 -20.11 43.90
C LEU B 372 21.19 -21.28 43.08
N VAL B 373 21.31 -22.51 43.59
CA VAL B 373 20.72 -23.69 42.98
C VAL B 373 19.59 -24.15 43.90
N VAL B 374 18.42 -24.36 43.32
CA VAL B 374 17.19 -24.57 44.09
C VAL B 374 16.76 -26.02 43.90
N ASP B 375 16.05 -26.54 44.91
CA ASP B 375 15.45 -27.86 44.82
C ASP B 375 13.96 -27.68 44.51
N LEU B 376 13.59 -27.99 43.27
CA LEU B 376 12.25 -27.79 42.76
C LEU B 376 11.38 -29.03 42.87
N THR B 377 11.81 -30.04 43.63
CA THR B 377 11.22 -31.36 43.62
C THR B 377 9.70 -31.31 43.53
N ASP B 378 9.04 -30.81 44.57
CA ASP B 378 7.59 -30.67 44.57
C ASP B 378 7.13 -29.26 44.22
N ILE B 379 8.04 -28.37 43.82
CA ILE B 379 7.72 -26.97 43.59
C ILE B 379 7.35 -26.75 42.13
N ASP B 380 6.30 -25.97 41.91
CA ASP B 380 5.96 -25.47 40.58
C ASP B 380 6.96 -24.40 40.18
N PRO B 381 7.66 -24.54 39.05
CA PRO B 381 8.62 -23.49 38.67
C PRO B 381 8.00 -22.12 38.49
N ASP B 382 6.69 -22.05 38.24
CA ASP B 382 6.03 -20.76 38.09
C ASP B 382 5.94 -20.03 39.42
N VAL B 383 5.72 -20.77 40.51
CA VAL B 383 5.55 -20.14 41.82
C VAL B 383 6.89 -19.79 42.46
N ALA B 384 7.98 -20.44 42.07
CA ALA B 384 9.29 -20.22 42.68
C ALA B 384 10.12 -19.18 41.92
N TYR B 385 9.61 -18.65 40.82
CA TYR B 385 10.37 -17.67 40.04
C TYR B 385 10.66 -16.44 40.88
N SER B 386 11.85 -15.86 40.68
CA SER B 386 12.29 -14.69 41.44
C SER B 386 13.46 -14.06 40.69
N SER B 387 14.07 -13.06 41.31
CA SER B 387 15.23 -12.38 40.76
C SER B 387 16.54 -12.98 41.22
N VAL B 388 16.50 -14.02 42.04
CA VAL B 388 17.71 -14.60 42.63
C VAL B 388 18.63 -15.14 41.53
N PRO B 389 18.17 -16.05 40.67
CA PRO B 389 19.11 -16.65 39.70
C PRO B 389 19.75 -15.65 38.77
N TYR B 390 19.15 -14.46 38.58
CA TYR B 390 19.76 -13.42 37.75
C TYR B 390 20.88 -12.72 38.50
N GLU B 391 20.53 -12.00 39.57
CA GLU B 391 21.46 -11.10 40.22
C GLU B 391 22.42 -11.81 41.16
N LYS B 392 21.96 -12.89 41.82
CA LYS B 392 22.87 -13.67 42.65
C LYS B 392 23.91 -14.39 41.78
N GLY B 393 23.46 -14.98 40.67
CA GLY B 393 24.40 -15.57 39.73
C GLY B 393 25.35 -14.55 39.15
N PHE B 394 24.83 -13.39 38.76
CA PHE B 394 25.71 -12.32 38.29
C PHE B 394 26.68 -11.88 39.38
N ALA B 395 26.27 -11.95 40.64
CA ALA B 395 27.18 -11.62 41.73
C ALA B 395 28.31 -12.62 41.82
N LEU B 396 27.99 -13.92 41.73
CA LEU B 396 29.03 -14.93 41.68
C LEU B 396 30.01 -14.66 40.54
N LEU B 397 29.48 -14.44 39.33
CA LEU B 397 30.36 -14.29 38.18
C LEU B 397 31.19 -13.00 38.26
N PHE B 398 30.60 -11.91 38.74
CA PHE B 398 31.32 -10.65 38.85
C PHE B 398 32.42 -10.73 39.91
N TYR B 399 32.07 -11.29 41.08
CA TYR B 399 33.07 -11.53 42.12
C TYR B 399 34.23 -12.38 41.58
N LEU B 400 33.91 -13.46 40.88
CA LEU B 400 34.97 -14.26 40.27
C LEU B 400 35.79 -13.45 39.28
N GLU B 401 35.13 -12.56 38.53
CA GLU B 401 35.84 -11.72 37.57
C GLU B 401 36.91 -10.91 38.28
N GLN B 402 36.51 -10.13 39.29
CA GLN B 402 37.49 -9.29 39.99
C GLN B 402 38.53 -10.12 40.71
N LEU B 403 38.18 -11.33 41.14
CA LEU B 403 39.12 -12.20 41.84
C LEU B 403 40.12 -12.84 40.88
N LEU B 404 39.71 -13.14 39.65
CA LEU B 404 40.51 -13.91 38.70
C LEU B 404 41.31 -13.04 37.73
N GLY B 405 41.35 -11.72 37.94
CA GLY B 405 42.15 -10.85 37.09
C GLY B 405 41.41 -9.88 36.19
N GLY B 406 40.08 -9.80 36.29
CA GLY B 406 39.36 -8.70 35.68
C GLY B 406 38.55 -9.05 34.46
N PRO B 407 37.89 -8.03 33.88
CA PRO B 407 36.85 -8.32 32.88
C PRO B 407 37.32 -9.04 31.63
N GLU B 408 38.41 -8.60 31.01
CA GLU B 408 38.83 -9.23 29.75
C GLU B 408 39.17 -10.70 29.95
N ILE B 409 39.91 -11.01 31.01
CA ILE B 409 40.24 -12.40 31.31
C ILE B 409 38.98 -13.24 31.43
N PHE B 410 38.00 -12.75 32.18
CA PHE B 410 36.78 -13.53 32.41
C PHE B 410 35.94 -13.64 31.14
N LEU B 411 36.02 -12.66 30.24
CA LEU B 411 35.41 -12.83 28.93
C LEU B 411 36.10 -13.96 28.17
N GLY B 412 37.44 -13.99 28.22
CA GLY B 412 38.16 -15.14 27.72
C GLY B 412 37.65 -16.45 28.28
N PHE B 413 37.16 -16.43 29.53
CA PHE B 413 36.51 -17.62 30.06
C PHE B 413 35.13 -17.84 29.43
N LEU B 414 34.37 -16.76 29.23
CA LEU B 414 32.99 -16.89 28.77
C LEU B 414 32.94 -17.50 27.38
N LYS B 415 33.72 -16.96 26.43
CA LYS B 415 33.68 -17.50 25.08
C LYS B 415 34.04 -18.98 25.05
N ALA B 416 34.98 -19.40 25.89
CA ALA B 416 35.38 -20.81 25.92
C ALA B 416 34.28 -21.68 26.51
N TYR B 417 33.67 -21.23 27.60
CA TYR B 417 32.51 -21.92 28.17
C TYR B 417 31.46 -22.18 27.09
N VAL B 418 31.06 -21.13 26.38
CA VAL B 418 30.09 -21.26 25.30
C VAL B 418 30.58 -22.28 24.27
N GLU B 419 31.77 -22.05 23.73
CA GLU B 419 32.26 -22.90 22.65
C GLU B 419 32.32 -24.36 23.06
N LYS B 420 32.56 -24.65 24.34
CA LYS B 420 32.63 -26.04 24.77
C LYS B 420 31.25 -26.65 24.87
N PHE B 421 30.30 -25.98 25.54
CA PHE B 421 29.02 -26.59 25.84
C PHE B 421 27.92 -26.24 24.84
N SER B 422 28.26 -25.58 23.74
CA SER B 422 27.24 -25.18 22.76
C SER B 422 26.40 -26.38 22.33
N TYR B 423 25.09 -26.13 22.20
CA TYR B 423 24.10 -27.13 21.79
C TYR B 423 23.96 -28.27 22.80
N LYS B 424 24.31 -28.03 24.06
CA LYS B 424 24.24 -29.05 25.10
C LYS B 424 23.63 -28.45 26.35
N SER B 425 23.24 -29.34 27.27
CA SER B 425 22.68 -28.95 28.56
C SER B 425 23.60 -29.44 29.66
N ILE B 426 23.89 -28.57 30.63
CA ILE B 426 24.90 -28.83 31.65
C ILE B 426 24.28 -28.61 33.03
N THR B 427 25.09 -28.87 34.06
CA THR B 427 24.70 -28.66 35.45
C THR B 427 25.72 -27.77 36.14
N THR B 428 25.44 -27.44 37.40
CA THR B 428 26.37 -26.63 38.19
C THR B 428 27.75 -27.27 38.22
N ASP B 429 27.80 -28.58 38.47
CA ASP B 429 29.06 -29.27 38.59
C ASP B 429 29.85 -29.21 37.29
N ASP B 430 29.18 -29.29 36.14
CA ASP B 430 29.86 -29.14 34.86
C ASP B 430 30.53 -27.77 34.77
N TRP B 431 29.78 -26.71 35.07
CA TRP B 431 30.32 -25.37 35.01
C TRP B 431 31.52 -25.21 35.94
N LYS B 432 31.40 -25.70 37.18
CA LYS B 432 32.52 -25.57 38.11
C LYS B 432 33.73 -26.35 37.64
N ASP B 433 33.52 -27.59 37.17
CA ASP B 433 34.61 -28.39 36.62
C ASP B 433 35.35 -27.62 35.53
N PHE B 434 34.59 -27.06 34.58
CA PHE B 434 35.24 -26.34 33.49
C PHE B 434 35.91 -25.06 33.98
N LEU B 435 35.38 -24.44 35.03
CA LEU B 435 36.04 -23.28 35.61
C LEU B 435 37.41 -23.66 36.16
N TYR B 436 37.46 -24.77 36.90
CA TYR B 436 38.72 -25.23 37.47
C TYR B 436 39.70 -25.66 36.37
N SER B 437 39.19 -26.18 35.26
CA SER B 437 40.09 -26.57 34.17
C SER B 437 40.64 -25.35 33.43
N TYR B 438 39.79 -24.37 33.14
CA TYR B 438 40.21 -23.21 32.36
C TYR B 438 41.21 -22.35 33.12
N PHE B 439 40.99 -22.17 34.41
CA PHE B 439 41.80 -21.33 35.27
C PHE B 439 42.91 -22.10 36.00
N LYS B 440 43.23 -23.30 35.55
CA LYS B 440 44.02 -24.27 36.31
C LYS B 440 45.25 -23.67 36.97
N ASP B 441 45.81 -22.60 36.42
CA ASP B 441 46.95 -21.95 37.05
C ASP B 441 46.55 -21.21 38.32
N LYS B 442 45.32 -20.73 38.40
CA LYS B 442 44.84 -19.94 39.52
C LYS B 442 44.06 -20.75 40.55
N VAL B 443 44.07 -22.09 40.45
CA VAL B 443 43.25 -22.92 41.33
C VAL B 443 43.39 -22.50 42.78
N ASP B 444 44.57 -22.02 43.19
CA ASP B 444 44.76 -21.61 44.58
C ASP B 444 43.66 -20.67 45.03
N VAL B 445 43.47 -19.55 44.32
CA VAL B 445 42.42 -18.62 44.73
C VAL B 445 41.05 -19.24 44.54
N LEU B 446 40.89 -20.14 43.56
CA LEU B 446 39.62 -20.83 43.41
C LEU B 446 39.33 -21.71 44.62
N ASN B 447 40.38 -22.19 45.29
CA ASN B 447 40.17 -22.95 46.51
C ASN B 447 39.86 -22.06 47.71
N GLN B 448 40.02 -20.74 47.57
CA GLN B 448 39.62 -19.79 48.61
C GLN B 448 38.16 -19.38 48.50
N VAL B 449 37.49 -19.75 47.43
CA VAL B 449 36.06 -19.50 47.30
C VAL B 449 35.31 -20.48 48.19
N ASP B 450 34.27 -20.00 48.86
CA ASP B 450 33.40 -20.87 49.62
C ASP B 450 32.25 -21.28 48.70
N TRP B 451 32.29 -22.53 48.23
CA TRP B 451 31.34 -22.95 47.22
C TRP B 451 30.01 -23.36 47.84
N ASN B 452 30.04 -23.97 49.02
CA ASN B 452 28.80 -24.30 49.71
C ASN B 452 27.97 -23.05 49.96
N ALA B 453 28.62 -21.95 50.35
CA ALA B 453 27.89 -20.73 50.66
C ALA B 453 27.32 -20.10 49.39
N TRP B 454 28.16 -19.84 48.39
CA TRP B 454 27.68 -19.24 47.16
C TRP B 454 26.55 -20.07 46.56
N LEU B 455 26.82 -21.35 46.28
CA LEU B 455 25.87 -22.16 45.55
C LEU B 455 24.67 -22.55 46.39
N TYR B 456 24.90 -23.20 47.53
CA TYR B 456 23.83 -23.88 48.25
C TYR B 456 23.32 -23.14 49.48
N SER B 457 23.93 -22.00 49.88
CA SER B 457 23.43 -21.36 51.08
C SER B 457 22.40 -20.26 50.73
N PRO B 458 21.32 -20.12 51.52
CA PRO B 458 20.39 -19.02 51.29
C PRO B 458 20.97 -17.67 51.68
N GLY B 459 20.15 -16.62 51.64
CA GLY B 459 20.56 -15.30 52.05
C GLY B 459 21.47 -14.62 51.04
N LEU B 460 21.94 -13.43 51.43
CA LEU B 460 22.80 -12.65 50.56
C LEU B 460 24.10 -13.40 50.29
N PRO B 461 24.82 -13.03 49.24
CA PRO B 461 26.10 -13.68 48.95
C PRO B 461 27.07 -13.49 50.09
N PRO B 462 28.07 -14.38 50.22
CA PRO B 462 29.05 -14.20 51.30
C PRO B 462 29.96 -13.01 51.11
N ILE B 463 30.19 -12.57 49.88
CA ILE B 463 31.11 -11.48 49.58
C ILE B 463 30.48 -10.57 48.53
N LYS B 464 30.49 -9.23 48.81
CA LYS B 464 30.05 -8.23 47.85
C LYS B 464 31.22 -7.85 46.93
N PRO B 465 31.00 -7.65 45.63
CA PRO B 465 32.07 -7.15 44.76
C PRO B 465 32.30 -5.66 44.96
N ASN B 466 33.28 -5.13 44.23
CA ASN B 466 33.61 -3.72 44.27
C ASN B 466 32.88 -3.00 43.14
N TYR B 467 32.08 -2.00 43.47
CA TYR B 467 31.26 -1.29 42.51
C TYR B 467 31.75 0.16 42.36
N ASP B 468 31.63 0.68 41.14
CA ASP B 468 31.98 2.06 40.85
C ASP B 468 30.76 2.94 41.13
N MET B 469 30.95 3.96 41.95
CA MET B 469 29.84 4.76 42.46
C MET B 469 29.60 6.03 41.66
N THR B 470 30.39 6.31 40.63
CA THR B 470 30.32 7.58 39.93
C THR B 470 28.88 7.94 39.56
N LEU B 471 28.28 7.17 38.63
CA LEU B 471 26.97 7.53 38.12
C LEU B 471 25.87 7.34 39.17
N THR B 472 26.10 6.54 40.20
CA THR B 472 25.09 6.31 41.23
C THR B 472 25.07 7.45 42.25
N ASN B 473 26.26 7.94 42.64
CA ASN B 473 26.34 8.99 43.66
C ASN B 473 25.63 10.25 43.21
N ALA B 474 25.56 10.51 41.90
CA ALA B 474 24.81 11.66 41.41
C ALA B 474 23.32 11.51 41.76
N CYS B 475 22.73 10.37 41.39
CA CYS B 475 21.35 10.09 41.73
C CYS B 475 21.12 10.25 43.22
N ILE B 476 21.95 9.60 44.04
CA ILE B 476 21.75 9.69 45.49
C ILE B 476 21.82 11.13 45.95
N ALA B 477 22.78 11.90 45.44
CA ALA B 477 22.95 13.28 45.86
C ALA B 477 21.68 14.08 45.60
N LEU B 478 21.23 14.12 44.34
CA LEU B 478 20.04 14.90 44.03
C LEU B 478 18.83 14.42 44.81
N SER B 479 18.65 13.09 44.91
CA SER B 479 17.50 12.55 45.62
C SER B 479 17.50 12.99 47.08
N GLN B 480 18.61 12.78 47.78
CA GLN B 480 18.69 13.18 49.18
C GLN B 480 18.49 14.67 49.34
N ARG B 481 18.91 15.46 48.35
CA ARG B 481 18.62 16.89 48.37
C ARG B 481 17.12 17.14 48.36
N TRP B 482 16.38 16.40 47.52
CA TRP B 482 14.93 16.61 47.47
C TRP B 482 14.22 16.10 48.72
N ILE B 483 14.71 15.02 49.32
CA ILE B 483 14.00 14.41 50.44
C ILE B 483 14.17 15.25 51.71
N THR B 484 15.36 15.78 51.95
CA THR B 484 15.65 16.56 53.15
C THR B 484 15.35 18.04 52.96
N ALA B 485 14.82 18.44 51.81
CA ALA B 485 14.55 19.85 51.55
C ALA B 485 13.35 20.31 52.36
N LYS B 486 13.45 21.51 52.93
CA LYS B 486 12.35 22.16 53.62
C LYS B 486 11.78 23.25 52.72
N GLU B 487 10.73 23.92 53.20
CA GLU B 487 10.04 24.91 52.38
C GLU B 487 11.03 25.95 51.83
N ASP B 488 12.03 26.31 52.62
CA ASP B 488 12.99 27.32 52.18
C ASP B 488 13.87 26.81 51.05
N ASP B 489 14.16 25.51 51.02
CA ASP B 489 15.09 24.97 50.03
C ASP B 489 14.50 24.94 48.63
N LEU B 490 13.17 24.96 48.49
CA LEU B 490 12.54 24.69 47.19
C LEU B 490 13.05 25.64 46.11
N ASN B 491 13.17 26.92 46.43
CA ASN B 491 13.56 27.90 45.42
C ASN B 491 14.95 27.62 44.85
N SER B 492 15.76 26.81 45.52
CA SER B 492 17.13 26.57 45.07
C SER B 492 17.19 25.60 43.90
N PHE B 493 16.28 24.63 43.84
CA PHE B 493 16.32 23.65 42.77
C PHE B 493 16.23 24.34 41.42
N ASN B 494 16.92 23.78 40.43
CA ASN B 494 16.95 24.32 39.08
C ASN B 494 16.94 23.17 38.09
N ALA B 495 16.50 23.47 36.86
CA ALA B 495 16.46 22.45 35.83
C ALA B 495 17.85 21.87 35.57
N THR B 496 18.88 22.72 35.63
CA THR B 496 20.24 22.28 35.31
C THR B 496 20.70 21.13 36.19
N ASP B 497 20.00 20.85 37.30
CA ASP B 497 20.34 19.70 38.13
C ASP B 497 20.37 18.41 37.32
N LEU B 498 19.56 18.32 36.27
CA LEU B 498 19.50 17.14 35.42
C LEU B 498 20.50 17.17 34.27
N LYS B 499 21.37 18.19 34.24
CA LYS B 499 22.27 18.41 33.12
C LYS B 499 23.04 17.14 32.74
N ASP B 500 23.75 16.56 33.69
CA ASP B 500 24.68 15.47 33.42
C ASP B 500 24.08 14.09 33.66
N LEU B 501 22.81 14.00 34.02
CA LEU B 501 22.18 12.71 34.27
C LEU B 501 21.60 12.13 32.99
N SER B 502 21.83 10.84 32.76
CA SER B 502 21.25 10.14 31.64
C SER B 502 19.86 9.63 32.02
N SER B 503 19.17 9.04 31.04
CA SER B 503 17.83 8.54 31.28
C SER B 503 17.79 7.56 32.44
N HIS B 504 18.79 6.69 32.53
CA HIS B 504 18.80 5.68 33.57
C HIS B 504 19.10 6.29 34.94
N GLN B 505 20.06 7.21 35.00
CA GLN B 505 20.31 7.94 36.24
C GLN B 505 19.07 8.68 36.70
N LEU B 506 18.26 9.16 35.75
CA LEU B 506 17.01 9.83 36.08
C LEU B 506 16.01 8.84 36.68
N ASN B 507 15.84 7.69 36.03
CA ASN B 507 14.94 6.67 36.56
C ASN B 507 15.37 6.22 37.95
N GLU B 508 16.68 6.10 38.19
CA GLU B 508 17.16 5.73 39.51
C GLU B 508 16.88 6.84 40.51
N PHE B 509 17.03 8.10 40.10
CA PHE B 509 16.68 9.22 40.96
C PHE B 509 15.24 9.11 41.43
N LEU B 510 14.30 8.95 40.50
CA LEU B 510 12.91 8.80 40.90
C LEU B 510 12.72 7.55 41.74
N ALA B 511 13.45 6.48 41.44
CA ALA B 511 13.35 5.26 42.24
C ALA B 511 13.71 5.52 43.69
N GLN B 512 14.69 6.40 43.92
CA GLN B 512 15.12 6.69 45.28
C GLN B 512 14.17 7.66 45.98
N THR B 513 13.64 8.65 45.25
CA THR B 513 12.72 9.59 45.89
C THR B 513 11.38 8.95 46.20
N LEU B 514 10.91 8.01 45.37
CA LEU B 514 9.66 7.32 45.66
C LEU B 514 9.77 6.51 46.94
N GLN B 515 10.98 6.04 47.28
CA GLN B 515 11.16 5.17 48.43
C GLN B 515 10.78 5.87 49.73
N ARG B 516 10.98 7.18 49.80
CA ARG B 516 10.66 7.96 50.99
C ARG B 516 9.29 8.63 50.90
N ALA B 517 8.53 8.39 49.85
CA ALA B 517 7.20 8.96 49.72
C ALA B 517 6.32 8.53 50.90
N PRO B 518 5.25 9.29 51.20
CA PRO B 518 4.81 10.52 50.52
C PRO B 518 5.67 11.74 50.84
N LEU B 519 5.94 12.55 49.82
CA LEU B 519 6.59 13.83 50.01
C LEU B 519 5.56 14.94 50.18
N PRO B 520 5.97 16.07 50.75
CA PRO B 520 5.08 17.24 50.74
C PRO B 520 4.64 17.58 49.32
N LEU B 521 3.44 18.14 49.22
CA LEU B 521 2.81 18.34 47.92
C LEU B 521 3.49 19.45 47.12
N GLY B 522 3.92 20.52 47.81
CA GLY B 522 4.59 21.60 47.12
C GLY B 522 5.92 21.17 46.52
N HIS B 523 6.65 20.30 47.21
CA HIS B 523 7.92 19.82 46.68
C HIS B 523 7.75 19.10 45.34
N ILE B 524 6.66 18.34 45.20
CA ILE B 524 6.42 17.63 43.95
C ILE B 524 5.87 18.59 42.89
N LYS B 525 5.02 19.53 43.29
CA LYS B 525 4.57 20.55 42.34
C LYS B 525 5.77 21.26 41.73
N ARG B 526 6.71 21.71 42.57
CA ARG B 526 7.87 22.41 42.03
C ARG B 526 8.79 21.46 41.27
N MET B 527 8.88 20.20 41.71
CA MET B 527 9.63 19.20 40.95
C MET B 527 9.14 19.13 39.51
N GLN B 528 7.81 19.08 39.35
CA GLN B 528 7.22 19.20 38.01
C GLN B 528 7.64 20.50 37.35
N GLU B 529 7.54 21.62 38.08
CA GLU B 529 7.84 22.92 37.50
C GLU B 529 9.23 22.94 36.86
N VAL B 530 10.25 22.52 37.61
CA VAL B 530 11.62 22.65 37.14
C VAL B 530 11.99 21.52 36.17
N TYR B 531 11.65 20.28 36.51
CA TYR B 531 12.14 19.14 35.74
C TYR B 531 11.19 18.68 34.64
N ASN B 532 9.95 19.15 34.62
CA ASN B 532 8.97 18.78 33.60
C ASN B 532 8.92 17.25 33.40
N PHE B 533 8.72 16.52 34.50
CA PHE B 533 8.64 15.07 34.42
C PHE B 533 7.35 14.59 33.78
N ASN B 534 6.30 15.41 33.75
CA ASN B 534 5.07 15.00 33.08
C ASN B 534 5.26 14.83 31.59
N ALA B 535 6.30 15.44 31.02
CA ALA B 535 6.55 15.34 29.59
C ALA B 535 7.22 14.02 29.21
N ILE B 536 8.03 13.46 30.10
CA ILE B 536 8.80 12.26 29.76
C ILE B 536 7.86 11.12 29.42
N ASN B 537 8.11 10.49 28.27
CA ASN B 537 7.34 9.33 27.83
C ASN B 537 8.03 8.00 28.16
N ASN B 538 9.24 8.02 28.71
CA ASN B 538 9.85 6.79 29.16
C ASN B 538 8.94 6.12 30.18
N SER B 539 8.57 4.86 29.90
CA SER B 539 7.56 4.21 30.72
C SER B 539 8.05 3.97 32.14
N GLU B 540 9.34 3.69 32.32
CA GLU B 540 9.88 3.50 33.67
C GLU B 540 9.87 4.82 34.44
N ILE B 541 10.52 5.85 33.87
CA ILE B 541 10.58 7.16 34.51
C ILE B 541 9.18 7.65 34.83
N ARG B 542 8.30 7.63 33.82
CA ARG B 542 6.94 8.10 34.02
C ARG B 542 6.20 7.25 35.06
N PHE B 543 6.48 5.95 35.11
CA PHE B 543 5.84 5.10 36.11
C PHE B 543 6.20 5.56 37.51
N ARG B 544 7.50 5.61 37.83
CA ARG B 544 7.89 6.00 39.18
C ARG B 544 7.49 7.44 39.49
N TRP B 545 7.50 8.31 38.47
CA TRP B 545 7.10 9.69 38.68
C TRP B 545 5.64 9.79 39.06
N LEU B 546 4.75 9.21 38.25
CA LEU B 546 3.33 9.29 38.54
C LEU B 546 2.97 8.60 39.85
N ARG B 547 3.66 7.50 40.19
CA ARG B 547 3.42 6.88 41.49
C ARG B 547 3.88 7.80 42.62
N LEU B 548 4.97 8.54 42.40
CA LEU B 548 5.39 9.55 43.38
C LEU B 548 4.31 10.60 43.57
N CYS B 549 3.75 11.10 42.47
CA CYS B 549 2.72 12.13 42.58
C CYS B 549 1.49 11.61 43.32
N ILE B 550 1.00 10.43 42.92
CA ILE B 550 -0.24 9.91 43.51
C ILE B 550 -0.03 9.59 44.99
N GLN B 551 1.06 8.90 45.32
CA GLN B 551 1.32 8.58 46.72
C GLN B 551 1.42 9.83 47.57
N SER B 552 1.77 10.97 46.97
CA SER B 552 1.82 12.24 47.66
C SER B 552 0.48 12.98 47.62
N LYS B 553 -0.56 12.34 47.08
CA LYS B 553 -1.92 12.89 47.10
C LYS B 553 -2.04 14.14 46.23
N TRP B 554 -1.44 14.11 45.05
CA TRP B 554 -1.58 15.19 44.08
C TRP B 554 -2.73 14.83 43.13
N GLU B 555 -3.77 15.66 43.15
CA GLU B 555 -4.95 15.36 42.35
C GLU B 555 -4.69 15.56 40.86
N ASP B 556 -3.85 16.54 40.52
CA ASP B 556 -3.54 16.81 39.12
C ASP B 556 -3.04 15.58 38.39
N ALA B 557 -2.35 14.68 39.11
CA ALA B 557 -1.79 13.50 38.48
C ALA B 557 -2.77 12.36 38.33
N ILE B 558 -3.97 12.47 38.91
CA ILE B 558 -4.92 11.36 38.86
C ILE B 558 -5.21 10.92 37.44
N PRO B 559 -5.63 11.79 36.51
CA PRO B 559 -5.91 11.32 35.15
C PRO B 559 -4.70 10.69 34.48
N LEU B 560 -3.54 11.34 34.56
CA LEU B 560 -2.34 10.82 33.92
C LEU B 560 -2.11 9.36 34.31
N ALA B 561 -1.99 9.11 35.61
CA ALA B 561 -1.86 7.75 36.10
C ALA B 561 -2.98 6.88 35.56
N LEU B 562 -4.23 7.35 35.70
CA LEU B 562 -5.36 6.56 35.22
C LEU B 562 -5.22 6.23 33.75
N LYS B 563 -4.66 7.13 32.95
CA LYS B 563 -4.41 6.81 31.56
C LYS B 563 -3.35 5.73 31.43
N MET B 564 -2.20 5.93 32.11
CA MET B 564 -1.08 5.02 31.93
C MET B 564 -1.45 3.61 32.38
N ALA B 565 -2.27 3.50 33.43
CA ALA B 565 -2.70 2.18 33.88
C ALA B 565 -3.58 1.51 32.83
N THR B 566 -4.45 2.27 32.17
CA THR B 566 -5.34 1.70 31.17
C THR B 566 -4.66 1.53 29.82
N GLU B 567 -3.79 2.47 29.45
CA GLU B 567 -3.21 2.47 28.11
C GLU B 567 -2.45 1.16 27.86
N GLN B 568 -1.46 0.85 28.70
CA GLN B 568 -0.70 -0.38 28.54
C GLN B 568 -1.20 -1.46 29.49
N GLY B 569 -0.71 -2.68 29.28
CA GLY B 569 -1.13 -3.83 30.06
C GLY B 569 -0.08 -4.48 30.92
N ALA B 570 1.11 -3.89 31.01
CA ALA B 570 2.22 -4.55 31.70
C ALA B 570 1.95 -4.65 33.19
N MET B 571 2.06 -5.87 33.72
CA MET B 571 1.79 -6.12 35.14
C MET B 571 2.55 -5.13 36.02
N LYS B 572 3.88 -5.09 35.83
CA LYS B 572 4.76 -4.25 36.64
C LYS B 572 4.25 -2.83 36.76
N PHE B 573 3.60 -2.31 35.72
CA PHE B 573 3.07 -0.95 35.73
C PHE B 573 1.60 -0.92 36.15
N THR B 574 0.75 -1.62 35.42
CA THR B 574 -0.69 -1.55 35.67
C THR B 574 -1.03 -1.83 37.13
N ARG B 575 -0.50 -2.93 37.68
CA ARG B 575 -0.97 -3.34 39.01
C ARG B 575 -0.64 -2.31 40.08
N PRO B 576 0.61 -1.84 40.21
CA PRO B 576 0.88 -0.84 41.27
C PRO B 576 0.12 0.47 41.07
N LEU B 577 -0.07 0.91 39.82
CA LEU B 577 -0.77 2.16 39.60
C LEU B 577 -2.22 2.07 40.07
N PHE B 578 -2.90 0.98 39.75
CA PHE B 578 -4.26 0.79 40.26
C PHE B 578 -4.26 0.68 41.78
N LYS B 579 -3.27 -0.03 42.35
CA LYS B 579 -3.22 -0.14 43.81
C LYS B 579 -3.10 1.23 44.46
N ASP B 580 -2.29 2.11 43.90
CA ASP B 580 -2.07 3.42 44.49
C ASP B 580 -3.28 4.33 44.25
N LEU B 581 -3.87 4.26 43.06
CA LEU B 581 -5.07 5.05 42.80
C LEU B 581 -6.23 4.61 43.68
N ALA B 582 -6.22 3.35 44.11
CA ALA B 582 -7.19 2.89 45.09
C ALA B 582 -6.81 3.31 46.50
N ALA B 583 -5.51 3.37 46.81
CA ALA B 583 -5.06 3.84 48.12
C ALA B 583 -5.37 5.32 48.30
N PHE B 584 -5.32 6.10 47.23
CA PHE B 584 -5.74 7.48 47.28
C PHE B 584 -7.25 7.51 47.48
N ASP B 585 -7.71 8.11 48.57
CA ASP B 585 -9.14 8.14 48.86
C ASP B 585 -9.88 9.07 47.91
N LYS B 586 -9.15 9.96 47.22
CA LYS B 586 -9.78 10.84 46.24
C LYS B 586 -10.17 10.07 44.99
N SER B 587 -9.26 9.23 44.50
CA SER B 587 -9.41 8.57 43.20
C SER B 587 -9.96 7.15 43.30
N HIS B 588 -10.32 6.68 44.49
CA HIS B 588 -10.71 5.28 44.67
C HIS B 588 -11.88 4.92 43.76
N ASP B 589 -13.01 5.62 43.90
CA ASP B 589 -14.20 5.28 43.15
C ASP B 589 -13.94 5.34 41.65
N GLN B 590 -13.41 6.46 41.18
CA GLN B 590 -13.13 6.62 39.75
C GLN B 590 -12.22 5.52 39.25
N ALA B 591 -11.21 5.13 40.03
CA ALA B 591 -10.29 4.10 39.60
C ALA B 591 -10.98 2.75 39.49
N VAL B 592 -11.78 2.39 40.49
CA VAL B 592 -12.52 1.13 40.43
C VAL B 592 -13.37 1.09 39.17
N ARG B 593 -14.21 2.10 38.98
CA ARG B 593 -15.11 2.11 37.83
C ARG B 593 -14.32 2.04 36.53
N THR B 594 -13.23 2.81 36.44
CA THR B 594 -12.39 2.76 35.24
C THR B 594 -11.92 1.34 34.97
N TYR B 595 -11.39 0.68 36.01
CA TYR B 595 -11.00 -0.72 35.86
C TYR B 595 -12.12 -1.54 35.25
N GLN B 596 -13.35 -1.37 35.77
CA GLN B 596 -14.44 -2.18 35.24
C GLN B 596 -14.83 -1.77 33.82
N GLU B 597 -14.47 -0.57 33.38
CA GLU B 597 -14.77 -0.18 32.00
C GLU B 597 -13.75 -0.77 31.02
N HIS B 598 -12.48 -0.74 31.36
CA HIS B 598 -11.44 -1.28 30.48
C HIS B 598 -11.12 -2.74 30.76
N LYS B 599 -11.88 -3.38 31.66
CA LYS B 599 -11.58 -4.74 32.07
C LYS B 599 -11.46 -5.69 30.88
N ALA B 600 -12.46 -5.68 29.99
CA ALA B 600 -12.45 -6.62 28.87
C ALA B 600 -11.33 -6.33 27.87
N SER B 601 -10.66 -5.18 27.97
CA SER B 601 -9.60 -4.83 27.04
C SER B 601 -8.21 -5.25 27.52
N MET B 602 -8.07 -5.72 28.76
CA MET B 602 -6.78 -6.09 29.30
C MET B 602 -6.64 -7.62 29.32
N HIS B 603 -5.46 -8.09 29.70
CA HIS B 603 -5.20 -9.51 29.72
C HIS B 603 -6.03 -10.16 30.82
N PRO B 604 -6.51 -11.39 30.62
CA PRO B 604 -7.31 -12.02 31.68
C PRO B 604 -6.60 -12.10 33.02
N VAL B 605 -5.33 -12.47 33.03
CA VAL B 605 -4.57 -12.56 34.29
C VAL B 605 -4.53 -11.21 34.97
N THR B 606 -4.00 -10.19 34.29
CA THR B 606 -3.92 -8.87 34.88
C THR B 606 -5.30 -8.35 35.27
N ALA B 607 -6.32 -8.70 34.48
CA ALA B 607 -7.69 -8.31 34.82
C ALA B 607 -8.10 -8.89 36.16
N MET B 608 -7.78 -10.16 36.41
CA MET B 608 -8.15 -10.78 37.68
C MET B 608 -7.35 -10.18 38.83
N LEU B 609 -6.03 -10.07 38.68
CA LEU B 609 -5.20 -9.57 39.77
C LEU B 609 -5.61 -8.15 40.17
N VAL B 610 -5.76 -7.26 39.18
CA VAL B 610 -6.24 -5.92 39.50
C VAL B 610 -7.66 -5.99 40.05
N GLY B 611 -8.45 -6.96 39.60
CA GLY B 611 -9.82 -7.08 40.08
C GLY B 611 -9.90 -7.40 41.55
N LYS B 612 -9.04 -8.30 42.02
CA LYS B 612 -9.01 -8.63 43.44
C LYS B 612 -8.34 -7.52 44.24
N ASP B 613 -7.30 -6.91 43.67
CA ASP B 613 -6.61 -5.82 44.37
C ASP B 613 -7.54 -4.63 44.60
N LEU B 614 -8.53 -4.44 43.72
CA LEU B 614 -9.50 -3.38 43.86
C LEU B 614 -10.73 -3.79 44.66
N LYS B 615 -10.71 -5.00 45.22
CA LYS B 615 -11.80 -5.49 46.08
C LYS B 615 -13.12 -5.64 45.33
N VAL B 616 -13.06 -5.80 44.01
CA VAL B 616 -14.26 -5.96 43.19
C VAL B 616 -14.84 -7.35 43.39
N VAL C 11 -31.00 34.39 -22.51
CA VAL C 11 -31.80 34.58 -21.29
C VAL C 11 -31.26 33.73 -20.16
N ASP C 12 -31.37 34.24 -18.93
CA ASP C 12 -30.87 33.54 -17.75
C ASP C 12 -31.95 32.58 -17.25
N THR C 13 -31.61 31.29 -17.24
CA THR C 13 -32.56 30.25 -16.83
C THR C 13 -32.66 30.11 -15.32
N CYS C 14 -31.70 30.66 -14.57
CA CYS C 14 -31.67 30.56 -13.12
C CYS C 14 -32.44 31.70 -12.44
N SER C 15 -33.08 32.57 -13.21
CA SER C 15 -33.87 33.68 -12.69
C SER C 15 -35.30 33.54 -13.17
N LEU C 16 -36.25 33.69 -12.25
CA LEU C 16 -37.67 33.64 -12.58
C LEU C 16 -38.27 35.02 -12.83
N ALA C 17 -37.47 36.08 -12.76
CA ALA C 17 -37.99 37.43 -12.96
C ALA C 17 -38.06 37.75 -14.44
N SER C 18 -38.57 38.95 -14.75
CA SER C 18 -38.69 39.36 -16.13
C SER C 18 -37.31 39.61 -16.72
N PRO C 19 -36.99 39.06 -17.89
CA PRO C 19 -35.64 39.25 -18.44
C PRO C 19 -35.38 40.72 -18.76
N ALA C 20 -34.09 41.03 -18.93
CA ALA C 20 -33.70 42.39 -19.30
C ALA C 20 -34.36 42.84 -20.59
N SER C 21 -34.85 41.90 -21.42
CA SER C 21 -35.52 42.26 -22.67
C SER C 21 -36.85 42.96 -22.45
N VAL C 22 -37.44 42.83 -21.26
CA VAL C 22 -38.72 43.45 -20.95
C VAL C 22 -38.47 44.76 -20.23
N CYS C 23 -37.83 44.69 -19.06
CA CYS C 23 -37.51 45.87 -18.28
C CYS C 23 -36.19 45.66 -17.56
N ARG C 24 -35.61 46.75 -17.09
CA ARG C 24 -34.34 46.72 -16.38
C ARG C 24 -34.44 47.58 -15.13
N THR C 25 -33.91 47.07 -14.02
CA THR C 25 -33.85 47.85 -12.79
C THR C 25 -32.63 48.78 -12.86
N LYS C 26 -32.88 50.09 -12.81
CA LYS C 26 -31.80 51.06 -12.78
C LYS C 26 -31.25 51.29 -11.37
N HIS C 27 -32.12 51.42 -10.38
CA HIS C 27 -31.71 51.87 -9.06
C HIS C 27 -32.49 51.16 -7.97
N LEU C 28 -31.89 51.10 -6.79
CA LEU C 28 -32.48 50.53 -5.59
C LEU C 28 -32.25 51.47 -4.43
N HIS C 29 -33.28 51.64 -3.59
CA HIS C 29 -33.16 52.38 -2.34
C HIS C 29 -33.62 51.45 -1.23
N LEU C 30 -32.68 51.07 -0.36
CA LEU C 30 -32.93 50.04 0.64
C LEU C 30 -32.94 50.69 2.02
N ARG C 31 -34.11 50.74 2.66
CA ARG C 31 -34.24 51.18 4.04
C ARG C 31 -34.61 49.95 4.85
N CYS C 32 -33.73 49.52 5.74
CA CYS C 32 -33.99 48.27 6.45
C CYS C 32 -33.43 48.34 7.87
N SER C 33 -33.93 47.44 8.72
CA SER C 33 -33.53 47.35 10.11
C SER C 33 -33.14 45.91 10.44
N VAL C 34 -32.04 45.75 11.17
CA VAL C 34 -31.49 44.43 11.51
C VAL C 34 -31.92 44.08 12.93
N ASP C 35 -32.61 42.95 13.08
CA ASP C 35 -33.01 42.44 14.38
C ASP C 35 -32.26 41.14 14.64
N PHE C 36 -31.34 41.17 15.60
CA PHE C 36 -30.52 39.98 15.88
C PHE C 36 -31.27 38.96 16.71
N THR C 37 -32.25 39.38 17.50
CA THR C 37 -33.04 38.42 18.26
C THR C 37 -33.91 37.58 17.34
N ARG C 38 -34.54 38.22 16.35
CA ARG C 38 -35.38 37.53 15.38
C ARG C 38 -34.60 37.02 14.17
N ARG C 39 -33.37 37.50 13.96
CA ARG C 39 -32.55 37.09 12.82
C ARG C 39 -33.25 37.42 11.50
N THR C 40 -33.73 38.66 11.40
CA THR C 40 -34.52 39.10 10.25
C THR C 40 -34.12 40.49 9.81
N LEU C 41 -34.09 40.68 8.49
CA LEU C 41 -34.04 42.02 7.89
C LEU C 41 -35.44 42.38 7.45
N THR C 42 -35.92 43.54 7.89
CA THR C 42 -37.26 44.00 7.58
C THR C 42 -37.20 45.45 7.16
N GLY C 43 -37.85 45.79 6.06
CA GLY C 43 -37.78 47.15 5.54
C GLY C 43 -38.41 47.24 4.17
N THR C 44 -37.98 48.24 3.41
CA THR C 44 -38.52 48.50 2.08
C THR C 44 -37.41 48.50 1.04
N ALA C 45 -37.77 48.16 -0.18
CA ALA C 45 -36.89 48.24 -1.33
C ALA C 45 -37.61 49.02 -2.42
N ALA C 46 -37.04 50.16 -2.81
CA ALA C 46 -37.61 51.00 -3.85
C ALA C 46 -36.81 50.76 -5.13
N LEU C 47 -37.44 50.07 -6.08
CA LEU C 47 -36.82 49.72 -7.35
C LEU C 47 -37.29 50.70 -8.40
N THR C 48 -36.34 51.46 -8.96
CA THR C 48 -36.62 52.25 -10.15
C THR C 48 -36.46 51.34 -11.35
N VAL C 49 -37.54 51.13 -12.10
CA VAL C 49 -37.55 50.21 -13.22
C VAL C 49 -37.80 50.99 -14.50
N GLN C 50 -37.04 50.64 -15.53
CA GLN C 50 -37.09 51.24 -16.85
C GLN C 50 -37.58 50.18 -17.82
N SER C 51 -38.77 50.38 -18.36
CA SER C 51 -39.39 49.39 -19.23
C SER C 51 -38.76 49.43 -20.62
N GLN C 52 -38.52 48.25 -21.17
CA GLN C 52 -38.01 48.10 -22.54
C GLN C 52 -39.11 47.80 -23.55
N GLU C 53 -40.38 47.75 -23.12
CA GLU C 53 -41.49 47.42 -24.00
C GLU C 53 -42.55 48.53 -23.95
N ASP C 54 -43.42 48.51 -24.96
CA ASP C 54 -44.63 49.32 -24.95
C ASP C 54 -45.79 48.51 -24.39
N ASN C 55 -46.67 49.18 -23.65
CA ASN C 55 -47.86 48.54 -23.09
C ASN C 55 -47.47 47.42 -22.12
N LEU C 56 -46.56 47.74 -21.20
CA LEU C 56 -46.13 46.80 -20.16
C LEU C 56 -46.99 47.04 -18.93
N ARG C 57 -47.90 46.10 -18.66
CA ARG C 57 -48.86 46.24 -17.56
C ARG C 57 -48.52 45.41 -16.34
N SER C 58 -47.45 44.62 -16.36
CA SER C 58 -47.10 43.80 -15.21
C SER C 58 -45.59 43.62 -15.15
N LEU C 59 -45.13 42.96 -14.09
CA LEU C 59 -43.71 42.71 -13.88
C LEU C 59 -43.56 41.47 -13.00
N VAL C 60 -42.48 40.71 -13.22
CA VAL C 60 -42.17 39.56 -12.38
C VAL C 60 -40.80 39.76 -11.74
N LEU C 61 -40.72 39.44 -10.45
CA LEU C 61 -39.49 39.57 -9.67
C LEU C 61 -39.19 38.26 -8.96
N ASP C 62 -37.94 38.12 -8.52
CA ASP C 62 -37.50 36.93 -7.81
C ASP C 62 -37.65 37.12 -6.30
N THR C 63 -38.12 36.07 -5.62
CA THR C 63 -38.12 36.03 -4.16
C THR C 63 -37.70 34.64 -3.71
N LYS C 64 -37.09 34.55 -2.53
CA LYS C 64 -36.84 33.27 -1.90
C LYS C 64 -37.13 33.37 -0.41
N ASP C 65 -38.14 32.62 0.04
CA ASP C 65 -38.52 32.55 1.45
C ASP C 65 -38.84 33.92 2.04
N LEU C 66 -39.16 34.90 1.19
CA LEU C 66 -39.53 36.23 1.66
C LEU C 66 -40.99 36.28 2.06
N THR C 67 -41.31 37.21 2.95
CA THR C 67 -42.69 37.49 3.36
C THR C 67 -43.00 38.93 2.96
N ILE C 68 -43.90 39.08 2.00
CA ILE C 68 -44.26 40.39 1.46
C ILE C 68 -45.43 40.95 2.25
N GLU C 69 -45.33 42.23 2.59
CA GLU C 69 -46.43 42.94 3.24
C GLU C 69 -47.28 43.70 2.22
N LYS C 70 -46.68 44.70 1.56
CA LYS C 70 -47.41 45.55 0.63
C LYS C 70 -46.49 45.90 -0.55
N VAL C 71 -47.12 46.33 -1.64
CA VAL C 71 -46.41 46.84 -2.81
C VAL C 71 -47.04 48.18 -3.18
N VAL C 72 -46.25 49.24 -3.11
CA VAL C 72 -46.72 50.60 -3.30
C VAL C 72 -46.15 51.16 -4.59
N ILE C 73 -47.03 51.69 -5.44
CA ILE C 73 -46.64 52.40 -6.66
C ILE C 73 -47.34 53.74 -6.66
N ASN C 74 -46.57 54.83 -6.63
CA ASN C 74 -47.11 56.18 -6.63
C ASN C 74 -48.07 56.38 -5.46
N GLY C 75 -47.60 56.05 -4.26
CA GLY C 75 -48.38 56.27 -3.05
C GLY C 75 -49.68 55.50 -2.98
N GLN C 76 -49.79 54.39 -3.71
CA GLN C 76 -51.00 53.59 -3.69
C GLN C 76 -50.63 52.12 -3.74
N GLU C 77 -51.34 51.30 -2.95
CA GLU C 77 -51.09 49.87 -2.95
C GLU C 77 -51.58 49.24 -4.25
N VAL C 78 -50.77 48.33 -4.79
CA VAL C 78 -51.10 47.62 -6.02
C VAL C 78 -51.16 46.13 -5.71
N LYS C 79 -51.85 45.40 -6.58
CA LYS C 79 -52.06 43.98 -6.37
C LYS C 79 -50.86 43.18 -6.85
N TYR C 80 -50.60 42.08 -6.14
CA TYR C 80 -49.47 41.22 -6.46
C TYR C 80 -49.81 39.79 -6.08
N ALA C 81 -49.07 38.85 -6.65
CA ALA C 81 -49.25 37.43 -6.35
C ALA C 81 -47.88 36.78 -6.28
N LEU C 82 -47.82 35.65 -5.57
CA LEU C 82 -46.58 34.89 -5.41
C LEU C 82 -46.77 33.50 -5.98
N GLY C 83 -46.00 33.16 -7.01
CA GLY C 83 -46.10 31.87 -7.62
C GLY C 83 -45.59 30.76 -6.73
N GLU C 84 -45.87 29.53 -7.16
CA GLU C 84 -45.44 28.37 -6.40
C GLU C 84 -43.93 28.30 -6.35
N ARG C 85 -43.39 27.98 -5.18
CA ARG C 85 -41.95 27.87 -5.02
C ARG C 85 -41.42 26.79 -5.94
N GLN C 86 -40.45 27.14 -6.79
CA GLN C 86 -39.77 26.16 -7.62
C GLN C 86 -38.40 25.90 -7.01
N SER C 87 -38.31 24.81 -6.25
CA SER C 87 -37.04 24.28 -5.74
C SER C 87 -36.10 25.40 -5.28
N TYR C 88 -34.87 25.40 -5.78
CA TYR C 88 -33.86 26.36 -5.36
C TYR C 88 -34.09 27.75 -5.95
N LYS C 89 -34.83 27.86 -7.04
CA LYS C 89 -35.05 29.15 -7.68
C LYS C 89 -35.94 30.07 -6.85
N GLY C 90 -36.63 29.56 -5.84
CA GLY C 90 -37.51 30.37 -5.02
C GLY C 90 -38.92 30.47 -5.59
N SER C 91 -39.59 31.59 -5.34
CA SER C 91 -40.91 31.84 -5.87
C SER C 91 -40.90 33.12 -6.70
N PRO C 92 -41.61 33.14 -7.83
CA PRO C 92 -41.82 34.39 -8.56
C PRO C 92 -42.90 35.26 -7.93
N MET C 93 -42.69 36.57 -8.02
CA MET C 93 -43.63 37.55 -7.50
C MET C 93 -44.09 38.42 -8.67
N GLU C 94 -45.37 38.32 -9.01
CA GLU C 94 -45.94 39.11 -10.09
C GLU C 94 -46.61 40.35 -9.51
N ILE C 95 -46.22 41.51 -10.03
CA ILE C 95 -46.75 42.81 -9.63
C ILE C 95 -47.58 43.35 -10.78
N SER C 96 -48.77 43.85 -10.47
CA SER C 96 -49.67 44.43 -11.45
C SER C 96 -49.46 45.94 -11.44
N LEU C 97 -49.07 46.49 -12.59
CA LEU C 97 -48.81 47.92 -12.67
C LEU C 97 -50.12 48.69 -12.80
N PRO C 98 -50.23 49.87 -12.18
CA PRO C 98 -51.44 50.66 -12.37
C PRO C 98 -51.54 51.32 -13.74
N ILE C 99 -50.41 51.62 -14.37
CA ILE C 99 -50.37 52.33 -15.64
C ILE C 99 -49.46 51.56 -16.59
N ALA C 100 -49.94 51.31 -17.81
CA ALA C 100 -49.11 50.70 -18.83
C ALA C 100 -47.91 51.58 -19.12
N LEU C 101 -46.73 50.97 -19.19
CA LEU C 101 -45.49 51.71 -19.40
C LEU C 101 -45.05 51.61 -20.85
N SER C 102 -44.55 52.73 -21.39
CA SER C 102 -44.00 52.73 -22.73
C SER C 102 -42.51 52.44 -22.67
N LYS C 103 -41.88 52.34 -23.83
CA LYS C 103 -40.47 52.01 -23.90
C LYS C 103 -39.65 53.13 -23.31
N ASN C 104 -38.71 52.77 -22.43
CA ASN C 104 -37.84 53.71 -21.73
C ASN C 104 -38.62 54.64 -20.80
N GLN C 105 -39.80 54.22 -20.35
CA GLN C 105 -40.53 54.92 -19.31
C GLN C 105 -40.20 54.28 -17.97
N GLU C 106 -40.06 55.11 -16.94
CA GLU C 106 -39.55 54.64 -15.66
C GLU C 106 -40.59 54.86 -14.56
N ILE C 107 -40.68 53.88 -13.65
CA ILE C 107 -41.56 53.99 -12.50
C ILE C 107 -40.84 53.38 -11.29
N VAL C 108 -41.21 53.84 -10.10
CA VAL C 108 -40.60 53.36 -8.87
C VAL C 108 -41.62 52.47 -8.15
N ILE C 109 -41.13 51.33 -7.64
CA ILE C 109 -41.96 50.34 -6.95
C ILE C 109 -41.35 50.10 -5.57
N GLU C 110 -42.12 50.34 -4.52
CA GLU C 110 -41.64 50.21 -3.15
C GLU C 110 -42.28 48.97 -2.54
N ILE C 111 -41.46 47.96 -2.26
CA ILE C 111 -41.93 46.69 -1.72
C ILE C 111 -41.51 46.62 -0.25
N SER C 112 -42.47 46.26 0.62
CA SER C 112 -42.20 46.08 2.04
C SER C 112 -42.01 44.59 2.32
N PHE C 113 -40.84 44.22 2.83
CA PHE C 113 -40.46 42.82 2.93
C PHE C 113 -39.80 42.56 4.28
N GLU C 114 -39.80 41.28 4.65
CA GLU C 114 -39.07 40.78 5.81
C GLU C 114 -38.43 39.45 5.46
N THR C 115 -37.13 39.33 5.72
CA THR C 115 -36.40 38.11 5.42
C THR C 115 -36.73 37.02 6.44
N SER C 116 -36.46 35.79 6.04
CA SER C 116 -36.65 34.65 6.93
C SER C 116 -35.40 34.39 7.75
N PRO C 117 -35.53 33.92 8.99
CA PRO C 117 -34.33 33.58 9.77
C PRO C 117 -33.51 32.48 9.13
N LYS C 118 -34.11 31.65 8.28
CA LYS C 118 -33.42 30.60 7.55
C LYS C 118 -32.88 31.09 6.21
N SER C 119 -32.92 32.39 5.96
CA SER C 119 -32.51 32.94 4.68
C SER C 119 -31.15 32.40 4.26
N SER C 120 -31.05 31.99 3.00
CA SER C 120 -29.83 31.40 2.46
C SER C 120 -28.81 32.43 2.02
N ALA C 121 -29.15 33.72 2.08
CA ALA C 121 -28.19 34.78 1.76
C ALA C 121 -27.58 35.41 3.01
N LEU C 122 -28.01 35.03 4.20
CA LEU C 122 -27.61 35.70 5.43
C LEU C 122 -27.02 34.70 6.41
N GLN C 123 -25.85 35.02 6.93
CA GLN C 123 -25.19 34.26 7.97
C GLN C 123 -25.23 35.08 9.26
N TRP C 124 -26.02 34.61 10.22
CA TRP C 124 -26.16 35.21 11.54
C TRP C 124 -25.32 34.40 12.53
N LEU C 125 -24.33 35.04 13.14
CA LEU C 125 -23.41 34.38 14.05
C LEU C 125 -23.73 34.75 15.49
N THR C 126 -23.81 33.72 16.34
CA THR C 126 -23.89 33.90 17.78
C THR C 126 -22.62 34.57 18.30
N PRO C 127 -22.70 35.21 19.46
CA PRO C 127 -21.47 35.77 20.05
C PRO C 127 -20.35 34.76 20.19
N GLU C 128 -20.68 33.52 20.58
CA GLU C 128 -19.66 32.49 20.77
C GLU C 128 -18.86 32.26 19.49
N GLN C 129 -19.45 32.55 18.33
CA GLN C 129 -18.84 32.29 17.04
C GLN C 129 -18.01 33.46 16.53
N THR C 130 -17.83 34.50 17.34
CA THR C 130 -17.04 35.66 16.99
C THR C 130 -15.75 35.66 17.81
N SER C 131 -14.92 36.69 17.59
CA SER C 131 -13.67 36.79 18.32
C SER C 131 -13.89 37.30 19.75
N GLY C 132 -14.69 38.36 19.89
CA GLY C 132 -14.90 38.97 21.19
C GLY C 132 -15.85 38.23 22.10
N LYS C 133 -16.64 37.30 21.55
CA LYS C 133 -17.59 36.52 22.32
C LYS C 133 -18.61 37.39 23.05
N GLU C 134 -18.82 38.61 22.56
CA GLU C 134 -19.70 39.57 23.21
C GLU C 134 -20.95 39.81 22.38
N HIS C 135 -20.79 40.32 21.15
CA HIS C 135 -21.94 40.70 20.34
C HIS C 135 -22.11 39.76 19.15
N PRO C 136 -23.33 39.58 18.67
CA PRO C 136 -23.53 38.75 17.46
C PRO C 136 -22.84 39.35 16.25
N TYR C 137 -22.95 38.67 15.12
CA TYR C 137 -22.31 39.12 13.88
C TYR C 137 -23.24 38.76 12.73
N LEU C 138 -23.17 39.52 11.65
CA LEU C 138 -24.00 39.25 10.48
C LEU C 138 -23.22 39.55 9.22
N PHE C 139 -23.26 38.62 8.25
CA PHE C 139 -22.68 38.91 6.95
C PHE C 139 -23.43 38.13 5.88
N SER C 140 -23.44 38.68 4.66
CA SER C 140 -24.25 38.17 3.58
C SER C 140 -23.40 37.41 2.56
N GLN C 141 -24.02 36.40 1.94
CA GLN C 141 -23.47 35.79 0.73
C GLN C 141 -24.58 35.75 -0.31
N CYS C 142 -24.47 36.61 -1.32
CA CYS C 142 -25.46 36.69 -2.37
C CYS C 142 -25.09 35.91 -3.62
N GLN C 143 -23.85 35.43 -3.71
CA GLN C 143 -23.42 34.74 -4.92
C GLN C 143 -23.81 33.26 -4.80
N ALA C 144 -24.42 32.68 -5.81
CA ALA C 144 -24.72 33.32 -7.10
C ALA C 144 -26.07 34.04 -7.08
N ILE C 145 -27.13 33.26 -6.94
CA ILE C 145 -28.51 33.73 -7.06
C ILE C 145 -29.16 33.98 -5.70
N HIS C 146 -28.41 33.91 -4.60
CA HIS C 146 -28.99 34.04 -3.28
C HIS C 146 -29.52 35.43 -2.95
N CYS C 147 -29.24 36.46 -3.75
CA CYS C 147 -29.68 37.81 -3.39
C CYS C 147 -31.20 37.91 -3.31
N ARG C 148 -31.91 37.04 -4.03
CA ARG C 148 -33.37 37.01 -3.97
C ARG C 148 -33.91 36.58 -2.61
N ALA C 149 -33.04 36.10 -1.71
CA ALA C 149 -33.43 35.72 -0.36
C ALA C 149 -33.29 36.86 0.64
N ILE C 150 -32.84 38.03 0.20
CA ILE C 150 -32.82 39.23 1.03
C ILE C 150 -34.04 40.08 0.69
N LEU C 151 -34.11 40.53 -0.56
CA LEU C 151 -35.16 41.44 -1.00
C LEU C 151 -35.62 41.02 -2.39
N PRO C 152 -36.84 41.38 -2.79
CA PRO C 152 -37.28 41.09 -4.16
C PRO C 152 -36.53 41.94 -5.16
N CYS C 153 -36.21 41.31 -6.29
CA CYS C 153 -35.40 41.97 -7.33
C CYS C 153 -35.43 41.09 -8.57
N GLN C 154 -34.73 41.53 -9.60
CA GLN C 154 -34.39 40.66 -10.73
C GLN C 154 -33.04 40.05 -10.40
N ASP C 155 -33.02 38.76 -10.06
CA ASP C 155 -31.82 38.13 -9.58
C ASP C 155 -31.12 37.49 -10.76
N THR C 156 -30.04 38.11 -11.22
CA THR C 156 -29.36 37.70 -12.45
C THR C 156 -28.27 38.72 -12.74
N PRO C 157 -27.07 38.29 -13.19
CA PRO C 157 -26.04 39.26 -13.55
C PRO C 157 -26.35 40.05 -14.80
N SER C 158 -27.35 39.65 -15.60
CA SER C 158 -27.67 40.36 -16.84
C SER C 158 -28.16 41.79 -16.59
N VAL C 159 -28.64 42.09 -15.38
CA VAL C 159 -29.15 43.41 -15.04
C VAL C 159 -28.19 44.03 -14.04
N LYS C 160 -27.69 45.23 -14.35
CA LYS C 160 -26.83 45.98 -13.46
C LYS C 160 -27.56 47.24 -13.00
N LEU C 161 -27.42 47.57 -11.71
CA LEU C 161 -28.12 48.69 -11.12
C LEU C 161 -27.19 49.40 -10.14
N THR C 162 -27.63 50.57 -9.71
CA THR C 162 -26.97 51.33 -8.65
C THR C 162 -27.92 51.36 -7.44
N TYR C 163 -27.36 51.56 -6.26
CA TYR C 163 -28.23 51.55 -5.08
C TYR C 163 -27.69 52.45 -3.99
N THR C 164 -28.62 52.99 -3.21
CA THR C 164 -28.32 53.66 -1.96
C THR C 164 -29.12 52.97 -0.85
N ALA C 165 -28.59 53.01 0.36
CA ALA C 165 -29.22 52.26 1.45
C ALA C 165 -28.98 52.94 2.78
N GLU C 166 -29.93 52.73 3.68
CA GLU C 166 -29.82 53.13 5.08
C GLU C 166 -30.27 51.96 5.95
N VAL C 167 -29.40 51.56 6.87
CA VAL C 167 -29.58 50.36 7.68
C VAL C 167 -29.59 50.78 9.15
N SER C 168 -30.59 50.30 9.89
CA SER C 168 -30.73 50.56 11.31
C SER C 168 -30.19 49.35 12.09
N VAL C 169 -29.17 49.59 12.89
CA VAL C 169 -28.51 48.53 13.67
C VAL C 169 -28.51 48.95 15.13
N PRO C 170 -28.28 48.01 16.04
CA PRO C 170 -28.11 48.37 17.44
C PRO C 170 -26.97 49.36 17.64
N LYS C 171 -27.15 50.29 18.58
CA LYS C 171 -26.20 51.38 18.77
C LYS C 171 -24.77 50.87 18.89
N GLU C 172 -24.56 49.79 19.65
CA GLU C 172 -23.21 49.33 19.96
C GLU C 172 -22.50 48.72 18.77
N LEU C 173 -23.17 48.56 17.62
CA LEU C 173 -22.60 47.86 16.48
C LEU C 173 -22.35 48.84 15.34
N VAL C 174 -21.80 48.28 14.26
CA VAL C 174 -21.43 49.01 13.06
C VAL C 174 -22.00 48.27 11.86
N ALA C 175 -22.37 49.04 10.85
CA ALA C 175 -22.90 48.52 9.59
C ALA C 175 -21.98 48.93 8.45
N LEU C 176 -21.78 48.01 7.52
CA LEU C 176 -21.03 48.24 6.29
C LEU C 176 -21.75 47.51 5.19
N MET C 177 -21.68 48.06 3.98
CA MET C 177 -22.31 47.44 2.83
C MET C 177 -21.28 47.38 1.72
N SER C 178 -21.67 46.84 0.58
CA SER C 178 -20.82 47.05 -0.57
C SER C 178 -21.28 48.36 -1.14
N ALA C 179 -20.64 49.41 -0.63
CA ALA C 179 -20.78 50.80 -1.21
C ALA C 179 -19.95 51.89 -0.45
N ILE C 180 -19.90 53.16 -0.88
CA ILE C 180 -19.23 54.18 -0.09
C ILE C 180 -20.00 54.42 1.21
N ARG C 181 -19.28 54.67 2.29
CA ARG C 181 -19.90 55.02 3.56
C ARG C 181 -20.32 56.49 3.50
N ASP C 182 -21.62 56.76 3.65
CA ASP C 182 -22.16 58.10 3.56
C ASP C 182 -22.39 58.76 4.92
N GLY C 183 -22.00 58.10 6.01
CA GLY C 183 -22.16 58.65 7.35
C GLY C 183 -23.26 57.94 8.13
N GLU C 184 -23.43 58.40 9.37
CA GLU C 184 -24.31 57.75 10.33
C GLU C 184 -25.02 58.80 11.17
N THR C 185 -26.22 58.47 11.63
CA THR C 185 -26.96 59.31 12.55
C THR C 185 -27.76 58.43 13.48
N PRO C 186 -28.11 58.91 14.67
CA PRO C 186 -29.00 58.13 15.54
C PRO C 186 -30.35 57.90 14.89
N ASP C 187 -30.96 56.77 15.25
CA ASP C 187 -32.24 56.39 14.66
C ASP C 187 -33.36 57.24 15.25
N PRO C 188 -34.03 58.10 14.47
CA PRO C 188 -35.09 58.94 15.05
C PRO C 188 -36.29 58.15 15.56
N GLU C 189 -36.47 56.91 15.11
CA GLU C 189 -37.55 56.06 15.60
C GLU C 189 -37.17 55.31 16.87
N ASP C 190 -35.96 55.49 17.38
CA ASP C 190 -35.52 54.83 18.60
C ASP C 190 -34.13 55.33 18.97
N PRO C 191 -33.89 55.74 20.23
CA PRO C 191 -32.55 56.22 20.61
C PRO C 191 -31.51 55.12 20.72
N SER C 192 -31.92 53.86 20.81
CA SER C 192 -31.01 52.75 21.07
C SER C 192 -30.39 52.19 19.81
N ARG C 193 -30.65 52.79 18.66
CA ARG C 193 -30.17 52.28 17.38
C ARG C 193 -29.52 53.39 16.59
N LYS C 194 -28.64 52.99 15.67
CA LYS C 194 -27.98 53.89 14.74
C LYS C 194 -28.42 53.56 13.32
N ILE C 195 -28.27 54.53 12.43
CA ILE C 195 -28.56 54.37 11.02
C ILE C 195 -27.30 54.72 10.25
N TYR C 196 -26.81 53.77 9.45
CA TYR C 196 -25.68 53.98 8.56
C TYR C 196 -26.19 54.11 7.13
N LYS C 197 -25.55 54.97 6.34
CA LYS C 197 -25.96 55.25 4.98
C LYS C 197 -24.84 54.90 4.01
N PHE C 198 -25.24 54.46 2.81
CA PHE C 198 -24.30 53.99 1.80
C PHE C 198 -24.82 54.35 0.41
N ILE C 199 -23.88 54.66 -0.49
CA ILE C 199 -24.20 55.04 -1.86
C ILE C 199 -23.22 54.36 -2.80
N GLN C 200 -23.74 53.60 -3.77
CA GLN C 200 -22.92 52.94 -4.77
C GLN C 200 -23.15 53.63 -6.12
N LYS C 201 -22.13 54.35 -6.59
CA LYS C 201 -22.27 55.19 -7.76
C LYS C 201 -22.29 54.38 -9.06
N VAL C 202 -21.44 53.38 -9.17
CA VAL C 202 -21.32 52.62 -10.41
C VAL C 202 -22.31 51.46 -10.40
N PRO C 203 -22.87 51.06 -11.55
CA PRO C 203 -23.87 49.97 -11.54
C PRO C 203 -23.23 48.61 -11.29
N ILE C 204 -23.96 47.77 -10.56
CA ILE C 204 -23.46 46.43 -10.23
C ILE C 204 -24.58 45.43 -10.38
N PRO C 205 -24.23 44.17 -10.63
CA PRO C 205 -25.24 43.10 -10.53
C PRO C 205 -25.69 42.94 -9.09
N CYS C 206 -26.89 42.42 -8.91
CA CYS C 206 -27.48 42.37 -7.58
C CYS C 206 -26.75 41.41 -6.65
N TYR C 207 -26.02 40.42 -7.19
CA TYR C 207 -25.33 39.45 -6.34
C TYR C 207 -24.13 40.07 -5.63
N LEU C 208 -23.71 41.27 -6.02
CA LEU C 208 -22.58 41.95 -5.39
C LEU C 208 -23.01 42.92 -4.29
N ILE C 209 -24.29 42.95 -3.95
CA ILE C 209 -24.75 43.71 -2.78
C ILE C 209 -24.38 42.92 -1.53
N ALA C 210 -23.63 43.54 -0.62
CA ALA C 210 -23.18 42.87 0.59
C ALA C 210 -23.53 43.72 1.80
N LEU C 211 -23.78 43.04 2.92
CA LEU C 211 -24.07 43.68 4.20
C LEU C 211 -23.29 43.00 5.31
N VAL C 212 -22.80 43.80 6.24
CA VAL C 212 -22.04 43.34 7.40
C VAL C 212 -22.45 44.17 8.60
N VAL C 213 -22.83 43.52 9.69
CA VAL C 213 -23.21 44.22 10.92
C VAL C 213 -22.55 43.50 12.08
N GLY C 214 -21.78 44.23 12.88
CA GLY C 214 -21.15 43.62 14.05
C GLY C 214 -20.30 44.61 14.80
N ALA C 215 -19.44 44.11 15.67
CA ALA C 215 -18.54 44.97 16.43
C ALA C 215 -17.26 45.11 15.60
N LEU C 216 -17.06 46.30 15.04
CA LEU C 216 -16.03 46.50 14.02
C LEU C 216 -15.22 47.73 14.32
N GLU C 217 -13.94 47.67 13.94
CA GLU C 217 -13.01 48.77 14.09
C GLU C 217 -12.20 48.89 12.80
N SER C 218 -11.55 50.04 12.65
CA SER C 218 -10.91 50.44 11.40
C SER C 218 -9.47 50.86 11.65
N ARG C 219 -8.63 50.63 10.64
CA ARG C 219 -7.30 51.24 10.59
C ARG C 219 -6.99 51.59 9.14
N GLN C 220 -6.46 52.79 8.91
CA GLN C 220 -6.27 53.30 7.57
C GLN C 220 -4.87 52.94 7.09
N ILE C 221 -4.79 52.01 6.13
CA ILE C 221 -3.50 51.56 5.61
C ILE C 221 -3.13 52.21 4.29
N GLY C 222 -4.00 53.05 3.72
CA GLY C 222 -3.71 53.72 2.48
C GLY C 222 -4.63 54.91 2.27
N PRO C 223 -4.37 55.70 1.24
CA PRO C 223 -5.23 56.86 1.01
C PRO C 223 -6.69 56.48 0.83
N ARG C 224 -6.94 55.48 0.00
CA ARG C 224 -8.29 55.00 -0.29
C ARG C 224 -8.66 53.72 0.45
N THR C 225 -7.80 53.22 1.34
CA THR C 225 -7.97 51.89 1.90
C THR C 225 -8.09 51.94 3.42
N LEU C 226 -9.19 51.42 3.94
CA LEU C 226 -9.37 51.13 5.35
C LEU C 226 -9.45 49.61 5.56
N VAL C 227 -9.06 49.18 6.75
CA VAL C 227 -9.11 47.76 7.13
C VAL C 227 -10.08 47.64 8.29
N TRP C 228 -11.11 46.81 8.11
CA TRP C 228 -12.18 46.64 9.07
C TRP C 228 -12.13 45.25 9.68
N SER C 229 -12.28 45.16 11.00
CA SER C 229 -12.34 43.87 11.66
C SER C 229 -12.55 44.10 13.15
N GLU C 230 -12.79 43.00 13.87
CA GLU C 230 -13.01 43.09 15.31
C GLU C 230 -11.76 43.60 16.02
N LYS C 231 -11.97 44.14 17.22
CA LYS C 231 -10.89 44.78 17.96
C LYS C 231 -9.67 43.89 18.09
N GLU C 232 -9.85 42.57 18.07
CA GLU C 232 -8.75 41.67 18.36
C GLU C 232 -7.79 41.57 17.17
N GLN C 233 -8.33 41.42 15.97
CA GLN C 233 -7.52 41.19 14.76
C GLN C 233 -7.30 42.45 13.93
N VAL C 234 -7.79 43.62 14.35
CA VAL C 234 -7.77 44.78 13.48
C VAL C 234 -6.34 45.26 13.22
N GLU C 235 -5.47 45.22 14.24
CA GLU C 235 -4.10 45.71 14.06
C GLU C 235 -3.23 44.66 13.35
N LYS C 236 -3.44 43.38 13.67
CA LYS C 236 -2.84 42.31 12.87
C LYS C 236 -3.12 42.52 11.39
N SER C 237 -4.39 42.75 11.05
CA SER C 237 -4.76 42.97 9.65
C SER C 237 -4.17 44.26 9.12
N ALA C 238 -4.09 45.28 9.97
CA ALA C 238 -3.52 46.55 9.54
C ALA C 238 -2.06 46.39 9.14
N TYR C 239 -1.32 45.49 9.81
CA TYR C 239 0.06 45.26 9.43
C TYR C 239 0.19 44.33 8.23
N GLU C 240 -0.61 43.25 8.19
CA GLU C 240 -0.43 42.24 7.16
C GLU C 240 -0.63 42.81 5.75
N PHE C 241 -1.69 43.60 5.56
CA PHE C 241 -2.13 44.05 4.25
C PHE C 241 -1.59 45.43 3.88
N SER C 242 -0.62 45.95 4.63
CA SER C 242 -0.15 47.32 4.43
C SER C 242 0.24 47.62 2.99
N GLU C 243 0.52 46.60 2.18
CA GLU C 243 0.98 46.79 0.81
C GLU C 243 -0.15 46.88 -0.21
N THR C 244 -1.41 46.88 0.23
CA THR C 244 -2.51 46.78 -0.72
C THR C 244 -2.55 47.98 -1.66
N GLU C 245 -2.25 49.19 -1.17
CA GLU C 245 -2.27 50.35 -2.05
C GLU C 245 -1.35 50.16 -3.25
N SER C 246 -0.18 49.57 -3.03
CA SER C 246 0.75 49.33 -4.13
C SER C 246 0.20 48.30 -5.11
N MET C 247 -0.44 47.24 -4.60
CA MET C 247 -1.09 46.28 -5.47
C MET C 247 -2.16 46.96 -6.32
N LEU C 248 -2.91 47.90 -5.73
CA LEU C 248 -3.88 48.67 -6.48
C LEU C 248 -3.20 49.50 -7.56
N LYS C 249 -2.05 50.09 -7.25
CA LYS C 249 -1.33 50.84 -8.27
C LYS C 249 -0.96 49.96 -9.45
N ILE C 250 -0.41 48.77 -9.18
CA ILE C 250 -0.06 47.84 -10.25
C ILE C 250 -1.28 47.45 -11.06
N ALA C 251 -2.37 47.11 -10.36
CA ALA C 251 -3.62 46.78 -11.05
C ALA C 251 -4.05 47.91 -11.97
N GLU C 252 -3.98 49.15 -11.48
CA GLU C 252 -4.30 50.29 -12.32
C GLU C 252 -3.40 50.33 -13.54
N ASP C 253 -2.12 49.99 -13.36
CA ASP C 253 -1.20 49.97 -14.50
C ASP C 253 -1.63 48.94 -15.54
N LEU C 254 -2.13 47.79 -15.10
CA LEU C 254 -2.47 46.73 -16.05
C LEU C 254 -3.81 46.98 -16.73
N GLY C 255 -4.86 47.26 -15.96
CA GLY C 255 -6.22 47.25 -16.48
C GLY C 255 -6.93 48.57 -16.60
N GLY C 256 -6.27 49.71 -16.38
CA GLY C 256 -6.93 50.99 -16.39
C GLY C 256 -7.16 51.52 -14.99
N PRO C 257 -7.78 52.70 -14.88
CA PRO C 257 -7.91 53.35 -13.58
C PRO C 257 -8.92 52.64 -12.69
N TYR C 258 -8.85 52.94 -11.40
CA TYR C 258 -9.76 52.37 -10.41
C TYR C 258 -10.98 53.28 -10.31
N VAL C 259 -12.13 52.76 -10.73
CA VAL C 259 -13.34 53.56 -10.88
C VAL C 259 -14.27 53.47 -9.69
N TRP C 260 -13.95 52.66 -8.68
CA TRP C 260 -14.86 52.38 -7.58
C TRP C 260 -14.65 53.27 -6.37
N GLY C 261 -13.78 54.28 -6.46
CA GLY C 261 -13.52 55.09 -5.29
C GLY C 261 -12.77 54.37 -4.20
N GLN C 262 -13.38 54.23 -3.03
CA GLN C 262 -12.75 53.61 -1.89
C GLN C 262 -12.63 52.09 -2.07
N TYR C 263 -11.46 51.55 -1.74
CA TYR C 263 -11.25 50.10 -1.67
C TYR C 263 -10.90 49.73 -0.23
N ASP C 264 -11.84 49.09 0.46
CA ASP C 264 -11.69 48.76 1.88
C ASP C 264 -11.62 47.24 2.06
N LEU C 265 -11.01 46.84 3.17
CA LEU C 265 -10.85 45.43 3.52
C LEU C 265 -11.65 45.13 4.79
N LEU C 266 -12.27 43.95 4.81
CA LEU C 266 -12.97 43.44 5.97
C LEU C 266 -12.46 42.04 6.25
N VAL C 267 -11.77 41.85 7.36
CA VAL C 267 -11.26 40.54 7.76
C VAL C 267 -12.34 39.87 8.61
N LEU C 268 -12.92 38.80 8.08
CA LEU C 268 -14.05 38.17 8.73
C LEU C 268 -13.61 37.46 10.01
N PRO C 269 -14.56 37.09 10.87
CA PRO C 269 -14.20 36.40 12.11
C PRO C 269 -13.54 35.06 11.80
N PRO C 270 -12.83 34.47 12.77
CA PRO C 270 -12.19 33.17 12.51
C PRO C 270 -13.16 32.06 12.16
N SER C 271 -14.45 32.24 12.43
CA SER C 271 -15.45 31.22 12.15
C SER C 271 -15.72 31.06 10.66
N PHE C 272 -15.22 31.94 9.83
CA PHE C 272 -15.59 31.96 8.41
C PHE C 272 -14.97 30.79 7.66
N PRO C 273 -15.76 29.79 7.21
CA PRO C 273 -15.18 28.58 6.59
C PRO C 273 -15.05 28.60 5.07
N TYR C 274 -14.55 29.70 4.52
CA TYR C 274 -14.43 29.83 3.06
C TYR C 274 -13.33 30.83 2.75
N GLY C 275 -13.25 31.22 1.48
CA GLY C 275 -12.32 32.24 1.03
C GLY C 275 -12.98 33.59 0.82
N GLY C 276 -12.19 34.53 0.32
CA GLY C 276 -12.62 35.91 0.18
C GLY C 276 -13.73 36.10 -0.85
N MET C 277 -14.19 37.35 -0.91
CA MET C 277 -15.23 37.74 -1.86
C MET C 277 -14.88 39.10 -2.44
N GLU C 278 -15.34 39.34 -3.66
CA GLU C 278 -14.96 40.51 -4.45
C GLU C 278 -15.86 41.71 -4.24
N ASN C 279 -16.72 41.69 -3.21
CA ASN C 279 -17.76 42.69 -3.02
C ASN C 279 -17.21 44.10 -3.26
N PRO C 280 -17.87 44.95 -4.06
CA PRO C 280 -17.28 46.24 -4.41
C PRO C 280 -17.17 47.18 -3.22
N CYS C 281 -16.03 47.89 -3.17
CA CYS C 281 -15.73 48.89 -2.15
C CYS C 281 -15.48 48.29 -0.78
N LEU C 282 -15.91 47.05 -0.56
CA LEU C 282 -15.60 46.31 0.66
C LEU C 282 -15.25 44.89 0.26
N THR C 283 -14.00 44.49 0.44
CA THR C 283 -13.53 43.17 0.06
C THR C 283 -13.52 42.29 1.30
N PHE C 284 -14.07 41.08 1.18
CA PHE C 284 -14.07 40.14 2.28
C PHE C 284 -12.78 39.33 2.26
N VAL C 285 -12.18 39.16 3.44
CA VAL C 285 -10.88 38.52 3.58
C VAL C 285 -11.00 37.45 4.65
N THR C 286 -10.60 36.23 4.32
CA THR C 286 -10.55 35.16 5.31
C THR C 286 -9.39 35.40 6.25
N PRO C 287 -9.58 35.30 7.57
CA PRO C 287 -8.48 35.59 8.51
C PRO C 287 -7.31 34.62 8.39
N THR C 288 -7.50 33.47 7.72
CA THR C 288 -6.40 32.53 7.53
C THR C 288 -5.22 33.15 6.79
N LEU C 289 -5.37 34.33 6.21
CA LEU C 289 -4.28 34.99 5.52
C LEU C 289 -3.34 35.71 6.47
N LEU C 290 -3.60 35.72 7.78
CA LEU C 290 -2.74 36.43 8.71
C LEU C 290 -1.70 35.44 9.21
N ALA C 291 -0.52 35.48 8.60
CA ALA C 291 0.67 34.79 9.06
C ALA C 291 1.48 35.63 10.04
N GLY C 292 1.57 36.93 9.77
CA GLY C 292 2.41 37.85 10.50
C GLY C 292 3.63 38.34 9.73
N ASP C 293 4.05 37.63 8.69
CA ASP C 293 5.13 38.09 7.81
C ASP C 293 4.64 38.70 6.50
N LYS C 294 3.32 38.79 6.29
CA LYS C 294 2.73 39.23 5.02
C LYS C 294 2.97 38.24 3.89
N SER C 295 3.19 36.96 4.19
CA SER C 295 3.54 36.00 3.14
C SER C 295 2.34 35.60 2.30
N LEU C 296 1.15 35.58 2.88
CA LEU C 296 -0.07 35.22 2.18
C LEU C 296 -0.86 36.43 1.68
N SER C 297 -0.31 37.64 1.84
CA SER C 297 -1.07 38.84 1.47
C SER C 297 -1.34 38.91 -0.02
N ASN C 298 -0.43 38.40 -0.85
CA ASN C 298 -0.61 38.49 -2.30
C ASN C 298 -1.93 37.88 -2.76
N VAL C 299 -2.51 36.97 -1.99
CA VAL C 299 -3.79 36.37 -2.35
C VAL C 299 -4.82 37.46 -2.63
N ILE C 300 -4.78 38.55 -1.85
CA ILE C 300 -5.76 39.62 -2.01
C ILE C 300 -5.88 40.05 -3.45
N ALA C 301 -4.77 40.00 -4.20
CA ALA C 301 -4.79 40.48 -5.58
C ALA C 301 -5.97 39.92 -6.36
N HIS C 302 -6.38 38.68 -6.08
CA HIS C 302 -7.49 38.10 -6.81
C HIS C 302 -8.71 39.02 -6.76
N GLU C 303 -9.18 39.33 -5.54
CA GLU C 303 -10.34 40.20 -5.42
C GLU C 303 -10.06 41.57 -6.03
N ILE C 304 -8.82 42.03 -5.89
CA ILE C 304 -8.46 43.31 -6.50
C ILE C 304 -8.74 43.26 -8.00
N SER C 305 -8.34 42.16 -8.65
CA SER C 305 -8.57 42.05 -10.09
C SER C 305 -10.06 42.10 -10.42
N HIS C 306 -10.91 41.62 -9.51
CA HIS C 306 -12.35 41.66 -9.75
C HIS C 306 -12.86 43.08 -9.95
N SER C 307 -12.14 44.09 -9.46
CA SER C 307 -12.58 45.47 -9.65
C SER C 307 -12.57 45.89 -11.11
N TRP C 308 -11.94 45.11 -11.99
CA TRP C 308 -11.98 45.33 -13.43
C TRP C 308 -12.73 44.20 -14.13
N THR C 309 -12.25 42.97 -14.03
CA THR C 309 -12.88 41.84 -14.68
C THR C 309 -13.92 41.23 -13.75
N GLY C 310 -15.19 41.33 -14.13
CA GLY C 310 -16.27 40.60 -13.51
C GLY C 310 -17.16 41.39 -12.56
N ASN C 311 -16.63 42.45 -11.93
CA ASN C 311 -17.47 43.47 -11.32
C ASN C 311 -17.69 44.67 -12.24
N LEU C 312 -16.91 44.76 -13.31
CA LEU C 312 -17.05 45.79 -14.32
C LEU C 312 -17.59 45.20 -15.62
N VAL C 313 -16.84 44.27 -16.21
CA VAL C 313 -17.34 43.44 -17.31
C VAL C 313 -17.89 42.16 -16.68
N THR C 314 -19.21 41.97 -16.75
CA THR C 314 -19.89 40.90 -16.05
C THR C 314 -20.44 39.88 -17.04
N ASN C 315 -20.57 38.64 -16.57
CA ASN C 315 -21.17 37.56 -17.35
C ASN C 315 -22.69 37.72 -17.35
N LYS C 316 -23.28 37.79 -18.55
CA LYS C 316 -24.73 37.99 -18.66
C LYS C 316 -25.50 36.86 -18.00
N THR C 317 -24.98 35.64 -18.04
CA THR C 317 -25.59 34.51 -17.37
C THR C 317 -24.50 33.76 -16.61
N TRP C 318 -24.92 32.94 -15.65
CA TRP C 318 -23.96 32.10 -14.94
C TRP C 318 -23.38 31.01 -15.82
N ASP C 319 -24.08 30.59 -16.87
CA ASP C 319 -23.51 29.67 -17.84
C ASP C 319 -22.16 30.17 -18.35
N HIS C 320 -22.03 31.48 -18.49
CA HIS C 320 -20.84 32.15 -19.00
C HIS C 320 -19.90 32.62 -17.89
N PHE C 321 -20.09 32.13 -16.66
CA PHE C 321 -19.32 32.57 -15.50
C PHE C 321 -17.82 32.61 -15.76
N TRP C 322 -17.30 31.78 -16.68
CA TRP C 322 -15.86 31.74 -16.91
C TRP C 322 -15.33 33.08 -17.40
N LEU C 323 -16.18 33.89 -18.06
CA LEU C 323 -15.74 35.21 -18.49
C LEU C 323 -15.29 36.05 -17.31
N ASN C 324 -15.83 35.79 -16.13
CA ASN C 324 -15.49 36.57 -14.95
C ASN C 324 -14.19 36.06 -14.35
N GLU C 325 -14.27 34.93 -13.63
CA GLU C 325 -13.09 34.45 -12.91
C GLU C 325 -11.95 34.15 -13.87
N GLY C 326 -12.24 33.51 -15.00
CA GLY C 326 -11.21 33.22 -15.97
C GLY C 326 -10.34 34.43 -16.28
N HIS C 327 -10.96 35.61 -16.36
CA HIS C 327 -10.18 36.81 -16.64
C HIS C 327 -9.49 37.34 -15.39
N THR C 328 -10.20 37.36 -14.25
CA THR C 328 -9.57 37.85 -13.02
C THR C 328 -8.28 37.10 -12.76
N VAL C 329 -8.35 35.76 -12.79
CA VAL C 329 -7.15 34.95 -12.61
C VAL C 329 -6.05 35.44 -13.56
N TYR C 330 -6.39 35.58 -14.85
CA TYR C 330 -5.37 35.99 -15.80
C TYR C 330 -4.77 37.34 -15.41
N LEU C 331 -5.60 38.26 -14.93
CA LEU C 331 -5.08 39.52 -14.42
C LEU C 331 -4.37 39.32 -13.09
N GLU C 332 -4.96 38.51 -12.21
CA GLU C 332 -4.38 38.28 -10.89
C GLU C 332 -2.92 37.89 -10.99
N ARG C 333 -2.63 36.84 -11.76
CA ARG C 333 -1.27 36.33 -11.86
C ARG C 333 -0.35 37.30 -12.60
N HIS C 334 -0.90 38.26 -13.35
CA HIS C 334 -0.04 39.29 -13.93
C HIS C 334 0.38 40.31 -12.89
N ILE C 335 -0.42 40.51 -11.84
CA ILE C 335 0.02 41.35 -10.74
C ILE C 335 1.19 40.70 -10.01
N CYS C 336 1.00 39.45 -9.58
CA CYS C 336 2.08 38.72 -8.92
C CYS C 336 3.33 38.70 -9.78
N GLY C 337 3.17 38.48 -11.09
CA GLY C 337 4.32 38.47 -11.98
C GLY C 337 5.18 39.70 -11.84
N ARG C 338 4.55 40.86 -11.62
CA ARG C 338 5.31 42.07 -11.42
C ARG C 338 5.88 42.15 -10.01
N LEU C 339 5.13 41.69 -9.01
CA LEU C 339 5.65 41.67 -7.65
C LEU C 339 6.86 40.75 -7.54
N PHE C 340 6.65 39.46 -7.82
CA PHE C 340 7.67 38.44 -7.60
C PHE C 340 8.41 38.00 -8.86
N GLY C 341 8.07 38.53 -10.02
CA GLY C 341 8.76 38.16 -11.24
C GLY C 341 7.96 37.20 -12.10
N GLU C 342 8.24 37.22 -13.41
CA GLU C 342 7.49 36.42 -14.36
C GLU C 342 7.60 34.93 -14.03
N LYS C 343 8.76 34.52 -13.55
CA LYS C 343 9.00 33.10 -13.27
C LYS C 343 8.05 32.62 -12.17
N PHE C 344 7.79 33.48 -11.18
CA PHE C 344 6.78 33.16 -10.17
C PHE C 344 5.39 33.12 -10.77
N ARG C 345 5.10 34.01 -11.71
CA ARG C 345 3.81 33.97 -12.41
C ARG C 345 3.59 32.61 -13.06
N HIS C 346 4.61 32.10 -13.75
CA HIS C 346 4.51 30.76 -14.34
C HIS C 346 4.30 29.69 -13.27
N PHE C 347 5.08 29.76 -12.19
CA PHE C 347 4.91 28.81 -11.09
C PHE C 347 3.46 28.77 -10.62
N ASN C 348 2.89 29.94 -10.31
CA ASN C 348 1.51 30.00 -9.84
C ASN C 348 0.55 29.47 -10.89
N ALA C 349 0.85 29.71 -12.17
CA ALA C 349 0.01 29.19 -13.25
C ALA C 349 -0.02 27.67 -13.24
N LEU C 350 1.16 27.05 -13.12
CA LEU C 350 1.21 25.59 -13.08
C LEU C 350 0.44 25.06 -11.87
N GLY C 351 0.57 25.72 -10.72
CA GLY C 351 -0.29 25.36 -9.61
C GLY C 351 -1.76 25.35 -9.99
N GLY C 352 -2.20 26.41 -10.69
CA GLY C 352 -3.58 26.46 -11.14
C GLY C 352 -3.95 25.28 -12.02
N TRP C 353 -3.12 25.01 -13.04
CA TRP C 353 -3.39 23.86 -13.90
C TRP C 353 -3.55 22.59 -13.08
N GLY C 354 -2.73 22.42 -12.04
CA GLY C 354 -2.94 21.31 -11.14
C GLY C 354 -4.33 21.33 -10.53
N GLU C 355 -4.77 22.51 -10.07
CA GLU C 355 -6.12 22.62 -9.52
C GLU C 355 -7.17 22.15 -10.53
N LEU C 356 -6.97 22.48 -11.81
CA LEU C 356 -7.91 22.01 -12.83
C LEU C 356 -7.87 20.49 -12.99
N GLN C 357 -6.66 19.91 -13.02
CA GLN C 357 -6.56 18.45 -13.09
C GLN C 357 -7.37 17.81 -11.97
N ASN C 358 -7.13 18.23 -10.73
CA ASN C 358 -7.86 17.66 -9.60
C ASN C 358 -9.34 17.98 -9.66
N SER C 359 -9.74 19.01 -10.39
CA SER C 359 -11.17 19.27 -10.57
C SER C 359 -11.79 18.35 -11.61
N VAL C 360 -11.01 17.94 -12.62
CA VAL C 360 -11.55 17.02 -13.63
C VAL C 360 -11.59 15.58 -13.12
N LYS C 361 -10.61 15.18 -12.32
CA LYS C 361 -10.62 13.81 -11.82
C LYS C 361 -11.85 13.54 -10.96
N THR C 362 -12.33 14.54 -10.23
CA THR C 362 -13.42 14.34 -9.30
C THR C 362 -14.78 14.28 -10.02
N PHE C 363 -15.02 15.17 -10.98
CA PHE C 363 -16.24 15.08 -11.77
C PHE C 363 -16.14 14.00 -12.85
N GLY C 364 -14.95 13.81 -13.40
CA GLY C 364 -14.75 12.97 -14.56
C GLY C 364 -14.63 13.80 -15.84
N GLU C 365 -13.82 13.30 -16.77
CA GLU C 365 -13.53 14.05 -17.98
C GLU C 365 -14.72 14.12 -18.93
N THR C 366 -15.78 13.36 -18.67
CA THR C 366 -16.99 13.39 -19.48
C THR C 366 -18.11 14.24 -18.87
N HIS C 367 -17.90 14.81 -17.68
CA HIS C 367 -19.00 15.41 -16.94
C HIS C 367 -19.41 16.76 -17.54
N PRO C 368 -20.70 17.10 -17.52
CA PRO C 368 -21.11 18.39 -18.09
C PRO C 368 -20.51 19.61 -17.41
N PHE C 369 -20.25 19.55 -16.10
CA PHE C 369 -19.71 20.72 -15.41
C PHE C 369 -18.26 20.99 -15.74
N THR C 370 -17.54 20.04 -16.36
CA THR C 370 -16.17 20.28 -16.76
C THR C 370 -16.07 21.12 -18.03
N LYS C 371 -17.19 21.44 -18.68
CA LYS C 371 -17.16 22.33 -19.82
C LYS C 371 -16.88 23.76 -19.38
N LEU C 372 -16.18 24.51 -20.24
CA LEU C 372 -15.92 25.91 -19.95
C LEU C 372 -17.21 26.71 -19.91
N VAL C 373 -18.11 26.48 -20.86
CA VAL C 373 -19.44 27.09 -20.88
C VAL C 373 -20.43 25.98 -20.55
N VAL C 374 -21.06 26.08 -19.38
CA VAL C 374 -21.91 25.01 -18.89
C VAL C 374 -23.36 25.30 -19.23
N ASP C 375 -24.26 24.36 -18.91
CA ASP C 375 -25.69 24.56 -19.03
C ASP C 375 -26.28 24.34 -17.64
N LEU C 376 -26.74 25.43 -17.02
CA LEU C 376 -27.25 25.42 -15.65
C LEU C 376 -28.77 25.32 -15.59
N THR C 377 -29.43 24.99 -16.70
CA THR C 377 -30.88 25.11 -16.83
C THR C 377 -31.59 24.66 -15.55
N ASP C 378 -31.56 23.37 -15.26
CA ASP C 378 -32.17 22.84 -14.05
C ASP C 378 -31.18 22.66 -12.90
N ILE C 379 -29.94 23.11 -13.07
CA ILE C 379 -28.88 22.87 -12.10
C ILE C 379 -28.83 24.02 -11.08
N ASP C 380 -28.61 23.66 -9.83
CA ASP C 380 -28.34 24.64 -8.78
C ASP C 380 -26.93 25.19 -8.96
N PRO C 381 -26.73 26.50 -9.12
CA PRO C 381 -25.36 27.01 -9.32
C PRO C 381 -24.42 26.69 -8.18
N ASP C 382 -24.92 26.44 -6.97
CA ASP C 382 -24.04 26.14 -5.85
C ASP C 382 -23.42 24.76 -5.98
N VAL C 383 -24.19 23.80 -6.51
CA VAL C 383 -23.71 22.42 -6.59
C VAL C 383 -22.81 22.19 -7.79
N ALA C 384 -22.87 23.06 -8.80
CA ALA C 384 -22.10 22.88 -10.03
C ALA C 384 -20.79 23.66 -10.04
N TYR C 385 -20.51 24.46 -9.01
CA TYR C 385 -19.38 25.37 -9.06
C TYR C 385 -18.11 24.70 -8.56
N SER C 386 -17.04 24.92 -9.30
CA SER C 386 -15.78 24.20 -9.14
C SER C 386 -14.66 25.09 -9.67
N SER C 387 -13.49 24.50 -9.87
CA SER C 387 -12.32 25.24 -10.34
C SER C 387 -12.30 25.44 -11.84
N VAL C 388 -13.25 24.86 -12.57
CA VAL C 388 -13.21 24.86 -14.04
C VAL C 388 -13.23 26.29 -14.57
N PRO C 389 -14.21 27.12 -14.25
CA PRO C 389 -14.25 28.47 -14.84
C PRO C 389 -13.02 29.29 -14.53
N TYR C 390 -12.33 29.02 -13.42
CA TYR C 390 -11.09 29.73 -13.09
C TYR C 390 -9.94 29.26 -13.97
N GLU C 391 -9.51 28.01 -13.77
CA GLU C 391 -8.25 27.54 -14.34
C GLU C 391 -8.39 27.09 -15.79
N LYS C 392 -9.56 26.60 -16.19
CA LYS C 392 -9.76 26.29 -17.61
C LYS C 392 -9.84 27.56 -18.44
N GLY C 393 -10.59 28.55 -17.95
CA GLY C 393 -10.61 29.85 -18.62
C GLY C 393 -9.24 30.50 -18.66
N PHE C 394 -8.52 30.47 -17.53
CA PHE C 394 -7.16 31.01 -17.54
C PHE C 394 -6.26 30.23 -18.47
N ALA C 395 -6.50 28.92 -18.62
CA ALA C 395 -5.69 28.13 -19.54
C ALA C 395 -5.97 28.54 -20.99
N LEU C 396 -7.23 28.79 -21.32
CA LEU C 396 -7.54 29.29 -22.66
C LEU C 396 -6.90 30.65 -22.90
N LEU C 397 -6.98 31.55 -21.92
CA LEU C 397 -6.43 32.89 -22.12
C LEU C 397 -4.91 32.88 -22.16
N PHE C 398 -4.27 31.96 -21.43
CA PHE C 398 -2.82 31.87 -21.43
C PHE C 398 -2.32 31.24 -22.73
N TYR C 399 -2.99 30.16 -23.16
CA TYR C 399 -2.72 29.59 -24.47
C TYR C 399 -2.86 30.63 -25.56
N LEU C 400 -3.96 31.39 -25.55
CA LEU C 400 -4.15 32.48 -26.50
C LEU C 400 -3.03 33.51 -26.38
N GLU C 401 -2.54 33.76 -25.16
CA GLU C 401 -1.42 34.69 -25.00
C GLU C 401 -0.20 34.21 -25.77
N GLN C 402 0.27 32.99 -25.45
CA GLN C 402 1.46 32.47 -26.12
C GLN C 402 1.25 32.36 -27.62
N LEU C 403 0.01 32.18 -28.05
CA LEU C 403 -0.29 32.00 -29.47
C LEU C 403 -0.30 33.33 -30.21
N LEU C 404 -0.76 34.40 -29.57
CA LEU C 404 -0.98 35.70 -30.21
C LEU C 404 0.19 36.65 -30.08
N GLY C 405 1.34 36.20 -29.57
CA GLY C 405 2.57 36.97 -29.63
C GLY C 405 3.13 37.47 -28.30
N GLY C 406 2.42 37.33 -27.19
CA GLY C 406 3.05 37.53 -25.90
C GLY C 406 2.16 38.06 -24.80
N PRO C 407 2.74 38.19 -23.60
CA PRO C 407 1.96 38.71 -22.47
C PRO C 407 1.59 40.18 -22.62
N GLU C 408 2.49 40.98 -23.20
CA GLU C 408 2.21 42.41 -23.34
C GLU C 408 1.07 42.65 -24.32
N ILE C 409 1.15 42.03 -25.50
CA ILE C 409 0.11 42.19 -26.51
C ILE C 409 -1.25 41.78 -25.93
N PHE C 410 -1.32 40.58 -25.37
CA PHE C 410 -2.58 40.11 -24.82
C PHE C 410 -3.04 40.94 -23.63
N LEU C 411 -2.12 41.61 -22.94
CA LEU C 411 -2.53 42.60 -21.95
C LEU C 411 -3.23 43.78 -22.62
N GLY C 412 -2.68 44.25 -23.75
CA GLY C 412 -3.41 45.22 -24.55
C GLY C 412 -4.81 44.76 -24.86
N PHE C 413 -4.96 43.51 -25.32
CA PHE C 413 -6.29 42.97 -25.57
C PHE C 413 -7.15 43.04 -24.31
N LEU C 414 -6.58 42.72 -23.15
CA LEU C 414 -7.37 42.75 -21.91
C LEU C 414 -7.87 44.15 -21.62
N LYS C 415 -7.00 45.16 -21.77
CA LYS C 415 -7.42 46.53 -21.49
C LYS C 415 -8.52 46.97 -22.46
N ALA C 416 -8.34 46.70 -23.76
CA ALA C 416 -9.38 47.05 -24.72
C ALA C 416 -10.69 46.33 -24.43
N TYR C 417 -10.61 45.10 -23.92
CA TYR C 417 -11.81 44.33 -23.58
C TYR C 417 -12.54 44.96 -22.40
N VAL C 418 -11.79 45.31 -21.34
CA VAL C 418 -12.38 45.99 -20.19
C VAL C 418 -13.06 47.29 -20.63
N GLU C 419 -12.30 48.17 -21.30
CA GLU C 419 -12.87 49.45 -21.69
C GLU C 419 -14.05 49.28 -22.65
N LYS C 420 -14.03 48.23 -23.47
CA LYS C 420 -15.13 47.99 -24.39
C LYS C 420 -16.41 47.66 -23.62
N PHE C 421 -16.35 46.63 -22.78
CA PHE C 421 -17.56 46.08 -22.16
C PHE C 421 -17.83 46.63 -20.76
N SER C 422 -17.08 47.64 -20.33
CA SER C 422 -17.23 48.17 -18.97
C SER C 422 -18.69 48.49 -18.66
N TYR C 423 -19.09 48.18 -17.43
CA TYR C 423 -20.43 48.43 -16.90
C TYR C 423 -21.51 47.66 -17.61
N LYS C 424 -21.18 46.56 -18.28
CA LYS C 424 -22.15 45.81 -19.07
C LYS C 424 -22.01 44.33 -18.81
N SER C 425 -23.04 43.59 -19.21
CA SER C 425 -23.08 42.14 -19.09
C SER C 425 -23.00 41.53 -20.48
N ILE C 426 -22.14 40.51 -20.64
CA ILE C 426 -21.80 39.98 -21.95
C ILE C 426 -21.89 38.46 -21.92
N THR C 427 -21.83 37.88 -23.12
CA THR C 427 -21.79 36.44 -23.30
C THR C 427 -20.45 36.04 -23.90
N THR C 428 -20.26 34.73 -24.10
CA THR C 428 -19.01 34.25 -24.67
C THR C 428 -18.91 34.59 -26.16
N ASP C 429 -20.03 34.60 -26.87
CA ASP C 429 -20.00 35.04 -28.27
C ASP C 429 -19.54 36.49 -28.38
N ASP C 430 -19.90 37.33 -27.41
CA ASP C 430 -19.39 38.70 -27.40
C ASP C 430 -17.88 38.71 -27.25
N TRP C 431 -17.35 37.93 -26.29
CA TRP C 431 -15.92 37.87 -26.08
C TRP C 431 -15.19 37.37 -27.32
N LYS C 432 -15.73 36.33 -27.96
CA LYS C 432 -15.06 35.75 -29.12
C LYS C 432 -15.13 36.70 -30.32
N ASP C 433 -16.29 37.31 -30.56
CA ASP C 433 -16.41 38.29 -31.64
C ASP C 433 -15.43 39.43 -31.45
N PHE C 434 -15.35 39.97 -30.22
CA PHE C 434 -14.42 41.07 -29.97
C PHE C 434 -12.97 40.61 -30.08
N LEU C 435 -12.68 39.36 -29.70
CA LEU C 435 -11.33 38.83 -29.85
C LEU C 435 -10.94 38.77 -31.33
N TYR C 436 -11.86 38.31 -32.19
CA TYR C 436 -11.58 38.26 -33.62
C TYR C 436 -11.47 39.66 -34.21
N SER C 437 -12.22 40.63 -33.68
CA SER C 437 -12.09 42.00 -34.15
C SER C 437 -10.73 42.58 -33.79
N TYR C 438 -10.34 42.45 -32.52
CA TYR C 438 -9.09 43.05 -32.04
C TYR C 438 -7.88 42.45 -32.76
N PHE C 439 -7.82 41.12 -32.82
CA PHE C 439 -6.69 40.40 -33.39
C PHE C 439 -6.87 40.10 -34.88
N LYS C 440 -7.86 40.72 -35.53
CA LYS C 440 -8.17 40.43 -36.93
C LYS C 440 -6.90 40.31 -37.77
N ASP C 441 -5.91 41.16 -37.50
CA ASP C 441 -4.63 41.06 -38.19
C ASP C 441 -4.09 39.64 -38.15
N LYS C 442 -4.27 38.97 -37.01
CA LYS C 442 -3.78 37.62 -36.79
C LYS C 442 -4.85 36.55 -37.00
N VAL C 443 -5.99 36.88 -37.58
CA VAL C 443 -7.12 35.96 -37.66
C VAL C 443 -6.68 34.55 -38.06
N ASP C 444 -5.69 34.46 -38.95
CA ASP C 444 -5.30 33.15 -39.49
C ASP C 444 -4.86 32.18 -38.38
N VAL C 445 -4.18 32.68 -37.36
CA VAL C 445 -3.80 31.80 -36.25
C VAL C 445 -5.01 31.47 -35.39
N LEU C 446 -5.94 32.42 -35.23
CA LEU C 446 -7.11 32.18 -34.41
C LEU C 446 -7.98 31.06 -34.98
N ASN C 447 -7.97 30.89 -36.30
CA ASN C 447 -8.71 29.82 -36.93
C ASN C 447 -8.10 28.45 -36.67
N GLN C 448 -6.86 28.40 -36.16
CA GLN C 448 -6.25 27.15 -35.78
C GLN C 448 -6.73 26.66 -34.42
N VAL C 449 -7.26 27.56 -33.59
CA VAL C 449 -7.83 27.15 -32.30
C VAL C 449 -8.99 26.21 -32.55
N ASP C 450 -9.11 25.19 -31.70
CA ASP C 450 -10.29 24.33 -31.71
C ASP C 450 -11.25 24.96 -30.71
N TRP C 451 -12.26 25.65 -31.23
CA TRP C 451 -13.13 26.43 -30.37
C TRP C 451 -14.19 25.57 -29.72
N ASN C 452 -14.72 24.59 -30.46
CA ASN C 452 -15.72 23.71 -29.90
C ASN C 452 -15.14 22.94 -28.72
N ALA C 453 -13.87 22.55 -28.81
CA ALA C 453 -13.23 21.80 -27.74
C ALA C 453 -13.03 22.68 -26.51
N TRP C 454 -12.36 23.82 -26.67
CA TRP C 454 -12.15 24.70 -25.54
C TRP C 454 -13.46 25.08 -24.88
N LEU C 455 -14.41 25.61 -25.65
CA LEU C 455 -15.63 26.15 -25.07
C LEU C 455 -16.55 25.04 -24.55
N TYR C 456 -16.98 24.13 -25.42
CA TYR C 456 -18.08 23.23 -25.10
C TYR C 456 -17.67 21.79 -24.78
N SER C 457 -16.35 21.42 -24.87
CA SER C 457 -16.03 20.02 -24.62
C SER C 457 -15.66 19.80 -23.15
N PRO C 458 -16.08 18.67 -22.54
CA PRO C 458 -15.66 18.38 -21.16
C PRO C 458 -14.20 17.95 -21.04
N GLY C 459 -13.75 17.68 -19.81
CA GLY C 459 -12.42 17.16 -19.60
C GLY C 459 -11.34 18.23 -19.66
N LEU C 460 -10.09 17.75 -19.73
CA LEU C 460 -8.97 18.66 -19.89
C LEU C 460 -9.03 19.32 -21.26
N PRO C 461 -8.49 20.53 -21.39
CA PRO C 461 -8.49 21.21 -22.69
C PRO C 461 -7.60 20.50 -23.68
N PRO C 462 -7.77 20.74 -24.99
CA PRO C 462 -7.04 19.94 -25.99
C PRO C 462 -5.54 20.19 -26.02
N ILE C 463 -5.05 21.31 -25.47
CA ILE C 463 -3.64 21.62 -25.51
C ILE C 463 -3.22 22.26 -24.19
N LYS C 464 -1.96 22.02 -23.80
CA LYS C 464 -1.37 22.57 -22.57
C LYS C 464 -0.44 23.71 -22.90
N PRO C 465 -0.58 24.88 -22.29
CA PRO C 465 0.42 25.93 -22.48
C PRO C 465 1.76 25.54 -21.88
N ASN C 466 2.80 26.26 -22.31
CA ASN C 466 4.15 26.05 -21.79
C ASN C 466 4.32 26.76 -20.46
N TYR C 467 5.13 26.17 -19.57
CA TYR C 467 5.37 26.71 -18.25
C TYR C 467 6.86 26.70 -17.95
N ASP C 468 7.30 27.72 -17.20
CA ASP C 468 8.68 27.78 -16.72
C ASP C 468 8.76 27.00 -15.41
N MET C 469 9.61 25.97 -15.40
CA MET C 469 9.70 25.04 -14.29
C MET C 469 10.79 25.37 -13.29
N THR C 470 11.51 26.48 -13.47
CA THR C 470 12.67 26.77 -12.63
C THR C 470 12.28 26.79 -11.15
N LEU C 471 11.19 27.48 -10.80
CA LEU C 471 10.80 27.57 -9.41
C LEU C 471 10.18 26.27 -8.90
N THR C 472 9.55 25.51 -9.78
CA THR C 472 8.91 24.26 -9.35
C THR C 472 9.93 23.15 -9.16
N ASN C 473 10.86 23.00 -10.10
CA ASN C 473 11.88 21.97 -9.99
C ASN C 473 12.67 22.10 -8.70
N ALA C 474 12.82 23.31 -8.18
CA ALA C 474 13.50 23.50 -6.90
C ALA C 474 12.78 22.75 -5.79
N CYS C 475 11.46 22.88 -5.73
CA CYS C 475 10.69 22.14 -4.74
C CYS C 475 10.78 20.65 -4.98
N ILE C 476 10.62 20.22 -6.24
CA ILE C 476 10.63 18.79 -6.53
C ILE C 476 11.94 18.15 -6.08
N ALA C 477 13.07 18.81 -6.34
CA ALA C 477 14.36 18.25 -5.99
C ALA C 477 14.44 17.95 -4.50
N LEU C 478 14.05 18.92 -3.66
CA LEU C 478 14.14 18.71 -2.22
C LEU C 478 13.17 17.62 -1.77
N SER C 479 11.94 17.65 -2.29
CA SER C 479 10.98 16.61 -1.93
C SER C 479 11.57 15.22 -2.19
N GLN C 480 12.09 15.00 -3.41
CA GLN C 480 12.64 13.69 -3.73
C GLN C 480 13.84 13.36 -2.87
N ARG C 481 14.65 14.38 -2.52
CA ARG C 481 15.77 14.14 -1.62
C ARG C 481 15.29 13.58 -0.28
N TRP C 482 14.22 14.16 0.27
CA TRP C 482 13.73 13.68 1.55
C TRP C 482 13.04 12.32 1.42
N ILE C 483 12.49 12.02 0.24
CA ILE C 483 11.79 10.75 0.08
C ILE C 483 12.77 9.60 -0.16
N THR C 484 13.88 9.85 -0.84
CA THR C 484 14.86 8.81 -1.14
C THR C 484 15.97 8.71 -0.09
N ALA C 485 15.89 9.48 0.99
CA ALA C 485 16.97 9.53 1.97
C ALA C 485 16.87 8.34 2.92
N LYS C 486 17.98 7.62 3.08
CA LYS C 486 18.08 6.59 4.10
C LYS C 486 18.58 7.23 5.39
N GLU C 487 18.68 6.42 6.45
CA GLU C 487 19.01 6.96 7.77
C GLU C 487 20.43 7.52 7.82
N ASP C 488 21.28 7.15 6.88
CA ASP C 488 22.67 7.62 6.89
C ASP C 488 22.76 9.06 6.43
N ASP C 489 22.40 9.33 5.17
CA ASP C 489 22.41 10.68 4.62
C ASP C 489 21.40 11.60 5.29
N LEU C 490 20.53 11.07 6.15
CA LEU C 490 19.55 11.91 6.84
C LEU C 490 20.20 13.06 7.61
N ASN C 491 21.43 12.86 8.08
CA ASN C 491 22.15 13.92 8.76
C ASN C 491 22.71 14.96 7.80
N SER C 492 22.73 14.68 6.49
CA SER C 492 23.26 15.64 5.54
C SER C 492 22.31 16.81 5.31
N PHE C 493 21.01 16.59 5.51
CA PHE C 493 20.05 17.67 5.36
C PHE C 493 20.41 18.82 6.30
N ASN C 494 20.52 20.01 5.73
CA ASN C 494 20.99 21.19 6.46
C ASN C 494 19.97 22.32 6.30
N ALA C 495 20.07 23.30 7.21
CA ALA C 495 19.16 24.44 7.15
C ALA C 495 19.26 25.19 5.83
N THR C 496 20.47 25.29 5.28
CA THR C 496 20.68 26.04 4.05
C THR C 496 19.80 25.55 2.91
N ASP C 497 19.27 24.33 3.02
CA ASP C 497 18.37 23.83 1.98
C ASP C 497 17.22 24.79 1.72
N LEU C 498 16.79 25.54 2.72
CA LEU C 498 15.68 26.48 2.58
C LEU C 498 16.14 27.90 2.25
N LYS C 499 17.44 28.10 2.01
CA LYS C 499 17.96 29.44 1.79
C LYS C 499 17.26 30.13 0.62
N ASP C 500 17.20 29.47 -0.53
CA ASP C 500 16.71 30.09 -1.76
C ASP C 500 15.22 29.91 -2.00
N LEU C 501 14.51 29.28 -1.07
CA LEU C 501 13.10 28.93 -1.28
C LEU C 501 12.19 29.98 -0.65
N SER C 502 11.26 30.49 -1.46
CA SER C 502 10.22 31.38 -0.95
C SER C 502 9.19 30.58 -0.16
N SER C 503 8.41 31.29 0.66
CA SER C 503 7.37 30.64 1.44
C SER C 503 6.49 29.73 0.58
N HIS C 504 6.06 30.25 -0.57
CA HIS C 504 5.23 29.45 -1.48
C HIS C 504 5.96 28.19 -1.91
N GLN C 505 7.24 28.32 -2.26
CA GLN C 505 8.04 27.14 -2.59
C GLN C 505 8.03 26.14 -1.45
N LEU C 506 8.08 26.61 -0.20
CA LEU C 506 7.99 25.70 0.94
C LEU C 506 6.64 24.99 0.96
N ASN C 507 5.57 25.73 0.69
CA ASN C 507 4.25 25.11 0.58
C ASN C 507 4.27 23.96 -0.42
N GLU C 508 4.84 24.19 -1.60
CA GLU C 508 4.88 23.14 -2.62
C GLU C 508 5.76 21.98 -2.20
N PHE C 509 6.85 22.28 -1.50
CA PHE C 509 7.72 21.22 -0.99
C PHE C 509 6.97 20.31 -0.03
N LEU C 510 6.18 20.89 0.89
CA LEU C 510 5.45 20.07 1.83
C LEU C 510 4.27 19.35 1.20
N ALA C 511 3.68 19.93 0.14
CA ALA C 511 2.63 19.22 -0.59
C ALA C 511 3.20 18.01 -1.34
N GLN C 512 4.23 18.23 -2.15
CA GLN C 512 4.92 17.14 -2.82
C GLN C 512 5.33 16.06 -1.83
N THR C 513 5.88 16.46 -0.68
CA THR C 513 6.26 15.47 0.32
C THR C 513 5.05 14.78 0.92
N LEU C 514 3.91 15.48 0.99
CA LEU C 514 2.71 14.89 1.58
C LEU C 514 2.12 13.83 0.66
N GLN C 515 2.37 13.92 -0.65
CA GLN C 515 1.92 12.86 -1.54
C GLN C 515 2.45 11.50 -1.08
N ARG C 516 3.66 11.46 -0.54
CA ARG C 516 4.32 10.19 -0.26
C ARG C 516 3.81 9.50 0.98
N ALA C 517 2.88 10.07 1.76
CA ALA C 517 2.27 9.26 2.79
C ALA C 517 3.34 9.05 3.85
N PRO C 518 3.05 8.44 5.00
CA PRO C 518 3.98 8.61 6.14
C PRO C 518 5.38 8.20 5.75
N LEU C 519 6.33 9.11 5.91
CA LEU C 519 7.73 8.74 5.80
C LEU C 519 8.27 8.41 7.18
N PRO C 520 9.39 7.70 7.25
CA PRO C 520 9.84 7.16 8.54
C PRO C 520 9.81 8.19 9.65
N LEU C 521 9.39 7.73 10.84
CA LEU C 521 9.18 8.63 11.97
C LEU C 521 10.43 9.41 12.35
N GLY C 522 11.60 8.96 11.94
CA GLY C 522 12.83 9.67 12.22
C GLY C 522 13.06 10.82 11.28
N HIS C 523 12.69 10.64 10.00
CA HIS C 523 12.83 11.71 9.02
C HIS C 523 12.04 12.94 9.45
N ILE C 524 10.88 12.74 10.06
CA ILE C 524 10.08 13.88 10.52
C ILE C 524 10.80 14.61 11.64
N LYS C 525 11.29 13.87 12.63
CA LYS C 525 12.02 14.50 13.73
C LYS C 525 13.21 15.30 13.21
N ARG C 526 13.97 14.73 12.27
CA ARG C 526 15.08 15.48 11.67
C ARG C 526 14.58 16.73 10.97
N MET C 527 13.49 16.60 10.20
CA MET C 527 12.96 17.74 9.46
C MET C 527 12.61 18.88 10.41
N GLN C 528 11.98 18.57 11.55
CA GLN C 528 11.66 19.60 12.53
C GLN C 528 12.93 20.16 13.16
N GLU C 529 13.92 19.31 13.41
CA GLU C 529 15.16 19.79 14.03
C GLU C 529 15.91 20.76 13.13
N VAL C 530 15.78 20.60 11.81
CA VAL C 530 16.55 21.42 10.88
C VAL C 530 15.72 22.62 10.42
N TYR C 531 14.58 22.36 9.77
CA TYR C 531 13.78 23.43 9.17
C TYR C 531 12.90 24.16 10.17
N ASN C 532 12.60 23.55 11.31
CA ASN C 532 11.77 24.17 12.36
C ASN C 532 10.44 24.64 11.79
N PHE C 533 9.77 23.75 11.05
CA PHE C 533 8.45 24.08 10.51
C PHE C 533 7.42 24.30 11.61
N ASN C 534 7.69 23.85 12.84
CA ASN C 534 6.76 24.09 13.94
C ASN C 534 6.66 25.57 14.29
N ALA C 535 7.63 26.38 13.88
CA ALA C 535 7.61 27.81 14.14
C ALA C 535 6.86 28.62 13.09
N ILE C 536 6.56 28.03 11.95
CA ILE C 536 5.91 28.75 10.86
C ILE C 536 4.45 28.97 11.20
N ASN C 537 4.02 30.23 11.21
CA ASN C 537 2.63 30.56 11.46
C ASN C 537 1.82 30.71 10.17
N ASN C 538 2.46 30.59 9.01
CA ASN C 538 1.75 30.54 7.75
C ASN C 538 0.76 29.38 7.76
N SER C 539 -0.50 29.66 7.41
CA SER C 539 -1.55 28.66 7.53
C SER C 539 -1.38 27.54 6.52
N GLU C 540 -0.95 27.86 5.29
CA GLU C 540 -0.70 26.82 4.29
C GLU C 540 0.41 25.89 4.75
N ILE C 541 1.59 26.45 5.02
CA ILE C 541 2.73 25.66 5.45
C ILE C 541 2.38 24.87 6.71
N ARG C 542 1.81 25.54 7.70
CA ARG C 542 1.50 24.86 8.95
C ARG C 542 0.51 23.73 8.74
N PHE C 543 -0.44 23.89 7.81
CA PHE C 543 -1.39 22.83 7.51
C PHE C 543 -0.68 21.62 6.90
N ARG C 544 0.03 21.84 5.79
CA ARG C 544 0.73 20.71 5.15
C ARG C 544 1.65 20.02 6.14
N TRP C 545 2.35 20.81 6.96
CA TRP C 545 3.35 20.26 7.86
C TRP C 545 2.72 19.46 8.98
N LEU C 546 1.68 20.00 9.60
CA LEU C 546 1.02 19.27 10.69
C LEU C 546 0.37 17.99 10.18
N ARG C 547 -0.29 18.06 9.02
CA ARG C 547 -0.89 16.84 8.50
C ARG C 547 0.17 15.82 8.10
N LEU C 548 1.33 16.29 7.63
CA LEU C 548 2.45 15.39 7.37
C LEU C 548 2.92 14.72 8.67
N CYS C 549 2.99 15.48 9.76
CA CYS C 549 3.41 14.91 11.04
C CYS C 549 2.42 13.86 11.52
N ILE C 550 1.13 14.19 11.54
CA ILE C 550 0.12 13.26 12.01
C ILE C 550 0.11 12.00 11.15
N GLN C 551 0.09 12.17 9.83
CA GLN C 551 0.07 11.01 8.95
C GLN C 551 1.30 10.13 9.17
N SER C 552 2.43 10.73 9.53
CA SER C 552 3.67 10.00 9.79
C SER C 552 3.71 9.42 11.20
N LYS C 553 2.62 9.53 11.95
CA LYS C 553 2.48 8.89 13.26
C LYS C 553 3.41 9.49 14.30
N TRP C 554 3.63 10.81 14.23
CA TRP C 554 4.40 11.51 15.26
C TRP C 554 3.42 12.01 16.33
N GLU C 555 3.60 11.54 17.56
CA GLU C 555 2.67 11.87 18.62
C GLU C 555 2.82 13.32 19.07
N ASP C 556 4.05 13.83 19.08
CA ASP C 556 4.30 15.18 19.59
C ASP C 556 3.45 16.23 18.88
N ALA C 557 2.92 15.93 17.69
CA ALA C 557 2.17 16.93 16.93
C ALA C 557 0.69 16.98 17.28
N ILE C 558 0.16 15.99 17.99
CA ILE C 558 -1.28 15.97 18.24
C ILE C 558 -1.71 17.20 19.03
N PRO C 559 -0.91 17.77 19.94
CA PRO C 559 -1.35 19.04 20.53
C PRO C 559 -1.42 20.17 19.52
N LEU C 560 -0.45 20.27 18.61
CA LEU C 560 -0.48 21.31 17.60
C LEU C 560 -1.62 21.10 16.61
N ALA C 561 -1.76 19.88 16.12
CA ALA C 561 -2.82 19.58 15.15
C ALA C 561 -4.20 19.83 15.76
N LEU C 562 -4.41 19.40 17.01
CA LEU C 562 -5.66 19.70 17.68
C LEU C 562 -5.87 21.19 17.88
N LYS C 563 -4.79 21.97 17.92
CA LYS C 563 -4.92 23.41 18.14
C LYS C 563 -5.38 24.12 16.87
N MET C 564 -4.55 24.08 15.83
CA MET C 564 -4.91 24.75 14.57
C MET C 564 -6.30 24.36 14.12
N ALA C 565 -6.63 23.06 14.19
CA ALA C 565 -7.94 22.60 13.74
C ALA C 565 -9.05 23.43 14.33
N THR C 566 -8.96 23.78 15.61
CA THR C 566 -9.99 24.56 16.28
C THR C 566 -9.72 26.06 16.28
N GLU C 567 -8.51 26.50 15.92
CA GLU C 567 -8.23 27.93 15.91
C GLU C 567 -8.76 28.59 14.65
N GLN C 568 -8.72 27.89 13.53
CA GLN C 568 -9.17 28.42 12.24
C GLN C 568 -10.34 27.58 11.78
N GLY C 569 -11.50 28.22 11.66
CA GLY C 569 -12.69 27.56 11.16
C GLY C 569 -12.70 27.30 9.67
N ALA C 570 -11.65 27.70 8.96
CA ALA C 570 -11.60 27.48 7.51
C ALA C 570 -11.78 26.00 7.22
N MET C 571 -12.78 25.68 6.39
CA MET C 571 -13.05 24.28 6.08
C MET C 571 -11.92 23.65 5.29
N LYS C 572 -11.12 24.45 4.61
CA LYS C 572 -9.92 23.96 3.94
C LYS C 572 -9.02 23.22 4.93
N PHE C 573 -8.64 23.89 6.02
CA PHE C 573 -7.73 23.30 6.99
C PHE C 573 -8.45 22.42 8.01
N THR C 574 -9.64 22.82 8.46
CA THR C 574 -10.24 22.19 9.63
C THR C 574 -10.61 20.72 9.35
N ARG C 575 -11.41 20.48 8.32
CA ARG C 575 -11.94 19.13 8.10
C ARG C 575 -10.83 18.11 7.85
N PRO C 576 -9.86 18.36 6.98
CA PRO C 576 -8.76 17.38 6.83
C PRO C 576 -8.01 17.12 8.13
N LEU C 577 -7.89 18.12 9.00
CA LEU C 577 -7.17 17.92 10.25
C LEU C 577 -7.94 16.98 11.18
N PHE C 578 -9.23 17.22 11.36
CA PHE C 578 -10.02 16.29 12.16
C PHE C 578 -10.10 14.91 11.52
N LYS C 579 -9.98 14.84 10.19
CA LYS C 579 -9.97 13.54 9.52
C LYS C 579 -8.71 12.77 9.84
N ASP C 580 -7.54 13.37 9.62
CA ASP C 580 -6.28 12.69 9.92
C ASP C 580 -6.15 12.42 11.41
N LEU C 581 -6.65 13.31 12.26
CA LEU C 581 -6.63 13.06 13.70
C LEU C 581 -7.58 11.94 14.09
N ALA C 582 -8.64 11.73 13.30
CA ALA C 582 -9.52 10.60 13.55
C ALA C 582 -8.86 9.29 13.12
N ALA C 583 -8.13 9.30 12.00
CA ALA C 583 -7.49 8.08 11.50
C ALA C 583 -6.33 7.65 12.38
N PHE C 584 -5.74 8.56 13.15
CA PHE C 584 -4.61 8.23 14.00
C PHE C 584 -5.11 7.59 15.29
N ASP C 585 -4.67 6.36 15.57
CA ASP C 585 -5.17 5.62 16.71
C ASP C 585 -4.89 6.34 18.03
N LYS C 586 -3.85 7.16 18.08
CA LYS C 586 -3.46 7.82 19.32
C LYS C 586 -4.39 8.97 19.67
N SER C 587 -4.67 9.85 18.70
CA SER C 587 -5.37 11.10 18.95
C SER C 587 -6.87 11.02 18.68
N HIS C 588 -7.39 9.87 18.24
CA HIS C 588 -8.81 9.77 17.91
C HIS C 588 -9.68 10.29 19.06
N ASP C 589 -9.38 9.87 20.27
CA ASP C 589 -10.21 10.25 21.42
C ASP C 589 -10.11 11.75 21.68
N GLN C 590 -8.89 12.29 21.76
CA GLN C 590 -8.72 13.72 21.94
C GLN C 590 -9.40 14.50 20.83
N ALA C 591 -9.48 13.93 19.63
CA ALA C 591 -10.17 14.61 18.54
C ALA C 591 -11.66 14.71 18.83
N VAL C 592 -12.31 13.56 19.08
CA VAL C 592 -13.75 13.59 19.30
C VAL C 592 -14.10 14.36 20.56
N ARG C 593 -13.15 14.53 21.47
CA ARG C 593 -13.37 15.35 22.65
C ARG C 593 -13.29 16.84 22.30
N THR C 594 -12.23 17.22 21.59
CA THR C 594 -12.03 18.62 21.25
C THR C 594 -13.17 19.16 20.41
N TYR C 595 -13.60 18.39 19.39
CA TYR C 595 -14.74 18.81 18.59
C TYR C 595 -15.94 19.13 19.49
N GLN C 596 -16.25 18.22 20.41
CA GLN C 596 -17.38 18.43 21.30
C GLN C 596 -17.20 19.69 22.13
N GLU C 597 -15.97 20.00 22.54
CA GLU C 597 -15.77 21.18 23.39
C GLU C 597 -15.92 22.46 22.59
N HIS C 598 -15.43 22.50 21.35
CA HIS C 598 -15.42 23.71 20.54
C HIS C 598 -16.60 23.82 19.59
N LYS C 599 -17.58 22.91 19.67
CA LYS C 599 -18.75 22.95 18.80
C LYS C 599 -19.32 24.35 18.64
N ALA C 600 -19.86 24.92 19.72
CA ALA C 600 -20.59 26.18 19.64
C ALA C 600 -19.71 27.35 19.20
N SER C 601 -18.40 27.19 19.15
CA SER C 601 -17.51 28.28 18.80
C SER C 601 -17.22 28.37 17.31
N MET C 602 -17.64 27.39 16.51
CA MET C 602 -17.33 27.36 15.09
C MET C 602 -18.61 27.51 14.26
N HIS C 603 -18.41 27.58 12.95
CA HIS C 603 -19.52 27.84 12.05
C HIS C 603 -20.51 26.68 12.07
N PRO C 604 -21.82 26.95 12.01
CA PRO C 604 -22.80 25.85 12.08
C PRO C 604 -22.59 24.78 11.02
N VAL C 605 -22.27 25.18 9.79
CA VAL C 605 -22.04 24.20 8.74
C VAL C 605 -20.71 23.47 8.97
N THR C 606 -19.70 24.18 9.44
CA THR C 606 -18.44 23.52 9.78
C THR C 606 -18.65 22.51 10.91
N ALA C 607 -19.46 22.87 11.90
CA ALA C 607 -19.74 21.94 12.99
C ALA C 607 -20.51 20.73 12.50
N MET C 608 -21.60 20.95 11.76
CA MET C 608 -22.42 19.85 11.29
C MET C 608 -21.61 18.93 10.38
N LEU C 609 -20.75 19.51 9.53
CA LEU C 609 -20.02 18.71 8.55
C LEU C 609 -18.82 18.00 9.18
N VAL C 610 -18.20 18.60 10.20
CA VAL C 610 -17.13 17.91 10.92
C VAL C 610 -17.71 16.81 11.79
N GLY C 611 -18.93 16.99 12.29
CA GLY C 611 -19.58 15.91 13.00
C GLY C 611 -20.07 14.81 12.08
N LYS C 612 -20.43 15.17 10.85
CA LYS C 612 -20.80 14.17 9.85
C LYS C 612 -19.57 13.37 9.43
N ASP C 613 -18.46 14.05 9.15
CA ASP C 613 -17.22 13.38 8.82
C ASP C 613 -16.69 12.59 10.01
N LEU C 614 -16.97 13.06 11.23
CA LEU C 614 -16.56 12.40 12.45
C LEU C 614 -17.57 11.37 12.93
N LYS C 615 -18.76 11.35 12.34
CA LYS C 615 -19.79 10.35 12.66
C LYS C 615 -20.07 10.32 14.17
N VAL C 616 -20.67 11.40 14.64
CA VAL C 616 -21.07 11.53 16.04
C VAL C 616 -22.59 11.59 16.16
ZN ZN D . -0.65 -23.12 -28.84
ZN ZN E . 16.49 -13.89 30.50
ZN ZN F . -13.03 35.45 -8.03
#